data_6TCP
#
_entry.id   6TCP
#
_cell.length_a   80.112
_cell.length_b   162.043
_cell.length_c   164.426
_cell.angle_alpha   90.000
_cell.angle_beta   90.000
_cell.angle_gamma   90.000
#
_symmetry.space_group_name_H-M   'P 21 21 21'
#
loop_
_entity.id
_entity.type
_entity.pdbx_description
1 polymer 'Omalizumab Fab Leu158Pro light chain mutant'
2 polymer 'Omalizumab Fab Leu158Pro light chain mutant'
3 non-polymer 'SULFATE ION'
4 non-polymer GLYCEROL
5 non-polymer DI(HYDROXYETHYL)ETHER
6 water water
#
loop_
_entity_poly.entity_id
_entity_poly.type
_entity_poly.pdbx_seq_one_letter_code
_entity_poly.pdbx_strand_id
1 'polypeptide(L)'
;DIQLTQSPSSLSASVGDRVTITCRASQSVDYDGDSYMNWYQQKPGKAPKLLIYAASYLESGVPSRFSGSGSGTDFTLTIS
SLQPEDFATYYCQQSHEDPYTFGQGTKVEIKRTVAAPSVFIFPPSDEQLKSGTASVVCLLNNFYPREAKVQWKVDNAPQS
GNSQESVTEQDSKDSTYSLSSTLTLSKADYEKHKVYACEVTHQGLSSPVTKSFNRGEC
;
L,A,C,E
2 'polypeptide(L)'
;EVQLVESGGGLVQPGGSLRLSCAVSGYSITSGYSWNWIRQAPGKGLEWVASITYDGSTNYNPSVKGRITISRDDSKNTFY
LQMNSLRAEDTAVYYCARGSHYFGHWHFAVWGQGTLVTVSSASTKGPSVFPLAPSSKSTSGGTAALGCLVKDYFPEPVTV
SWNSGALTSGVHTFPAVLQSSGLYSLSSVVTVPSSSLGTQTYICNVNHKPSNTKVDKKVEPKSCHHHHHH
;
H,B,D,F
#
loop_
_chem_comp.id
_chem_comp.type
_chem_comp.name
_chem_comp.formula
GOL non-polymer GLYCEROL 'C3 H8 O3'
PEG non-polymer DI(HYDROXYETHYL)ETHER 'C4 H10 O3'
SO4 non-polymer 'SULFATE ION' 'O4 S -2'
#
# COMPACT_ATOMS: atom_id res chain seq x y z
N ASP A 1 19.06 29.25 -0.61
CA ASP A 1 17.81 29.42 -1.31
C ASP A 1 16.67 29.75 -0.35
N ILE A 2 15.82 30.69 -0.73
CA ILE A 2 14.74 31.15 0.13
C ILE A 2 13.58 30.18 0.02
N GLN A 3 13.02 29.78 1.17
CA GLN A 3 11.86 28.91 1.24
C GLN A 3 10.73 29.62 1.97
N LEU A 4 9.51 29.43 1.48
CA LEU A 4 8.34 30.10 2.02
C LEU A 4 7.41 29.08 2.67
N THR A 5 6.83 29.46 3.81
CA THR A 5 5.88 28.61 4.53
C THR A 5 4.61 29.42 4.76
N GLN A 6 3.55 29.07 4.03
CA GLN A 6 2.27 29.74 4.18
C GLN A 6 1.46 29.09 5.29
N SER A 7 0.66 29.92 5.97
CA SER A 7 -0.16 29.45 7.07
C SER A 7 -1.40 30.32 7.19
N PRO A 8 -2.58 29.69 7.38
CA PRO A 8 -2.74 28.24 7.47
C PRO A 8 -2.84 27.58 6.09
N SER A 9 -3.01 26.26 6.07
CA SER A 9 -3.18 25.57 4.80
CA SER A 9 -3.18 25.57 4.80
C SER A 9 -4.56 25.87 4.19
N SER A 10 -5.57 26.01 5.04
CA SER A 10 -6.92 26.33 4.59
C SER A 10 -7.68 26.93 5.76
N LEU A 11 -8.70 27.72 5.44
CA LEU A 11 -9.56 28.28 6.47
C LEU A 11 -10.96 28.45 5.91
N SER A 12 -11.93 28.54 6.82
CA SER A 12 -13.32 28.77 6.49
C SER A 12 -13.83 29.93 7.34
N ALA A 13 -14.35 30.97 6.70
CA ALA A 13 -14.81 32.16 7.41
C ALA A 13 -16.15 32.62 6.84
N SER A 14 -16.96 33.20 7.70
CA SER A 14 -18.24 33.74 7.27
C SER A 14 -18.03 34.97 6.40
N VAL A 15 -19.00 35.22 5.52
CA VAL A 15 -18.90 36.35 4.61
C VAL A 15 -18.94 37.65 5.41
N GLY A 16 -18.12 38.61 4.99
CA GLY A 16 -18.01 39.87 5.70
C GLY A 16 -17.01 39.89 6.83
N ASP A 17 -16.52 38.73 7.27
CA ASP A 17 -15.58 38.67 8.37
C ASP A 17 -14.16 38.94 7.87
N ARG A 18 -13.25 39.15 8.82
CA ARG A 18 -11.85 39.44 8.52
C ARG A 18 -11.06 38.13 8.39
N VAL A 19 -10.23 38.07 7.36
CA VAL A 19 -9.39 36.91 7.09
C VAL A 19 -7.93 37.35 7.11
N THR A 20 -7.07 36.53 7.72
CA THR A 20 -5.66 36.86 7.89
C THR A 20 -4.81 35.66 7.50
N ILE A 21 -3.95 35.85 6.50
CA ILE A 21 -3.02 34.82 6.03
C ILE A 21 -1.60 35.31 6.32
N THR A 22 -0.72 34.38 6.69
CA THR A 22 0.67 34.72 7.00
C THR A 22 1.62 33.91 6.12
N CYS A 23 2.80 34.48 5.90
CA CYS A 23 3.84 33.89 5.07
C CYS A 23 5.17 34.08 5.79
N ARG A 24 5.95 33.01 5.89
CA ARG A 24 7.23 33.04 6.60
C ARG A 24 8.35 32.60 5.66
N ALA A 25 9.37 33.44 5.53
CA ALA A 25 10.50 33.18 4.66
C ALA A 25 11.67 32.62 5.46
N SER A 26 12.43 31.72 4.82
CA SER A 26 13.58 31.11 5.47
C SER A 26 14.71 32.11 5.71
N GLN A 27 14.73 33.22 4.98
CA GLN A 27 15.70 34.27 5.20
C GLN A 27 15.09 35.60 4.78
N SER A 28 15.76 36.68 5.16
CA SER A 28 15.18 38.02 5.00
C SER A 28 15.06 38.38 3.53
N VAL A 29 14.00 39.11 3.20
CA VAL A 29 13.78 39.63 1.86
C VAL A 29 13.75 41.16 1.85
N ASP A 30 14.36 41.79 2.85
CA ASP A 30 14.47 43.24 2.90
C ASP A 30 15.73 43.70 2.18
N TYR A 31 15.58 44.77 1.40
CA TYR A 31 16.71 45.33 0.65
C TYR A 31 16.38 46.75 0.24
N ASP A 32 17.28 47.69 0.55
CA ASP A 32 17.14 49.09 0.14
C ASP A 32 15.89 49.75 0.71
N GLY A 33 15.47 49.33 1.90
CA GLY A 33 14.30 49.89 2.53
C GLY A 33 12.98 49.33 2.05
N ASP A 34 13.00 48.22 1.32
CA ASP A 34 11.77 47.59 0.83
C ASP A 34 11.80 46.11 1.17
N SER A 35 10.61 45.54 1.38
CA SER A 35 10.44 44.12 1.66
C SER A 35 9.90 43.46 0.41
N TYR A 36 10.73 42.63 -0.24
CA TYR A 36 10.37 42.02 -1.52
C TYR A 36 9.54 40.76 -1.27
N MET A 37 8.28 41.01 -0.90
CA MET A 37 7.29 39.95 -0.74
C MET A 37 6.02 40.37 -1.47
N ASN A 38 5.40 39.43 -2.18
CA ASN A 38 4.21 39.72 -2.97
C ASN A 38 3.13 38.69 -2.67
N TRP A 39 1.89 39.06 -2.95
CA TRP A 39 0.73 38.21 -2.71
C TRP A 39 -0.08 38.07 -3.98
N TYR A 40 -0.62 36.87 -4.21
CA TYR A 40 -1.40 36.58 -5.41
C TYR A 40 -2.71 35.89 -5.03
N GLN A 41 -3.69 36.04 -5.90
CA GLN A 41 -4.98 35.38 -5.78
C GLN A 41 -5.21 34.55 -7.03
N GLN A 42 -5.56 33.27 -6.85
CA GLN A 42 -5.83 32.37 -7.97
C GLN A 42 -7.18 31.71 -7.75
N LYS A 43 -8.13 32.01 -8.63
CA LYS A 43 -9.46 31.43 -8.63
C LYS A 43 -9.49 30.18 -9.50
N PRO A 44 -10.49 29.32 -9.34
CA PRO A 44 -10.49 28.05 -10.08
C PRO A 44 -10.46 28.26 -11.59
N GLY A 45 -9.50 27.58 -12.23
CA GLY A 45 -9.37 27.63 -13.67
C GLY A 45 -8.81 28.92 -14.23
N LYS A 46 -8.36 29.83 -13.37
CA LYS A 46 -7.87 31.13 -13.80
C LYS A 46 -6.39 31.29 -13.47
N ALA A 47 -5.77 32.28 -14.08
CA ALA A 47 -4.38 32.60 -13.81
C ALA A 47 -4.25 33.33 -12.47
N PRO A 48 -3.08 33.24 -11.84
CA PRO A 48 -2.86 34.03 -10.61
C PRO A 48 -2.97 35.51 -10.89
N LYS A 49 -3.44 36.24 -9.89
CA LYS A 49 -3.69 37.68 -10.00
C LYS A 49 -2.95 38.39 -8.88
N LEU A 50 -2.09 39.35 -9.25
CA LEU A 50 -1.32 40.07 -8.26
C LEU A 50 -2.23 40.96 -7.41
N LEU A 51 -2.10 40.85 -6.09
CA LEU A 51 -2.83 41.68 -5.14
C LEU A 51 -1.93 42.71 -4.48
N ILE A 52 -0.87 42.25 -3.82
CA ILE A 52 0.05 43.11 -3.08
C ILE A 52 1.45 42.87 -3.62
N TYR A 53 2.21 43.95 -3.79
CA TYR A 53 3.61 43.86 -4.14
C TYR A 53 4.42 44.69 -3.14
N ALA A 54 5.67 44.28 -2.93
CA ALA A 54 6.57 44.93 -1.99
C ALA A 54 5.93 45.01 -0.60
N ALA A 55 5.37 43.88 -0.16
CA ALA A 55 4.84 43.66 1.19
C ALA A 55 3.54 44.39 1.47
N SER A 56 3.41 45.65 1.06
CA SER A 56 2.25 46.44 1.48
C SER A 56 1.64 47.33 0.41
N TYR A 57 2.14 47.33 -0.82
CA TYR A 57 1.61 48.21 -1.86
C TYR A 57 0.48 47.52 -2.61
N LEU A 58 -0.67 48.19 -2.67
CA LEU A 58 -1.85 47.63 -3.33
C LEU A 58 -1.73 47.77 -4.84
N GLU A 59 -1.90 46.66 -5.55
CA GLU A 59 -1.83 46.68 -7.01
C GLU A 59 -3.00 47.47 -7.58
N SER A 60 -2.71 48.24 -8.63
CA SER A 60 -3.75 49.08 -9.24
C SER A 60 -4.91 48.23 -9.74
N GLY A 61 -6.12 48.65 -9.42
CA GLY A 61 -7.32 47.94 -9.81
C GLY A 61 -7.77 46.87 -8.83
N VAL A 62 -7.06 46.70 -7.71
CA VAL A 62 -7.42 45.68 -6.72
C VAL A 62 -8.26 46.34 -5.63
N PRO A 63 -9.35 45.70 -5.19
CA PRO A 63 -10.18 46.30 -4.13
C PRO A 63 -9.38 46.59 -2.87
N SER A 64 -9.76 47.68 -2.20
CA SER A 64 -9.05 48.18 -1.03
C SER A 64 -9.12 47.24 0.17
N ARG A 65 -10.02 46.26 0.17
CA ARG A 65 -10.12 45.35 1.29
C ARG A 65 -8.92 44.42 1.41
N PHE A 66 -8.10 44.33 0.36
CA PHE A 66 -6.85 43.57 0.43
C PHE A 66 -5.72 44.48 0.87
N SER A 67 -4.93 44.01 1.83
CA SER A 67 -3.80 44.79 2.33
C SER A 67 -2.73 43.83 2.84
N GLY A 68 -1.49 44.29 2.80
CA GLY A 68 -0.37 43.49 3.29
C GLY A 68 0.45 44.28 4.29
N SER A 69 1.18 43.53 5.11
CA SER A 69 2.05 44.11 6.12
C SER A 69 3.17 43.13 6.41
N GLY A 70 4.09 43.55 7.28
CA GLY A 70 5.21 42.72 7.69
C GLY A 70 6.52 43.19 7.08
N SER A 71 7.59 42.54 7.54
CA SER A 71 8.94 42.86 7.10
C SER A 71 9.83 41.68 7.43
N GLY A 72 11.04 41.70 6.86
CA GLY A 72 12.02 40.67 7.13
C GLY A 72 11.61 39.30 6.62
N THR A 73 11.16 38.43 7.52
CA THR A 73 10.79 37.06 7.17
C THR A 73 9.33 36.74 7.47
N ASP A 74 8.57 37.65 8.06
CA ASP A 74 7.18 37.39 8.41
C ASP A 74 6.29 38.44 7.76
N PHE A 75 5.26 37.98 7.06
CA PHE A 75 4.37 38.86 6.31
C PHE A 75 2.94 38.39 6.46
N THR A 76 2.00 39.31 6.23
CA THR A 76 0.60 39.08 6.50
C THR A 76 -0.26 39.66 5.39
N LEU A 77 -1.17 38.84 4.87
CA LEU A 77 -2.21 39.30 3.95
C LEU A 77 -3.54 39.32 4.69
N THR A 78 -4.29 40.41 4.55
CA THR A 78 -5.52 40.61 5.28
C THR A 78 -6.63 40.99 4.32
N ILE A 79 -7.76 40.29 4.42
CA ILE A 79 -9.00 40.68 3.76
C ILE A 79 -9.91 41.25 4.85
N SER A 80 -10.12 42.56 4.81
CA SER A 80 -10.85 43.23 5.90
C SER A 80 -12.27 42.72 6.00
N SER A 81 -12.91 42.44 4.87
CA SER A 81 -14.28 41.94 4.85
C SER A 81 -14.38 40.93 3.71
N LEU A 82 -14.45 39.64 4.06
CA LEU A 82 -14.47 38.59 3.06
C LEU A 82 -15.76 38.67 2.24
N GLN A 83 -15.60 38.71 0.92
CA GLN A 83 -16.71 38.72 -0.01
C GLN A 83 -16.83 37.37 -0.71
N PRO A 84 -18.01 37.05 -1.25
CA PRO A 84 -18.19 35.73 -1.88
C PRO A 84 -17.23 35.46 -3.03
N GLU A 85 -16.81 36.49 -3.77
CA GLU A 85 -15.91 36.30 -4.89
C GLU A 85 -14.45 36.12 -4.46
N ASP A 86 -14.16 36.26 -3.17
CA ASP A 86 -12.79 36.10 -2.69
C ASP A 86 -12.43 34.64 -2.44
N PHE A 87 -13.34 33.70 -2.72
CA PHE A 87 -12.99 32.28 -2.69
C PHE A 87 -11.90 32.00 -3.70
N ALA A 88 -10.72 31.61 -3.22
CA ALA A 88 -9.57 31.36 -4.09
C ALA A 88 -8.47 30.74 -3.23
N THR A 89 -7.35 30.43 -3.90
CA THR A 89 -6.12 30.06 -3.22
C THR A 89 -5.16 31.23 -3.31
N TYR A 90 -4.58 31.61 -2.18
CA TYR A 90 -3.73 32.79 -2.09
C TYR A 90 -2.28 32.36 -1.90
N TYR A 91 -1.39 32.96 -2.68
CA TYR A 91 0.03 32.63 -2.67
C TYR A 91 0.85 33.84 -2.28
N CYS A 92 1.88 33.63 -1.47
CA CYS A 92 2.93 34.60 -1.29
C CYS A 92 4.12 34.22 -2.16
N GLN A 93 4.96 35.21 -2.46
CA GLN A 93 6.08 35.01 -3.36
C GLN A 93 7.15 36.05 -3.07
N GLN A 94 8.39 35.59 -2.91
CA GLN A 94 9.51 36.48 -2.69
C GLN A 94 10.13 36.85 -4.04
N SER A 95 10.42 38.14 -4.22
CA SER A 95 11.01 38.65 -5.45
C SER A 95 12.42 39.16 -5.21
N HIS A 96 13.11 38.59 -4.23
CA HIS A 96 14.46 39.01 -3.86
C HIS A 96 15.55 38.12 -4.45
N GLU A 97 15.24 36.85 -4.71
CA GLU A 97 16.24 35.90 -5.16
C GLU A 97 15.64 34.96 -6.19
N ASP A 98 16.42 34.65 -7.23
CA ASP A 98 16.15 33.52 -8.10
C ASP A 98 16.08 32.27 -7.23
N PRO A 99 15.10 31.38 -7.48
CA PRO A 99 14.12 31.39 -8.57
C PRO A 99 12.75 32.01 -8.22
N TYR A 100 12.72 32.97 -7.29
CA TYR A 100 11.49 33.70 -6.96
C TYR A 100 10.36 32.74 -6.60
N THR A 101 10.60 31.96 -5.55
CA THR A 101 9.70 30.86 -5.19
C THR A 101 8.38 31.38 -4.62
N PHE A 102 7.33 30.60 -4.85
CA PHE A 102 6.00 30.87 -4.31
C PHE A 102 5.75 30.00 -3.08
N GLY A 103 4.91 30.50 -2.19
CA GLY A 103 4.42 29.68 -1.10
C GLY A 103 3.53 28.57 -1.61
N GLN A 104 3.22 27.62 -0.72
CA GLN A 104 2.42 26.48 -1.12
C GLN A 104 0.93 26.80 -1.21
N GLY A 105 0.49 27.95 -0.73
CA GLY A 105 -0.87 28.38 -0.95
C GLY A 105 -1.74 28.23 0.29
N THR A 106 -2.77 29.06 0.35
CA THR A 106 -3.77 29.01 1.42
C THR A 106 -5.15 29.04 0.79
N LYS A 107 -5.97 28.04 1.10
CA LYS A 107 -7.32 27.94 0.56
C LYS A 107 -8.30 28.67 1.48
N VAL A 108 -9.02 29.64 0.93
CA VAL A 108 -9.99 30.44 1.68
C VAL A 108 -11.39 30.05 1.23
N GLU A 109 -12.19 29.56 2.15
CA GLU A 109 -13.56 29.15 1.87
C GLU A 109 -14.52 30.04 2.65
N ILE A 110 -15.67 30.32 2.04
CA ILE A 110 -16.73 31.09 2.68
C ILE A 110 -17.65 30.12 3.41
N LYS A 111 -17.86 30.38 4.70
CA LYS A 111 -18.77 29.57 5.51
C LYS A 111 -20.14 30.24 5.54
N ARG A 112 -21.10 29.64 4.87
CA ARG A 112 -22.48 30.11 4.84
C ARG A 112 -23.37 29.17 5.63
N THR A 113 -24.66 29.47 5.62
CA THR A 113 -25.63 28.62 6.30
C THR A 113 -25.76 27.28 5.58
N VAL A 114 -26.36 26.31 6.27
CA VAL A 114 -26.56 24.99 5.71
C VAL A 114 -27.63 25.05 4.63
N ALA A 115 -27.37 24.39 3.50
CA ALA A 115 -28.29 24.36 2.38
C ALA A 115 -28.44 22.93 1.88
N ALA A 116 -29.67 22.45 1.81
CA ALA A 116 -29.92 21.11 1.33
C ALA A 116 -29.74 21.04 -0.18
N PRO A 117 -29.29 19.90 -0.71
CA PRO A 117 -29.10 19.78 -2.15
C PRO A 117 -30.39 19.46 -2.88
N SER A 118 -30.49 20.00 -4.10
CA SER A 118 -31.55 19.61 -5.03
C SER A 118 -31.04 18.43 -5.85
N VAL A 119 -31.76 17.32 -5.80
CA VAL A 119 -31.32 16.06 -6.39
C VAL A 119 -32.05 15.84 -7.70
N PHE A 120 -31.30 15.54 -8.75
CA PHE A 120 -31.83 15.19 -10.06
C PHE A 120 -31.18 13.89 -10.52
N ILE A 121 -31.97 13.04 -11.18
CA ILE A 121 -31.48 11.77 -11.70
C ILE A 121 -31.77 11.71 -13.19
N PHE A 122 -30.79 11.23 -13.95
CA PHE A 122 -30.88 11.20 -15.41
C PHE A 122 -30.71 9.77 -15.91
N PRO A 123 -31.60 9.28 -16.77
CA PRO A 123 -31.40 7.97 -17.38
C PRO A 123 -30.38 8.04 -18.49
N PRO A 124 -29.79 6.91 -18.88
CA PRO A 124 -28.83 6.93 -19.99
C PRO A 124 -29.54 7.22 -21.30
N SER A 125 -28.86 7.97 -22.18
CA SER A 125 -29.43 8.31 -23.47
C SER A 125 -29.49 7.08 -24.37
N ASP A 126 -30.50 7.06 -25.25
CA ASP A 126 -30.64 5.97 -26.19
C ASP A 126 -29.48 5.92 -27.18
N GLU A 127 -28.78 7.05 -27.38
CA GLU A 127 -27.61 7.04 -28.24
C GLU A 127 -26.46 6.28 -27.60
N GLN A 128 -26.30 6.39 -26.29
CA GLN A 128 -25.21 5.68 -25.62
C GLN A 128 -25.48 4.17 -25.54
N LEU A 129 -26.76 3.78 -25.43
CA LEU A 129 -27.09 2.37 -25.33
C LEU A 129 -26.67 1.59 -26.58
N LYS A 130 -26.51 2.26 -27.72
CA LYS A 130 -26.04 1.60 -28.93
C LYS A 130 -24.62 1.09 -28.78
N SER A 131 -23.85 1.63 -27.83
CA SER A 131 -22.47 1.22 -27.62
C SER A 131 -22.35 0.04 -26.66
N GLY A 132 -23.42 -0.36 -26.00
CA GLY A 132 -23.40 -1.45 -25.05
C GLY A 132 -23.20 -1.06 -23.61
N THR A 133 -23.03 0.22 -23.32
CA THR A 133 -22.80 0.72 -21.96
C THR A 133 -23.85 1.76 -21.62
N ALA A 134 -24.28 1.77 -20.37
CA ALA A 134 -25.28 2.71 -19.87
C ALA A 134 -24.71 3.50 -18.71
N SER A 135 -24.87 4.82 -18.75
CA SER A 135 -24.39 5.71 -17.71
C SER A 135 -25.58 6.42 -17.07
N VAL A 136 -25.84 6.12 -15.80
CA VAL A 136 -26.88 6.79 -15.03
C VAL A 136 -26.21 7.86 -14.18
N VAL A 137 -26.71 9.10 -14.27
CA VAL A 137 -26.09 10.25 -13.64
C VAL A 137 -27.05 10.81 -12.60
N CYS A 138 -26.52 11.09 -11.40
CA CYS A 138 -27.27 11.74 -10.33
C CYS A 138 -26.60 13.05 -9.98
N LEU A 139 -27.40 14.10 -9.82
CA LEU A 139 -26.90 15.45 -9.62
C LEU A 139 -27.35 15.96 -8.26
N LEU A 140 -26.38 16.37 -7.44
CA LEU A 140 -26.63 17.07 -6.18
C LEU A 140 -26.25 18.53 -6.39
N ASN A 141 -27.23 19.43 -6.25
CA ASN A 141 -27.09 20.79 -6.73
C ASN A 141 -27.19 21.79 -5.59
N ASN A 142 -26.19 22.67 -5.49
CA ASN A 142 -26.23 23.89 -4.67
C ASN A 142 -26.52 23.55 -3.20
N PHE A 143 -25.51 22.98 -2.55
CA PHE A 143 -25.62 22.59 -1.16
C PHE A 143 -24.38 23.02 -0.39
N TYR A 144 -24.55 23.15 0.92
CA TYR A 144 -23.46 23.46 1.84
C TYR A 144 -23.76 22.82 3.19
N PRO A 145 -22.73 22.23 3.84
CA PRO A 145 -21.32 22.16 3.45
C PRO A 145 -21.01 21.13 2.36
N ARG A 146 -19.71 20.91 2.13
CA ARG A 146 -19.27 20.10 1.00
C ARG A 146 -19.55 18.61 1.21
N GLU A 147 -19.56 18.15 2.46
CA GLU A 147 -19.73 16.73 2.73
C GLU A 147 -21.13 16.26 2.33
N ALA A 148 -21.19 15.17 1.58
CA ALA A 148 -22.45 14.59 1.14
C ALA A 148 -22.21 13.13 0.77
N LYS A 149 -23.27 12.33 0.88
CA LYS A 149 -23.20 10.90 0.60
C LYS A 149 -24.21 10.53 -0.47
N VAL A 150 -23.78 9.73 -1.43
CA VAL A 150 -24.64 9.24 -2.51
C VAL A 150 -24.58 7.71 -2.50
N GLN A 151 -25.75 7.08 -2.50
CA GLN A 151 -25.85 5.62 -2.49
C GLN A 151 -26.74 5.20 -3.63
N TRP A 152 -26.17 4.44 -4.58
CA TRP A 152 -26.94 3.96 -5.72
C TRP A 152 -27.68 2.68 -5.37
N LYS A 153 -28.88 2.54 -5.92
CA LYS A 153 -29.70 1.35 -5.71
C LYS A 153 -30.35 0.96 -7.02
N VAL A 154 -30.08 -0.25 -7.49
CA VAL A 154 -30.67 -0.79 -8.71
C VAL A 154 -31.65 -1.88 -8.28
N ASP A 155 -32.94 -1.62 -8.48
CA ASP A 155 -34.02 -2.51 -8.03
C ASP A 155 -33.86 -2.81 -6.53
N ASN A 156 -33.63 -1.76 -5.76
CA ASN A 156 -33.49 -1.76 -4.30
C ASN A 156 -32.20 -2.45 -3.83
N ALA A 157 -31.35 -2.91 -4.74
CA ALA A 157 -30.07 -3.51 -4.36
C ALA A 157 -29.00 -2.43 -4.33
N PRO A 158 -28.33 -2.20 -3.20
CA PRO A 158 -27.31 -1.16 -3.15
C PRO A 158 -26.09 -1.53 -4.01
N GLN A 159 -25.61 -0.53 -4.75
CA GLN A 159 -24.49 -0.73 -5.65
C GLN A 159 -23.17 -0.42 -4.96
N SER A 160 -22.08 -0.91 -5.55
CA SER A 160 -20.75 -0.71 -4.99
C SER A 160 -19.71 -0.99 -6.07
N GLY A 161 -18.71 -0.11 -6.15
CA GLY A 161 -17.60 -0.27 -7.06
C GLY A 161 -17.85 0.15 -8.49
N ASN A 162 -19.06 0.61 -8.82
CA ASN A 162 -19.42 0.92 -10.20
C ASN A 162 -19.90 2.36 -10.36
N SER A 163 -19.42 3.26 -9.52
CA SER A 163 -19.80 4.66 -9.62
C SER A 163 -18.58 5.54 -9.33
N GLN A 164 -18.64 6.78 -9.82
CA GLN A 164 -17.60 7.77 -9.59
C GLN A 164 -18.25 9.13 -9.34
N GLU A 165 -17.70 9.88 -8.38
CA GLU A 165 -18.22 11.18 -8.00
C GLU A 165 -17.28 12.29 -8.44
N SER A 166 -17.83 13.51 -8.44
CA SER A 166 -17.05 14.70 -8.78
C SER A 166 -17.76 15.91 -8.17
N VAL A 167 -17.00 16.76 -7.47
CA VAL A 167 -17.56 17.91 -6.77
C VAL A 167 -16.93 19.18 -7.34
N THR A 168 -17.75 20.20 -7.55
CA THR A 168 -17.26 21.48 -8.06
C THR A 168 -16.60 22.27 -6.94
N GLU A 169 -15.92 23.34 -7.33
CA GLU A 169 -15.44 24.32 -6.38
C GLU A 169 -16.62 25.11 -5.81
N GLN A 170 -16.34 25.89 -4.77
CA GLN A 170 -17.39 26.73 -4.19
C GLN A 170 -17.81 27.80 -5.18
N ASP A 171 -19.12 27.93 -5.39
CA ASP A 171 -19.66 28.85 -6.39
C ASP A 171 -19.91 30.21 -5.74
N SER A 172 -19.19 31.23 -6.23
CA SER A 172 -19.26 32.55 -5.60
C SER A 172 -20.65 33.16 -5.70
N LYS A 173 -21.43 32.76 -6.70
CA LYS A 173 -22.82 33.21 -6.78
C LYS A 173 -23.63 32.74 -5.58
N ASP A 174 -23.28 31.59 -5.03
CA ASP A 174 -24.08 30.89 -4.03
C ASP A 174 -23.32 30.48 -2.77
N SER A 175 -21.98 30.42 -2.81
CA SER A 175 -21.18 29.83 -1.74
C SER A 175 -21.56 28.37 -1.48
N THR A 176 -22.03 27.69 -2.53
CA THR A 176 -22.47 26.30 -2.43
C THR A 176 -21.61 25.41 -3.32
N TYR A 177 -21.83 24.11 -3.20
CA TYR A 177 -21.14 23.10 -3.97
C TYR A 177 -22.16 22.32 -4.80
N SER A 178 -21.64 21.54 -5.75
CA SER A 178 -22.45 20.64 -6.54
C SER A 178 -21.68 19.35 -6.78
N LEU A 179 -22.42 18.24 -6.87
CA LEU A 179 -21.82 16.92 -6.97
C LEU A 179 -22.48 16.14 -8.11
N SER A 180 -21.66 15.47 -8.91
CA SER A 180 -22.11 14.66 -10.02
C SER A 180 -21.62 13.23 -9.82
N SER A 181 -22.55 12.29 -9.77
CA SER A 181 -22.24 10.87 -9.60
C SER A 181 -22.75 10.10 -10.82
N THR A 182 -21.88 9.25 -11.38
CA THR A 182 -22.19 8.50 -12.58
C THR A 182 -22.11 7.02 -12.29
N LEU A 183 -23.25 6.33 -12.42
CA LEU A 183 -23.29 4.87 -12.30
C LEU A 183 -23.15 4.25 -13.68
N THR A 184 -22.20 3.32 -13.81
CA THR A 184 -21.87 2.72 -15.09
C THR A 184 -22.29 1.25 -15.08
N LEU A 185 -23.17 0.88 -16.01
CA LEU A 185 -23.65 -0.48 -16.18
C LEU A 185 -23.53 -0.87 -17.64
N SER A 186 -23.55 -2.17 -17.89
CA SER A 186 -23.66 -2.65 -19.26
C SER A 186 -25.10 -2.51 -19.75
N LYS A 187 -25.26 -2.47 -21.08
CA LYS A 187 -26.59 -2.35 -21.65
C LYS A 187 -27.47 -3.53 -21.24
N ALA A 188 -26.90 -4.74 -21.26
CA ALA A 188 -27.68 -5.92 -20.88
C ALA A 188 -28.15 -5.84 -19.43
N ASP A 189 -27.24 -5.47 -18.52
CA ASP A 189 -27.63 -5.33 -17.12
C ASP A 189 -28.59 -4.17 -16.91
N TYR A 190 -28.48 -3.12 -17.72
CA TYR A 190 -29.41 -2.00 -17.58
C TYR A 190 -30.81 -2.40 -18.05
N GLU A 191 -30.91 -3.18 -19.13
CA GLU A 191 -32.19 -3.60 -19.65
C GLU A 191 -32.87 -4.68 -18.80
N LYS A 192 -32.18 -5.23 -17.79
CA LYS A 192 -32.73 -6.30 -16.97
C LYS A 192 -33.29 -5.82 -15.64
N HIS A 193 -33.33 -4.51 -15.41
CA HIS A 193 -33.80 -3.98 -14.14
C HIS A 193 -34.74 -2.80 -14.40
N LYS A 194 -35.55 -2.48 -13.37
CA LYS A 194 -36.63 -1.52 -13.51
C LYS A 194 -36.34 -0.20 -12.79
N VAL A 195 -36.09 -0.24 -11.48
CA VAL A 195 -35.99 0.95 -10.67
C VAL A 195 -34.52 1.29 -10.44
N TYR A 196 -34.14 2.52 -10.76
CA TYR A 196 -32.80 3.04 -10.51
C TYR A 196 -32.92 4.24 -9.59
N ALA A 197 -32.44 4.09 -8.36
CA ALA A 197 -32.60 5.10 -7.33
C ALA A 197 -31.26 5.74 -6.99
N CYS A 198 -31.33 6.97 -6.47
CA CYS A 198 -30.18 7.72 -6.02
C CYS A 198 -30.51 8.28 -4.64
N GLU A 199 -29.93 7.68 -3.59
CA GLU A 199 -30.17 8.08 -2.22
C GLU A 199 -29.13 9.09 -1.79
N VAL A 200 -29.57 10.23 -1.26
CA VAL A 200 -28.70 11.35 -0.93
C VAL A 200 -28.82 11.63 0.56
N THR A 201 -27.68 11.64 1.26
CA THR A 201 -27.60 11.99 2.67
C THR A 201 -26.79 13.26 2.82
N HIS A 202 -27.34 14.24 3.53
CA HIS A 202 -26.67 15.52 3.70
C HIS A 202 -27.11 16.15 5.01
N GLN A 203 -26.28 17.05 5.53
CA GLN A 203 -26.55 17.70 6.81
C GLN A 203 -27.85 18.48 6.77
N GLY A 204 -28.19 19.07 5.61
CA GLY A 204 -29.42 19.82 5.47
C GLY A 204 -30.67 19.00 5.25
N LEU A 205 -30.60 17.68 5.49
CA LEU A 205 -31.73 16.79 5.30
C LEU A 205 -32.02 16.07 6.61
N SER A 206 -33.26 16.17 7.08
CA SER A 206 -33.65 15.42 8.27
C SER A 206 -33.77 13.94 7.96
N SER A 207 -34.21 13.60 6.75
CA SER A 207 -34.26 12.24 6.26
C SER A 207 -33.58 12.17 4.91
N PRO A 208 -32.94 11.04 4.59
CA PRO A 208 -32.29 10.90 3.28
C PRO A 208 -33.29 11.05 2.15
N VAL A 209 -32.85 11.72 1.07
CA VAL A 209 -33.67 11.98 -0.10
C VAL A 209 -33.32 10.97 -1.18
N THR A 210 -34.34 10.39 -1.80
CA THR A 210 -34.15 9.35 -2.82
C THR A 210 -34.90 9.75 -4.08
N LYS A 211 -34.16 9.96 -5.17
CA LYS A 211 -34.73 10.18 -6.49
C LYS A 211 -34.57 8.91 -7.32
N SER A 212 -35.60 8.59 -8.10
CA SER A 212 -35.58 7.36 -8.87
C SER A 212 -36.40 7.53 -10.14
N PHE A 213 -36.19 6.60 -11.07
CA PHE A 213 -36.96 6.55 -12.30
C PHE A 213 -37.15 5.08 -12.69
N ASN A 214 -38.20 4.82 -13.45
CA ASN A 214 -38.48 3.49 -13.97
C ASN A 214 -38.06 3.41 -15.43
N ARG A 215 -37.22 2.44 -15.74
CA ARG A 215 -36.77 2.26 -17.13
C ARG A 215 -37.96 1.94 -18.03
N GLY A 216 -38.03 2.62 -19.17
CA GLY A 216 -39.16 2.46 -20.06
C GLY A 216 -40.36 3.29 -19.70
N GLU A 217 -40.16 4.45 -19.07
CA GLU A 217 -41.25 5.33 -18.69
C GLU A 217 -40.78 6.78 -18.61
N GLU B 1 -6.63 46.00 -22.26
CA GLU B 1 -5.41 46.64 -22.74
C GLU B 1 -4.40 45.59 -23.23
N VAL B 2 -3.38 45.34 -22.41
CA VAL B 2 -2.36 44.36 -22.76
C VAL B 2 -2.93 42.96 -22.56
N GLN B 3 -2.81 42.12 -23.59
CA GLN B 3 -3.29 40.75 -23.55
C GLN B 3 -2.17 39.80 -23.90
N LEU B 4 -2.05 38.72 -23.13
CA LEU B 4 -1.04 37.68 -23.35
C LEU B 4 -1.77 36.40 -23.76
N VAL B 5 -1.53 35.95 -24.99
CA VAL B 5 -2.17 34.77 -25.54
C VAL B 5 -1.09 33.70 -25.74
N GLU B 6 -1.32 32.53 -25.16
CA GLU B 6 -0.37 31.43 -25.21
C GLU B 6 -0.82 30.38 -26.23
N SER B 7 0.17 29.69 -26.79
CA SER B 7 -0.10 28.62 -27.76
C SER B 7 1.08 27.66 -27.74
N GLY B 8 0.86 26.48 -28.34
CA GLY B 8 1.86 25.45 -28.39
C GLY B 8 1.72 24.36 -27.34
N GLY B 9 0.68 24.40 -26.52
CA GLY B 9 0.46 23.39 -25.51
C GLY B 9 -0.18 22.15 -26.08
N GLY B 10 -0.68 21.31 -25.18
CA GLY B 10 -1.35 20.08 -25.57
C GLY B 10 -0.56 18.84 -25.25
N LEU B 11 -0.81 17.77 -26.00
CA LEU B 11 -0.16 16.49 -25.76
C LEU B 11 1.23 16.47 -26.35
N VAL B 12 2.23 16.14 -25.54
CA VAL B 12 3.61 16.00 -25.97
C VAL B 12 4.14 14.65 -25.48
N GLN B 13 5.18 14.13 -26.18
CA GLN B 13 5.68 12.81 -25.86
C GLN B 13 6.85 12.87 -24.88
N PRO B 14 6.97 11.86 -24.02
CA PRO B 14 8.13 11.80 -23.12
C PRO B 14 9.44 11.74 -23.90
N GLY B 15 10.43 12.49 -23.43
CA GLY B 15 11.68 12.62 -24.15
C GLY B 15 11.65 13.55 -25.33
N GLY B 16 10.48 13.99 -25.76
CA GLY B 16 10.35 14.92 -26.88
C GLY B 16 10.62 16.35 -26.45
N SER B 17 10.30 17.27 -27.36
CA SER B 17 10.52 18.69 -27.14
C SER B 17 9.19 19.43 -27.05
N LEU B 18 9.23 20.57 -26.37
CA LEU B 18 8.08 21.44 -26.17
C LEU B 18 8.44 22.84 -26.63
N ARG B 19 7.55 23.48 -27.37
CA ARG B 19 7.79 24.83 -27.88
C ARG B 19 6.52 25.67 -27.66
N LEU B 20 6.54 26.48 -26.61
CA LEU B 20 5.44 27.36 -26.29
C LEU B 20 5.72 28.77 -26.80
N SER B 21 4.65 29.51 -27.09
CA SER B 21 4.76 30.89 -27.54
C SER B 21 3.69 31.73 -26.85
N CYS B 22 4.05 32.96 -26.53
CA CYS B 22 3.19 33.91 -25.82
C CYS B 22 3.10 35.16 -26.68
N ALA B 23 1.99 35.31 -27.40
CA ALA B 23 1.77 36.46 -28.26
C ALA B 23 1.21 37.63 -27.45
N VAL B 24 1.83 38.79 -27.60
CA VAL B 24 1.46 40.00 -26.87
C VAL B 24 0.71 40.93 -27.80
N SER B 25 -0.45 41.41 -27.35
CA SER B 25 -1.26 42.35 -28.12
C SER B 25 -1.58 43.56 -27.26
N GLY B 26 -1.88 44.67 -27.94
CA GLY B 26 -2.13 45.92 -27.24
C GLY B 26 -0.95 46.40 -26.41
N TYR B 27 0.26 45.99 -26.77
CA TYR B 27 1.46 46.26 -25.98
C TYR B 27 2.70 45.82 -26.75
N SER B 28 3.75 46.65 -26.76
CA SER B 28 5.00 46.27 -27.40
C SER B 28 5.85 45.46 -26.44
N ILE B 29 6.39 44.33 -26.91
CA ILE B 29 7.17 43.45 -26.06
C ILE B 29 8.44 44.14 -25.57
N THR B 30 8.90 45.18 -26.27
CA THR B 30 10.07 45.93 -25.84
C THR B 30 9.78 46.87 -24.68
N SER B 31 8.51 47.04 -24.30
CA SER B 31 8.16 47.93 -23.20
C SER B 31 8.16 47.24 -21.84
N GLY B 32 8.05 45.91 -21.80
CA GLY B 32 8.11 45.20 -20.54
C GLY B 32 9.55 45.01 -20.08
N TYR B 33 9.76 45.08 -18.77
CA TYR B 33 11.10 44.91 -18.23
C TYR B 33 11.61 43.49 -18.46
N SER B 34 10.76 42.50 -18.24
CA SER B 34 11.15 41.11 -18.43
C SER B 34 9.91 40.28 -18.72
N TRP B 35 10.13 39.13 -19.35
CA TRP B 35 9.07 38.18 -19.69
C TRP B 35 9.45 36.83 -19.13
N ASN B 36 8.49 36.17 -18.48
CA ASN B 36 8.75 34.99 -17.67
C ASN B 36 7.81 33.86 -18.06
N TRP B 37 8.23 32.65 -17.76
CA TRP B 37 7.39 31.46 -17.87
C TRP B 37 7.25 30.85 -16.49
N ILE B 38 6.01 30.54 -16.11
CA ILE B 38 5.70 29.98 -14.79
C ILE B 38 4.73 28.83 -14.99
N ARG B 39 5.04 27.67 -14.40
CA ARG B 39 4.24 26.48 -14.58
C ARG B 39 3.62 26.06 -13.24
N GLN B 40 2.57 25.25 -13.34
CA GLN B 40 1.81 24.81 -12.18
C GLN B 40 1.32 23.40 -12.42
N ALA B 41 1.91 22.43 -11.72
CA ALA B 41 1.47 21.05 -11.84
C ALA B 41 0.04 20.90 -11.30
N PRO B 42 -0.73 19.98 -11.86
CA PRO B 42 -2.14 19.82 -11.42
C PRO B 42 -2.22 19.54 -9.92
N GLY B 43 -2.97 20.38 -9.22
CA GLY B 43 -3.12 20.26 -7.78
C GLY B 43 -1.97 20.78 -6.96
N LYS B 44 -0.95 21.36 -7.59
CA LYS B 44 0.24 21.85 -6.90
C LYS B 44 0.33 23.36 -7.00
N GLY B 45 1.43 23.91 -6.50
CA GLY B 45 1.64 25.34 -6.47
C GLY B 45 2.33 25.86 -7.72
N LEU B 46 2.83 27.08 -7.63
CA LEU B 46 3.44 27.78 -8.75
C LEU B 46 4.96 27.65 -8.70
N GLU B 47 5.57 27.61 -9.89
CA GLU B 47 7.02 27.49 -10.00
C GLU B 47 7.50 28.33 -11.18
N TRP B 48 8.35 29.32 -10.89
CA TRP B 48 8.98 30.12 -11.92
C TRP B 48 10.14 29.33 -12.54
N VAL B 49 10.25 29.37 -13.87
CA VAL B 49 11.22 28.51 -14.54
C VAL B 49 12.19 29.31 -15.41
N ALA B 50 11.76 30.45 -15.96
CA ALA B 50 12.61 31.15 -16.91
C ALA B 50 12.23 32.62 -16.99
N SER B 51 13.18 33.43 -17.46
CA SER B 51 12.95 34.85 -17.67
C SER B 51 13.93 35.36 -18.72
N ILE B 52 13.54 36.46 -19.37
CA ILE B 52 14.42 37.19 -20.27
C ILE B 52 14.16 38.67 -20.08
N THR B 53 15.23 39.44 -19.95
CA THR B 53 15.13 40.87 -19.68
C THR B 53 15.17 41.67 -20.98
N TYR B 54 14.91 42.97 -20.87
CA TYR B 54 14.88 43.83 -22.05
C TYR B 54 16.25 43.91 -22.73
N ASP B 55 17.33 43.67 -21.98
CA ASP B 55 18.67 43.71 -22.53
C ASP B 55 19.13 42.37 -23.08
N GLY B 56 18.22 41.41 -23.24
CA GLY B 56 18.56 40.10 -23.76
C GLY B 56 19.11 39.12 -22.75
N SER B 57 19.27 39.51 -21.49
CA SER B 57 19.78 38.61 -20.47
C SER B 57 18.71 37.60 -20.06
N THR B 58 19.14 36.34 -19.91
CA THR B 58 18.23 35.25 -19.56
C THR B 58 18.63 34.64 -18.23
N ASN B 59 17.66 33.99 -17.59
CA ASN B 59 17.87 33.32 -16.32
C ASN B 59 16.91 32.14 -16.23
N TYR B 60 17.30 31.11 -15.49
CA TYR B 60 16.53 29.88 -15.42
C TYR B 60 16.50 29.35 -13.99
N ASN B 61 15.47 28.58 -13.70
CA ASN B 61 15.38 27.86 -12.44
C ASN B 61 16.33 26.68 -12.47
N PRO B 62 17.27 26.56 -11.52
CA PRO B 62 18.21 25.43 -11.56
C PRO B 62 17.55 24.07 -11.44
N SER B 63 16.29 24.00 -11.00
CA SER B 63 15.59 22.72 -10.95
C SER B 63 15.20 22.21 -12.33
N VAL B 64 15.39 23.00 -13.38
CA VAL B 64 14.99 22.58 -14.72
C VAL B 64 16.06 23.04 -15.72
N LYS B 65 17.02 23.82 -15.22
CA LYS B 65 18.08 24.38 -16.08
C LYS B 65 18.90 23.29 -16.76
N ARG B 67 18.18 22.13 -19.80
CA ARG B 67 17.27 21.55 -20.78
C ARG B 67 16.09 22.49 -21.05
N ILE B 68 16.36 23.80 -20.99
CA ILE B 68 15.32 24.80 -21.16
C ILE B 68 15.93 26.02 -21.83
N THR B 69 15.19 26.61 -22.76
CA THR B 69 15.65 27.80 -23.49
C THR B 69 14.49 28.76 -23.62
N ILE B 70 14.73 30.03 -23.26
CA ILE B 70 13.76 31.11 -23.45
C ILE B 70 14.35 32.10 -24.44
N SER B 71 13.52 32.59 -25.35
CA SER B 71 13.96 33.49 -26.40
C SER B 71 12.92 34.58 -26.57
N ARG B 72 13.26 35.60 -27.36
CA ARG B 72 12.41 36.76 -27.57
C ARG B 72 12.54 37.24 -29.01
N ASP B 73 11.41 37.51 -29.64
CA ASP B 73 11.36 38.00 -31.02
C ASP B 73 10.60 39.33 -31.02
N ASP B 74 11.34 40.44 -30.98
CA ASP B 74 10.70 41.76 -30.96
C ASP B 74 9.95 42.02 -32.26
N SER B 75 10.43 41.50 -33.39
CA SER B 75 9.76 41.71 -34.66
C SER B 75 8.35 41.13 -34.63
N LYS B 76 8.21 39.89 -34.17
CA LYS B 76 6.91 39.25 -34.08
C LYS B 76 6.16 39.59 -32.80
N ASN B 77 6.78 40.36 -31.90
CA ASN B 77 6.17 40.76 -30.63
C ASN B 77 5.75 39.53 -29.82
N THR B 78 6.67 38.56 -29.72
CA THR B 78 6.39 37.28 -29.11
C THR B 78 7.67 36.73 -28.48
N PHE B 79 7.52 36.05 -27.35
CA PHE B 79 8.63 35.32 -26.74
C PHE B 79 8.24 33.86 -26.57
N TYR B 80 9.26 33.00 -26.50
CA TYR B 80 9.07 31.57 -26.62
C TYR B 80 9.69 30.85 -25.43
N LEU B 81 9.31 29.56 -25.30
CA LEU B 81 9.87 28.68 -24.28
C LEU B 81 10.09 27.31 -24.91
N GLN B 82 11.32 26.82 -24.88
CA GLN B 82 11.66 25.52 -25.42
C GLN B 82 12.17 24.62 -24.30
N MET B 83 11.69 23.37 -24.28
CA MET B 83 12.11 22.38 -23.32
C MET B 83 12.22 21.03 -24.01
N ASN B 84 13.35 20.35 -23.81
CA ASN B 84 13.57 19.00 -24.30
C ASN B 84 13.74 18.05 -23.11
N SER B 85 13.88 16.76 -23.43
CA SER B 85 13.99 15.72 -22.41
C SER B 85 12.81 15.77 -21.44
N LEU B 86 11.62 15.91 -21.99
CA LEU B 86 10.43 16.09 -21.18
C LEU B 86 10.13 14.84 -20.36
N ARG B 87 9.81 15.04 -19.09
CA ARG B 87 9.53 13.98 -18.14
C ARG B 87 8.08 14.11 -17.67
N ALA B 88 7.67 13.18 -16.81
CA ALA B 88 6.31 13.22 -16.27
C ALA B 88 6.11 14.42 -15.36
N GLU B 89 7.17 14.88 -14.68
CA GLU B 89 7.07 16.04 -13.82
C GLU B 89 6.82 17.33 -14.60
N ASP B 90 7.07 17.33 -15.90
CA ASP B 90 6.86 18.52 -16.72
C ASP B 90 5.40 18.72 -17.10
N THR B 91 4.52 17.78 -16.78
CA THR B 91 3.10 17.95 -17.04
C THR B 91 2.55 19.02 -16.11
N ALA B 92 2.17 20.17 -16.67
CA ALA B 92 1.72 21.30 -15.86
C ALA B 92 1.04 22.31 -16.76
N VAL B 93 0.29 23.22 -16.15
CA VAL B 93 -0.25 24.39 -16.83
C VAL B 93 0.83 25.46 -16.85
N TYR B 94 1.24 25.88 -18.05
CA TYR B 94 2.32 26.84 -18.22
C TYR B 94 1.74 28.23 -18.47
N TYR B 95 2.21 29.20 -17.70
CA TYR B 95 1.82 30.60 -17.84
C TYR B 95 2.99 31.42 -18.35
N CYS B 96 2.67 32.49 -19.08
CA CYS B 96 3.63 33.54 -19.38
C CYS B 96 3.22 34.80 -18.63
N ALA B 97 4.21 35.49 -18.05
CA ALA B 97 3.95 36.64 -17.21
C ALA B 97 4.98 37.72 -17.48
N ARG B 98 4.57 38.97 -17.28
CA ARG B 98 5.46 40.11 -17.47
C ARG B 98 6.11 40.49 -16.14
N GLY B 99 7.39 40.89 -16.22
CA GLY B 99 8.11 41.37 -15.06
C GLY B 99 7.69 42.77 -14.65
N SER B 100 8.53 43.49 -13.92
CA SER B 100 8.16 44.77 -13.33
C SER B 100 9.29 45.76 -13.46
N HIS B 101 8.93 47.05 -13.46
CA HIS B 101 9.91 48.13 -13.50
C HIS B 101 10.24 48.67 -12.12
N TYR B 102 9.24 48.79 -11.25
CA TYR B 102 9.40 49.43 -9.96
C TYR B 102 9.15 48.45 -8.82
N PHE B 103 9.75 48.75 -7.67
CA PHE B 103 9.60 47.97 -6.45
C PHE B 103 9.97 46.51 -6.68
N GLY B 104 11.16 46.31 -7.23
CA GLY B 104 11.56 44.99 -7.68
C GLY B 104 11.07 44.70 -9.08
N HIS B 105 11.72 43.73 -9.72
CA HIS B 105 11.41 43.37 -11.09
C HIS B 105 10.70 42.04 -11.24
N TRP B 106 10.60 41.25 -10.18
CA TRP B 106 10.17 39.87 -10.28
C TRP B 106 8.87 39.63 -9.51
N HIS B 107 7.98 40.62 -9.55
CA HIS B 107 6.57 40.41 -9.23
C HIS B 107 5.77 40.64 -10.51
N PHE B 108 4.82 39.74 -10.76
CA PHE B 108 4.19 39.62 -12.07
C PHE B 108 2.72 40.06 -11.98
N ALA B 109 2.39 41.15 -12.68
CA ALA B 109 1.04 41.68 -12.67
C ALA B 109 0.23 41.30 -13.90
N VAL B 110 0.88 40.95 -15.01
CA VAL B 110 0.20 40.62 -16.26
C VAL B 110 0.50 39.17 -16.59
N TRP B 111 -0.55 38.34 -16.65
CA TRP B 111 -0.42 36.92 -16.89
C TRP B 111 -1.13 36.51 -18.17
N GLY B 112 -0.69 35.38 -18.72
CA GLY B 112 -1.41 34.75 -19.82
C GLY B 112 -2.49 33.80 -19.31
N GLN B 113 -3.28 33.28 -20.25
CA GLN B 113 -4.39 32.41 -19.86
C GLN B 113 -3.93 31.04 -19.41
N GLY B 114 -2.71 30.64 -19.73
CA GLY B 114 -2.21 29.34 -19.33
C GLY B 114 -2.67 28.21 -20.22
N THR B 115 -1.73 27.39 -20.68
CA THR B 115 -2.03 26.24 -21.53
C THR B 115 -1.51 24.97 -20.85
N LEU B 116 -2.27 23.89 -20.98
CA LEU B 116 -1.93 22.63 -20.32
C LEU B 116 -1.03 21.78 -21.22
N VAL B 117 0.07 21.31 -20.66
CA VAL B 117 1.02 20.45 -21.37
C VAL B 117 0.98 19.09 -20.71
N THR B 118 0.52 18.08 -21.44
CA THR B 118 0.41 16.72 -20.95
C THR B 118 1.51 15.88 -21.59
N VAL B 119 2.44 15.41 -20.77
CA VAL B 119 3.53 14.54 -21.23
C VAL B 119 3.06 13.10 -21.10
N SER B 120 2.81 12.45 -22.24
CA SER B 120 2.32 11.08 -22.24
C SER B 120 2.50 10.50 -23.64
N SER B 121 2.82 9.20 -23.69
CA SER B 121 2.96 8.48 -24.94
C SER B 121 1.63 7.95 -25.46
N ALA B 122 0.54 8.15 -24.73
CA ALA B 122 -0.76 7.65 -25.16
C ALA B 122 -1.25 8.44 -26.37
N SER B 123 -2.26 7.88 -27.04
CA SER B 123 -2.83 8.48 -28.24
C SER B 123 -4.02 9.36 -27.88
N THR B 124 -4.20 10.42 -28.66
CA THR B 124 -5.32 11.32 -28.46
C THR B 124 -6.62 10.65 -28.88
N LYS B 125 -7.65 10.81 -28.05
CA LYS B 125 -8.96 10.23 -28.32
C LYS B 125 -10.03 11.29 -28.13
N GLY B 126 -10.96 11.38 -29.09
CA GLY B 126 -12.04 12.32 -29.03
C GLY B 126 -13.18 11.83 -28.15
N PRO B 127 -13.93 12.77 -27.59
CA PRO B 127 -15.01 12.40 -26.66
C PRO B 127 -16.33 12.08 -27.36
N SER B 128 -17.16 11.33 -26.64
CA SER B 128 -18.53 11.07 -27.04
C SER B 128 -19.46 11.90 -26.17
N VAL B 129 -20.29 12.72 -26.81
CA VAL B 129 -21.16 13.65 -26.10
C VAL B 129 -22.57 13.08 -26.07
N PHE B 130 -23.06 12.81 -24.86
CA PHE B 130 -24.40 12.29 -24.66
C PHE B 130 -25.24 13.31 -23.88
N PRO B 131 -26.54 13.38 -24.16
CA PRO B 131 -27.39 14.34 -23.45
C PRO B 131 -27.95 13.80 -22.14
N LEU B 132 -28.11 14.73 -21.19
CA LEU B 132 -28.77 14.46 -19.92
C LEU B 132 -30.12 15.18 -19.97
N ALA B 133 -31.14 14.46 -20.44
CA ALA B 133 -32.44 15.07 -20.71
C ALA B 133 -33.22 15.26 -19.42
N PRO B 134 -33.96 16.36 -19.30
CA PRO B 134 -34.77 16.58 -18.09
C PRO B 134 -36.00 15.69 -18.07
N SER B 135 -36.57 15.55 -16.88
CA SER B 135 -37.74 14.70 -16.68
C SER B 135 -38.98 15.30 -17.35
N GLY B 142 -41.15 24.07 -11.37
CA GLY B 142 -40.28 25.13 -10.90
C GLY B 142 -38.98 25.23 -11.66
N THR B 143 -37.97 24.50 -11.19
CA THR B 143 -36.65 24.48 -11.82
C THR B 143 -36.37 23.09 -12.37
N ALA B 144 -35.88 23.05 -13.61
CA ALA B 144 -35.48 21.81 -14.26
C ALA B 144 -33.97 21.78 -14.46
N ALA B 145 -33.41 20.58 -14.51
CA ALA B 145 -31.99 20.39 -14.71
C ALA B 145 -31.74 19.54 -15.95
N LEU B 146 -30.72 19.91 -16.70
CA LEU B 146 -30.31 19.18 -17.89
C LEU B 146 -28.82 19.38 -18.09
N GLY B 147 -28.22 18.52 -18.91
CA GLY B 147 -26.78 18.63 -19.09
C GLY B 147 -26.28 17.75 -20.21
N CYS B 148 -24.95 17.71 -20.33
CA CYS B 148 -24.26 16.92 -21.32
C CYS B 148 -23.23 16.03 -20.63
N LEU B 149 -23.11 14.80 -21.11
CA LEU B 149 -22.12 13.84 -20.59
C LEU B 149 -21.00 13.71 -21.62
N VAL B 150 -19.84 14.27 -21.29
CA VAL B 150 -18.66 14.17 -22.13
C VAL B 150 -17.82 12.99 -21.65
N LYS B 151 -17.66 11.98 -22.49
CA LYS B 151 -17.13 10.69 -22.03
C LYS B 151 -16.05 10.19 -22.96
N ASP B 152 -15.02 9.58 -22.36
CA ASP B 152 -13.98 8.82 -23.05
C ASP B 152 -13.19 9.72 -24.01
N TYR B 153 -12.36 10.56 -23.41
CA TYR B 153 -11.45 11.42 -24.17
C TYR B 153 -10.09 11.45 -23.50
N PHE B 154 -9.08 11.84 -24.27
CA PHE B 154 -7.73 11.99 -23.77
C PHE B 154 -6.91 12.84 -24.75
N PRO B 155 -6.10 13.76 -24.22
CA PRO B 155 -6.01 14.07 -22.80
C PRO B 155 -6.87 15.27 -22.40
N GLU B 156 -6.62 15.82 -21.21
CA GLU B 156 -7.24 17.06 -20.79
C GLU B 156 -6.69 18.20 -21.65
N PRO B 157 -7.44 19.30 -21.78
CA PRO B 157 -8.77 19.55 -21.23
C PRO B 157 -9.90 19.52 -22.25
N VAL B 158 -11.12 19.71 -21.78
CA VAL B 158 -12.31 19.87 -22.61
C VAL B 158 -13.07 21.08 -22.11
N THR B 159 -13.39 22.00 -23.01
CA THR B 159 -14.15 23.20 -22.68
C THR B 159 -15.60 23.00 -23.11
N VAL B 160 -16.53 23.23 -22.18
CA VAL B 160 -17.96 23.09 -22.44
C VAL B 160 -18.63 24.43 -22.21
N SER B 161 -19.40 24.87 -23.20
CA SER B 161 -20.22 26.07 -23.08
C SER B 161 -21.65 25.72 -23.48
N TRP B 162 -22.58 26.58 -23.10
CA TRP B 162 -24.01 26.36 -23.36
C TRP B 162 -24.55 27.52 -24.19
N ASN B 163 -25.18 27.18 -25.32
CA ASN B 163 -25.75 28.17 -26.23
C ASN B 163 -24.70 29.18 -26.69
N SER B 164 -23.53 28.65 -27.07
CA SER B 164 -22.41 29.45 -27.58
C SER B 164 -21.97 30.54 -26.60
N GLY B 165 -22.02 30.24 -25.30
CA GLY B 165 -21.60 31.18 -24.29
C GLY B 165 -22.69 32.10 -23.77
N ALA B 166 -23.85 32.12 -24.42
CA ALA B 166 -24.93 33.01 -23.97
C ALA B 166 -25.49 32.57 -22.62
N LEU B 167 -25.47 31.27 -22.34
CA LEU B 167 -26.01 30.72 -21.10
C LEU B 167 -24.85 30.34 -20.19
N THR B 168 -24.63 31.14 -19.14
CA THR B 168 -23.59 30.86 -18.15
C THR B 168 -24.11 30.78 -16.73
N SER B 169 -25.26 31.38 -16.43
CA SER B 169 -25.80 31.33 -15.08
C SER B 169 -26.38 29.96 -14.79
N GLY B 170 -26.10 29.46 -13.58
CA GLY B 170 -26.58 28.15 -13.19
C GLY B 170 -25.88 26.99 -13.87
N VAL B 171 -24.78 27.24 -14.56
CA VAL B 171 -24.03 26.18 -15.25
C VAL B 171 -23.00 25.60 -14.30
N HIS B 172 -22.89 24.28 -14.26
CA HIS B 172 -21.93 23.58 -13.42
C HIS B 172 -21.19 22.56 -14.28
N THR B 173 -19.97 22.89 -14.69
CA THR B 173 -19.10 21.95 -15.37
C THR B 173 -18.19 21.30 -14.34
N PHE B 174 -18.40 20.01 -14.10
CA PHE B 174 -17.71 19.32 -13.03
C PHE B 174 -16.28 18.97 -13.41
N PRO B 175 -15.40 18.77 -12.43
CA PRO B 175 -14.06 18.26 -12.73
C PRO B 175 -14.13 16.89 -13.40
N ALA B 176 -13.26 16.68 -14.37
CA ALA B 176 -13.20 15.40 -15.05
C ALA B 176 -12.70 14.31 -14.10
N VAL B 177 -13.17 13.09 -14.33
CA VAL B 177 -12.72 11.92 -13.57
C VAL B 177 -11.89 11.05 -14.48
N LEU B 178 -10.85 10.42 -13.91
CA LEU B 178 -10.02 9.49 -14.65
C LEU B 178 -10.61 8.09 -14.51
N GLN B 179 -11.19 7.58 -15.58
CA GLN B 179 -11.80 6.26 -15.56
C GLN B 179 -10.74 5.17 -15.57
N SER B 180 -11.17 3.95 -15.24
CA SER B 180 -10.23 2.82 -15.19
C SER B 180 -9.66 2.52 -16.57
N SER B 181 -10.39 2.85 -17.63
CA SER B 181 -9.90 2.62 -18.99
C SER B 181 -8.77 3.56 -19.39
N GLY B 182 -8.36 4.48 -18.51
CA GLY B 182 -7.36 5.45 -18.84
C GLY B 182 -7.86 6.68 -19.55
N LEU B 183 -9.17 6.78 -19.78
CA LEU B 183 -9.77 7.92 -20.45
C LEU B 183 -10.50 8.80 -19.44
N TYR B 184 -10.76 10.04 -19.84
CA TYR B 184 -11.43 11.01 -18.99
C TYR B 184 -12.90 11.09 -19.33
N SER B 185 -13.68 11.62 -18.38
CA SER B 185 -15.12 11.76 -18.55
C SER B 185 -15.63 12.82 -17.60
N LEU B 186 -16.31 13.84 -18.12
CA LEU B 186 -16.89 14.89 -17.30
C LEU B 186 -18.33 15.13 -17.73
N SER B 187 -19.04 15.90 -16.93
CA SER B 187 -20.42 16.28 -17.23
C SER B 187 -20.61 17.75 -16.90
N SER B 188 -21.41 18.44 -17.71
CA SER B 188 -21.76 19.83 -17.49
C SER B 188 -23.28 19.94 -17.44
N VAL B 189 -23.81 20.46 -16.34
CA VAL B 189 -25.25 20.56 -16.14
C VAL B 189 -25.62 22.04 -16.05
N VAL B 190 -26.92 22.30 -16.14
CA VAL B 190 -27.45 23.67 -16.06
C VAL B 190 -28.87 23.58 -15.54
N THR B 191 -29.24 24.54 -14.70
CA THR B 191 -30.59 24.63 -14.15
C THR B 191 -31.33 25.76 -14.85
N VAL B 192 -32.49 25.43 -15.42
CA VAL B 192 -33.30 26.40 -16.16
C VAL B 192 -34.73 26.34 -15.63
N PRO B 193 -35.52 27.38 -15.85
CA PRO B 193 -36.93 27.32 -15.46
C PRO B 193 -37.67 26.24 -16.24
N SER B 194 -38.58 25.56 -15.54
CA SER B 194 -39.30 24.45 -16.15
C SER B 194 -40.21 24.91 -17.28
N SER B 195 -40.66 26.17 -17.24
CA SER B 195 -41.56 26.70 -18.26
C SER B 195 -40.85 27.05 -19.56
N SER B 196 -39.53 26.89 -19.63
CA SER B 196 -38.76 27.26 -20.82
C SER B 196 -38.29 26.06 -21.63
N LEU B 197 -38.59 24.84 -21.19
CA LEU B 197 -38.12 23.65 -21.91
C LEU B 197 -38.79 23.50 -23.27
N GLY B 198 -39.96 24.10 -23.47
CA GLY B 198 -40.65 23.99 -24.74
C GLY B 198 -40.28 25.07 -25.73
N THR B 199 -39.95 26.27 -25.24
CA THR B 199 -39.63 27.41 -26.07
C THR B 199 -38.15 27.59 -26.31
N GLN B 200 -37.35 27.57 -25.25
CA GLN B 200 -35.92 27.83 -25.35
C GLN B 200 -35.17 26.53 -25.66
N THR B 201 -34.26 26.61 -26.63
CA THR B 201 -33.40 25.48 -26.94
C THR B 201 -32.13 25.54 -26.10
N TYR B 202 -31.47 24.40 -25.96
CA TYR B 202 -30.27 24.30 -25.14
C TYR B 202 -29.26 23.41 -25.85
N ILE B 203 -28.20 24.02 -26.39
CA ILE B 203 -27.14 23.33 -27.08
C ILE B 203 -25.87 23.45 -26.25
N CYS B 204 -25.26 22.32 -25.90
CA CYS B 204 -23.97 22.33 -25.24
C CYS B 204 -22.87 22.20 -26.28
N ASN B 205 -21.83 23.02 -26.13
CA ASN B 205 -20.73 23.09 -27.09
C ASN B 205 -19.50 22.46 -26.45
N VAL B 206 -19.12 21.29 -26.93
CA VAL B 206 -17.98 20.55 -26.41
C VAL B 206 -16.82 20.70 -27.38
N ASN B 207 -15.70 21.20 -26.88
CA ASN B 207 -14.50 21.42 -27.68
C ASN B 207 -13.34 20.66 -27.08
N HIS B 208 -12.68 19.83 -27.89
CA HIS B 208 -11.50 19.09 -27.48
C HIS B 208 -10.40 19.42 -28.49
N LYS B 209 -9.55 20.39 -28.13
CA LYS B 209 -8.52 20.84 -29.05
C LYS B 209 -7.49 19.77 -29.42
N PRO B 210 -6.99 18.93 -28.51
CA PRO B 210 -5.98 17.94 -28.92
C PRO B 210 -6.43 17.00 -30.03
N SER B 211 -7.73 16.82 -30.22
CA SER B 211 -8.25 15.96 -31.28
C SER B 211 -9.01 16.72 -32.35
N ASN B 212 -9.02 18.06 -32.28
CA ASN B 212 -9.74 18.90 -33.23
C ASN B 212 -11.22 18.51 -33.27
N THR B 213 -11.78 18.22 -32.10
CA THR B 213 -13.17 17.77 -31.98
C THR B 213 -14.02 18.90 -31.43
N LYS B 214 -15.08 19.24 -32.16
CA LYS B 214 -16.03 20.27 -31.75
C LYS B 214 -17.44 19.74 -32.00
N VAL B 215 -18.13 19.36 -30.92
CA VAL B 215 -19.45 18.76 -31.01
C VAL B 215 -20.47 19.72 -30.41
N ASP B 216 -21.60 19.89 -31.10
CA ASP B 216 -22.72 20.69 -30.62
C ASP B 216 -23.94 19.79 -30.51
N LYS B 217 -24.30 19.42 -29.28
CA LYS B 217 -25.42 18.53 -29.02
C LYS B 217 -26.57 19.31 -28.40
N LYS B 218 -27.78 19.07 -28.90
CA LYS B 218 -28.99 19.70 -28.40
C LYS B 218 -29.67 18.76 -27.41
N VAL B 219 -29.92 19.27 -26.21
CA VAL B 219 -30.57 18.48 -25.15
C VAL B 219 -32.07 18.74 -25.23
N GLU B 220 -32.83 17.70 -25.59
CA GLU B 220 -34.27 17.79 -25.75
C GLU B 220 -34.99 16.99 -24.67
N PRO B 221 -36.16 17.46 -24.23
CA PRO B 221 -36.94 16.67 -23.26
C PRO B 221 -37.45 15.38 -23.90
N LYS B 222 -37.18 14.26 -23.23
CA LYS B 222 -37.58 12.95 -23.73
C LYS B 222 -39.10 12.78 -23.71
N ASP C 1 -17.65 -29.17 7.77
CA ASP C 1 -16.92 -28.95 6.53
C ASP C 1 -15.54 -29.60 6.59
N ILE C 2 -15.13 -30.20 5.47
CA ILE C 2 -13.86 -30.91 5.41
C ILE C 2 -12.80 -29.96 4.86
N GLN C 3 -11.79 -29.68 5.67
CA GLN C 3 -10.66 -28.85 5.27
C GLN C 3 -9.46 -29.73 4.94
N LEU C 4 -8.66 -29.28 3.97
CA LEU C 4 -7.53 -30.05 3.47
C LEU C 4 -6.23 -29.28 3.70
N THR C 5 -5.17 -30.02 3.99
CA THR C 5 -3.84 -29.46 4.21
C THR C 5 -2.86 -30.22 3.31
N GLN C 6 -2.53 -29.63 2.17
CA GLN C 6 -1.63 -30.24 1.21
C GLN C 6 -0.21 -29.70 1.41
N SER C 7 0.77 -30.56 1.26
CA SER C 7 2.17 -30.21 1.50
C SER C 7 3.11 -31.05 0.67
N PRO C 8 4.23 -30.47 0.20
CA PRO C 8 4.61 -29.07 0.41
C PRO C 8 3.95 -28.12 -0.58
N SER C 9 4.25 -26.82 -0.46
CA SER C 9 3.69 -25.84 -1.39
C SER C 9 4.36 -25.94 -2.76
N SER C 10 5.67 -26.17 -2.77
CA SER C 10 6.42 -26.31 -4.01
C SER C 10 7.65 -27.16 -3.73
N LEU C 11 8.15 -27.81 -4.79
CA LEU C 11 9.35 -28.62 -4.67
C LEU C 11 10.06 -28.69 -6.01
N SER C 12 11.38 -28.82 -5.97
CA SER C 12 12.20 -28.99 -7.16
C SER C 12 12.92 -30.32 -7.06
N ALA C 13 12.87 -31.10 -8.14
CA ALA C 13 13.45 -32.43 -8.16
C ALA C 13 14.05 -32.74 -9.53
N SER C 14 15.09 -33.55 -9.53
CA SER C 14 15.76 -33.94 -10.77
C SER C 14 14.93 -34.99 -11.51
N VAL C 15 15.22 -35.14 -12.80
CA VAL C 15 14.54 -36.16 -13.59
C VAL C 15 14.92 -37.54 -13.07
N GLY C 16 13.91 -38.41 -12.93
CA GLY C 16 14.13 -39.73 -12.40
C GLY C 16 14.04 -39.85 -10.90
N ASP C 17 13.80 -38.76 -10.19
CA ASP C 17 13.70 -38.78 -8.75
C ASP C 17 12.28 -39.14 -8.33
N ARG C 18 12.08 -39.29 -7.01
CA ARG C 18 10.83 -39.71 -6.43
C ARG C 18 10.18 -38.53 -5.74
N VAL C 19 9.00 -38.13 -6.22
CA VAL C 19 8.26 -37.00 -5.68
C VAL C 19 7.18 -37.54 -4.75
N THR C 20 7.06 -36.93 -3.57
CA THR C 20 6.11 -37.37 -2.55
C THR C 20 5.31 -36.16 -2.09
N ILE C 21 4.00 -36.19 -2.32
CA ILE C 21 3.11 -35.11 -1.93
C ILE C 21 2.07 -35.68 -0.96
N THR C 22 1.83 -34.96 0.13
CA THR C 22 0.91 -35.41 1.16
C THR C 22 -0.30 -34.49 1.24
N CYS C 23 -1.40 -35.03 1.76
CA CYS C 23 -2.65 -34.31 1.90
C CYS C 23 -3.35 -34.81 3.15
N ARG C 24 -3.69 -33.90 4.06
CA ARG C 24 -4.36 -34.24 5.30
C ARG C 24 -5.75 -33.65 5.31
N ALA C 25 -6.73 -34.45 5.73
CA ALA C 25 -8.12 -34.02 5.83
C ALA C 25 -8.49 -33.83 7.29
N SER C 26 -9.25 -32.77 7.57
CA SER C 26 -9.65 -32.49 8.95
C SER C 26 -10.58 -33.55 9.52
N GLN C 27 -11.18 -34.37 8.66
CA GLN C 27 -12.00 -35.49 9.11
C GLN C 27 -12.00 -36.57 8.04
N SER C 28 -12.42 -37.76 8.44
CA SER C 28 -12.34 -38.92 7.56
C SER C 28 -13.21 -38.74 6.33
N VAL C 29 -12.69 -39.21 5.18
CA VAL C 29 -13.42 -39.18 3.92
C VAL C 29 -13.74 -40.60 3.48
N ASP C 30 -13.83 -41.52 4.44
CA ASP C 30 -14.14 -42.90 4.15
C ASP C 30 -15.64 -43.12 4.08
N TYR C 31 -16.06 -44.01 3.18
CA TYR C 31 -17.47 -44.39 3.07
C TYR C 31 -17.55 -45.75 2.38
N ASP C 32 -18.00 -46.76 3.12
CA ASP C 32 -18.18 -48.10 2.57
C ASP C 32 -16.86 -48.72 2.11
N GLY C 33 -15.82 -48.57 2.94
CA GLY C 33 -14.52 -49.14 2.64
C GLY C 33 -13.67 -48.36 1.66
N ASP C 34 -14.20 -47.32 1.04
CA ASP C 34 -13.46 -46.51 0.08
C ASP C 34 -13.15 -45.14 0.68
N SER C 35 -12.02 -44.58 0.26
CA SER C 35 -11.58 -43.26 0.71
C SER C 35 -11.70 -42.30 -0.47
N TYR C 36 -12.63 -41.35 -0.37
CA TYR C 36 -12.93 -40.43 -1.47
C TYR C 36 -11.94 -39.28 -1.47
N MET C 37 -10.69 -39.62 -1.76
CA MET C 37 -9.61 -38.66 -1.97
C MET C 37 -9.12 -38.80 -3.40
N ASN C 38 -8.96 -37.67 -4.09
CA ASN C 38 -8.58 -37.68 -5.49
C ASN C 38 -7.38 -36.77 -5.70
N TRP C 39 -6.68 -36.98 -6.81
CA TRP C 39 -5.49 -36.21 -7.16
C TRP C 39 -5.59 -35.72 -8.59
N TYR C 40 -5.23 -34.46 -8.80
CA TYR C 40 -5.31 -33.82 -10.11
C TYR C 40 -3.94 -33.29 -10.51
N GLN C 41 -3.78 -33.09 -11.82
CA GLN C 41 -2.57 -32.52 -12.40
C GLN C 41 -2.98 -31.39 -13.33
N GLN C 42 -2.43 -30.20 -13.08
CA GLN C 42 -2.75 -29.02 -13.89
C GLN C 42 -1.48 -28.42 -14.43
N LYS C 43 -1.35 -28.40 -15.75
CA LYS C 43 -0.24 -27.79 -16.46
C LYS C 43 -0.62 -26.38 -16.91
N PRO C 44 0.36 -25.51 -17.15
CA PRO C 44 0.03 -24.11 -17.43
C PRO C 44 -0.87 -23.96 -18.66
N GLY C 45 -1.98 -23.25 -18.46
CA GLY C 45 -2.92 -22.98 -19.51
C GLY C 45 -4.00 -24.03 -19.71
N LYS C 46 -3.81 -25.22 -19.17
CA LYS C 46 -4.74 -26.33 -19.39
C LYS C 46 -5.66 -26.51 -18.19
N ALA C 47 -6.76 -27.23 -18.43
CA ALA C 47 -7.66 -27.63 -17.36
C ALA C 47 -7.02 -28.72 -16.51
N PRO C 48 -7.44 -28.86 -15.26
CA PRO C 48 -6.90 -29.93 -14.42
C PRO C 48 -7.21 -31.30 -14.98
N LYS C 49 -6.29 -32.24 -14.77
CA LYS C 49 -6.39 -33.60 -15.28
C LYS C 49 -6.43 -34.57 -14.12
N LEU C 50 -7.47 -35.40 -14.06
CA LEU C 50 -7.62 -36.37 -12.99
C LEU C 50 -6.58 -37.47 -13.15
N LEU C 51 -5.78 -37.70 -12.10
CA LEU C 51 -4.78 -38.76 -12.08
C LEU C 51 -5.25 -39.96 -11.25
N ILE C 52 -5.61 -39.72 -9.99
CA ILE C 52 -6.00 -40.77 -9.07
C ILE C 52 -7.38 -40.43 -8.52
N TYR C 53 -8.24 -41.45 -8.44
CA TYR C 53 -9.53 -41.33 -7.79
C TYR C 53 -9.65 -42.40 -6.72
N ALA C 54 -10.45 -42.10 -5.68
CA ALA C 54 -10.67 -43.00 -4.56
C ALA C 54 -9.34 -43.46 -3.95
N ALA C 55 -8.47 -42.48 -3.69
CA ALA C 55 -7.21 -42.65 -2.96
C ALA C 55 -6.13 -43.37 -3.77
N SER C 56 -6.46 -44.51 -4.38
CA SER C 56 -5.41 -45.33 -4.98
C SER C 56 -5.72 -45.89 -6.36
N TYR C 57 -6.85 -45.55 -6.97
CA TYR C 57 -7.20 -46.07 -8.28
C TYR C 57 -6.62 -45.17 -9.37
N LEU C 58 -5.92 -45.79 -10.32
CA LEU C 58 -5.25 -45.04 -11.39
C LEU C 58 -6.21 -44.79 -12.54
N GLU C 59 -6.32 -43.54 -12.95
CA GLU C 59 -7.19 -43.19 -14.07
C GLU C 59 -6.64 -43.76 -15.38
N SER C 60 -7.55 -44.17 -16.26
CA SER C 60 -7.16 -44.75 -17.53
C SER C 60 -6.35 -43.76 -18.37
N GLY C 61 -5.20 -44.21 -18.87
CA GLY C 61 -4.32 -43.38 -19.66
C GLY C 61 -3.17 -42.78 -18.88
N VAL C 62 -3.29 -42.69 -17.56
CA VAL C 62 -2.23 -42.11 -16.74
C VAL C 62 -1.11 -43.14 -16.59
N PRO C 63 0.15 -42.75 -16.81
CA PRO C 63 1.26 -43.71 -16.66
C PRO C 63 1.36 -44.22 -15.23
N SER C 64 1.92 -45.43 -15.10
CA SER C 64 1.95 -46.13 -13.82
C SER C 64 2.94 -45.52 -12.82
N ARG C 65 3.74 -44.55 -13.24
CA ARG C 65 4.64 -43.91 -12.27
C ARG C 65 3.90 -43.04 -11.27
N PHE C 66 2.62 -42.73 -11.52
CA PHE C 66 1.79 -42.05 -10.55
C PHE C 66 1.03 -43.09 -9.71
N SER C 67 1.01 -42.87 -8.39
CA SER C 67 0.29 -43.77 -7.50
C SER C 67 -0.14 -43.01 -6.26
N GLY C 68 -1.31 -43.36 -5.74
CA GLY C 68 -1.80 -42.79 -4.51
C GLY C 68 -2.00 -43.84 -3.44
N SER C 69 -2.04 -43.43 -2.18
CA SER C 69 -2.20 -44.37 -1.08
C SER C 69 -2.75 -43.63 0.13
N GLY C 70 -3.16 -44.40 1.12
CA GLY C 70 -3.68 -43.86 2.36
C GLY C 70 -5.18 -44.06 2.49
N SER C 71 -5.67 -43.78 3.69
CA SER C 71 -7.09 -43.89 4.00
C SER C 71 -7.40 -42.96 5.16
N GLY C 72 -8.69 -42.77 5.42
CA GLY C 72 -9.11 -41.92 6.51
C GLY C 72 -8.79 -40.45 6.29
N THR C 73 -7.66 -40.00 6.83
CA THR C 73 -7.28 -38.60 6.76
C THR C 73 -5.86 -38.35 6.25
N ASP C 74 -5.05 -39.40 6.07
CA ASP C 74 -3.67 -39.24 5.61
C ASP C 74 -3.53 -39.90 4.24
N PHE C 75 -3.15 -39.11 3.24
CA PHE C 75 -3.02 -39.59 1.87
C PHE C 75 -1.71 -39.10 1.29
N THR C 76 -1.23 -39.81 0.27
CA THR C 76 0.06 -39.51 -0.35
C THR C 76 -0.02 -39.75 -1.84
N LEU C 77 0.47 -38.78 -2.61
CA LEU C 77 0.67 -38.94 -4.05
C LEU C 77 2.15 -39.13 -4.31
N THR C 78 2.48 -40.12 -5.14
CA THR C 78 3.86 -40.51 -5.37
C THR C 78 4.12 -40.59 -6.87
N ILE C 79 5.17 -39.91 -7.32
CA ILE C 79 5.71 -40.07 -8.67
C ILE C 79 7.03 -40.82 -8.53
N SER C 80 7.04 -42.08 -8.94
CA SER C 80 8.20 -42.94 -8.68
C SER C 80 9.44 -42.45 -9.42
N SER C 81 9.27 -42.01 -10.66
CA SER C 81 10.40 -41.54 -11.48
C SER C 81 9.94 -40.29 -12.22
N LEU C 82 10.39 -39.13 -11.76
CA LEU C 82 9.94 -37.86 -12.32
C LEU C 82 10.43 -37.69 -13.75
N GLN C 83 9.54 -37.28 -14.64
CA GLN C 83 9.83 -37.02 -16.04
C GLN C 83 9.66 -35.53 -16.34
N PRO C 84 10.34 -35.01 -17.37
CA PRO C 84 10.22 -33.58 -17.67
C PRO C 84 8.78 -33.13 -17.93
N GLU C 85 7.96 -33.98 -18.54
CA GLU C 85 6.57 -33.61 -18.81
C GLU C 85 5.70 -33.62 -17.57
N ASP C 86 6.22 -33.99 -16.41
CA ASP C 86 5.46 -33.98 -15.17
C ASP C 86 5.48 -32.63 -14.47
N PHE C 87 6.10 -31.62 -15.08
CA PHE C 87 6.03 -30.27 -14.54
C PHE C 87 4.57 -29.79 -14.57
N ALA C 88 4.03 -29.52 -13.39
CA ALA C 88 2.63 -29.11 -13.24
C ALA C 88 2.39 -28.74 -11.78
N THR C 89 1.17 -28.32 -11.50
CA THR C 89 0.70 -28.13 -10.13
C THR C 89 -0.29 -29.24 -9.80
N TYR C 90 -0.06 -29.93 -8.69
CA TYR C 90 -0.85 -31.09 -8.30
C TYR C 90 -1.77 -30.73 -7.14
N TYR C 91 -3.01 -31.18 -7.22
CA TYR C 91 -4.02 -30.91 -6.22
C TYR C 91 -4.58 -32.21 -5.67
N CYS C 92 -4.82 -32.24 -4.36
CA CYS C 92 -5.68 -33.25 -3.77
C CYS C 92 -7.09 -32.68 -3.62
N GLN C 93 -8.06 -33.58 -3.55
CA GLN C 93 -9.46 -33.16 -3.51
C GLN C 93 -10.31 -34.27 -2.93
N GLN C 94 -11.13 -33.92 -1.94
CA GLN C 94 -12.06 -34.86 -1.34
C GLN C 94 -13.40 -34.77 -2.04
N SER C 95 -13.99 -35.91 -2.36
CA SER C 95 -15.27 -35.99 -3.05
C SER C 95 -16.36 -36.57 -2.15
N HIS C 96 -16.26 -36.31 -0.84
CA HIS C 96 -17.17 -36.89 0.14
C HIS C 96 -18.26 -35.94 0.60
N GLU C 97 -17.97 -34.64 0.66
CA GLU C 97 -18.94 -33.66 1.15
C GLU C 97 -18.83 -32.37 0.37
N ASP C 98 -19.97 -31.72 0.18
CA ASP C 98 -20.05 -30.35 -0.33
C ASP C 98 -19.15 -29.46 0.52
N PRO C 99 -18.32 -28.61 -0.11
CA PRO C 99 -18.22 -28.36 -1.55
C PRO C 99 -17.08 -29.09 -2.27
N TYR C 100 -16.69 -30.26 -1.78
CA TYR C 100 -15.67 -31.09 -2.43
C TYR C 100 -14.37 -30.31 -2.60
N THR C 101 -13.78 -30.00 -1.44
CA THR C 101 -12.67 -29.07 -1.38
C THR C 101 -11.44 -29.59 -2.12
N PHE C 102 -10.76 -28.70 -2.83
CA PHE C 102 -9.47 -28.98 -3.42
C PHE C 102 -8.36 -28.54 -2.47
N GLY C 103 -7.21 -29.21 -2.58
CA GLY C 103 -6.06 -28.84 -1.77
C GLY C 103 -5.44 -27.53 -2.22
N GLN C 104 -4.46 -27.08 -1.43
CA GLN C 104 -3.80 -25.81 -1.73
C GLN C 104 -2.95 -25.92 -2.99
N GLY C 105 -2.48 -27.12 -3.31
CA GLY C 105 -1.70 -27.32 -4.51
C GLY C 105 -0.21 -27.41 -4.24
N THR C 106 0.48 -28.19 -5.06
CA THR C 106 1.93 -28.35 -4.97
C THR C 106 2.54 -28.10 -6.34
N LYS C 107 3.38 -27.07 -6.44
CA LYS C 107 4.04 -26.72 -7.70
C LYS C 107 5.30 -27.56 -7.82
N VAL C 108 5.29 -28.51 -8.76
CA VAL C 108 6.42 -29.43 -8.96
C VAL C 108 7.27 -28.90 -10.10
N GLU C 109 8.54 -28.63 -9.81
CA GLU C 109 9.50 -28.14 -10.78
C GLU C 109 10.61 -29.17 -10.98
N ILE C 110 11.26 -29.10 -12.14
CA ILE C 110 12.30 -30.04 -12.52
C ILE C 110 13.66 -29.38 -12.33
N LYS C 111 14.52 -30.00 -11.53
CA LYS C 111 15.87 -29.52 -11.28
C LYS C 111 16.79 -30.08 -12.36
N ARG C 112 17.34 -29.20 -13.20
CA ARG C 112 18.19 -29.64 -14.29
C ARG C 112 19.53 -28.91 -14.30
N THR C 113 20.32 -29.12 -15.35
CA THR C 113 21.63 -28.51 -15.45
C THR C 113 21.52 -27.06 -15.93
N VAL C 114 22.62 -26.33 -15.75
CA VAL C 114 22.67 -24.92 -16.13
C VAL C 114 22.78 -24.82 -17.65
N ALA C 115 21.92 -24.01 -18.26
CA ALA C 115 21.93 -23.78 -19.69
C ALA C 115 21.94 -22.28 -19.95
N ALA C 116 22.90 -21.83 -20.77
CA ALA C 116 23.01 -20.41 -21.09
C ALA C 116 21.90 -20.00 -22.05
N PRO C 117 21.46 -18.74 -21.99
CA PRO C 117 20.41 -18.28 -22.88
C PRO C 117 20.93 -17.79 -24.23
N SER C 118 20.14 -18.04 -25.26
CA SER C 118 20.36 -17.45 -26.58
C SER C 118 19.67 -16.10 -26.61
N VAL C 119 20.45 -15.04 -26.80
CA VAL C 119 19.96 -13.67 -26.71
C VAL C 119 19.67 -13.14 -28.10
N PHE C 120 18.44 -12.62 -28.29
CA PHE C 120 18.03 -11.96 -29.52
C PHE C 120 17.49 -10.58 -29.18
N ILE C 121 17.60 -9.65 -30.13
CA ILE C 121 17.08 -8.30 -29.96
C ILE C 121 16.26 -7.94 -31.18
N PHE C 122 15.12 -7.28 -30.96
CA PHE C 122 14.19 -6.95 -32.02
C PHE C 122 13.96 -5.44 -32.06
N PRO C 123 14.31 -4.75 -33.15
CA PRO C 123 13.98 -3.34 -33.24
C PRO C 123 12.48 -3.14 -33.41
N PRO C 124 11.95 -1.99 -33.03
CA PRO C 124 10.52 -1.74 -33.25
C PRO C 124 10.21 -1.61 -34.72
N SER C 125 9.00 -2.03 -35.08
CA SER C 125 8.56 -1.98 -36.47
C SER C 125 8.14 -0.58 -36.86
N ASP C 126 8.30 -0.26 -38.14
CA ASP C 126 7.81 1.02 -38.66
C ASP C 126 6.30 1.14 -38.54
N GLU C 127 5.59 0.01 -38.48
CA GLU C 127 4.14 0.06 -38.30
C GLU C 127 3.77 0.60 -36.93
N GLN C 128 4.53 0.23 -35.90
CA GLN C 128 4.25 0.74 -34.55
C GLN C 128 4.67 2.20 -34.41
N LEU C 129 5.72 2.62 -35.12
CA LEU C 129 6.20 3.99 -35.01
C LEU C 129 5.17 5.01 -35.48
N LYS C 130 4.25 4.61 -36.35
CA LYS C 130 3.20 5.52 -36.80
C LYS C 130 2.27 5.96 -35.67
N SER C 131 2.20 5.18 -34.59
CA SER C 131 1.36 5.52 -33.44
C SER C 131 2.12 6.27 -32.36
N GLY C 132 3.38 6.59 -32.57
CA GLY C 132 4.15 7.35 -31.59
C GLY C 132 4.73 6.55 -30.46
N THR C 133 4.84 5.23 -30.61
CA THR C 133 5.40 4.36 -29.58
C THR C 133 6.40 3.41 -30.21
N ALA C 134 7.48 3.12 -29.49
CA ALA C 134 8.54 2.24 -29.96
C ALA C 134 8.83 1.21 -28.87
N SER C 135 8.52 -0.05 -29.16
CA SER C 135 8.79 -1.16 -28.24
C SER C 135 10.00 -1.94 -28.75
N VAL C 136 11.05 -2.00 -27.92
CA VAL C 136 12.26 -2.74 -28.24
C VAL C 136 12.26 -4.00 -27.38
N VAL C 137 12.22 -5.16 -28.03
CA VAL C 137 12.08 -6.45 -27.36
C VAL C 137 13.42 -7.16 -27.37
N CYS C 138 13.80 -7.74 -26.22
CA CYS C 138 14.99 -8.57 -26.09
C CYS C 138 14.56 -9.94 -25.62
N LEU C 139 15.01 -10.98 -26.33
CA LEU C 139 14.57 -12.35 -26.08
C LEU C 139 15.72 -13.17 -25.52
N LEU C 140 15.44 -13.87 -24.41
CA LEU C 140 16.36 -14.82 -23.81
C LEU C 140 15.73 -16.20 -23.93
N ASN C 141 16.40 -17.12 -24.63
CA ASN C 141 15.76 -18.36 -25.06
C ASN C 141 16.43 -19.57 -24.44
N ASN C 142 15.63 -20.41 -23.79
CA ASN C 142 16.01 -21.77 -23.37
C ASN C 142 17.22 -21.74 -22.45
N PHE C 143 16.98 -21.26 -21.23
CA PHE C 143 18.03 -21.15 -20.23
C PHE C 143 17.57 -21.76 -18.91
N TYR C 144 18.53 -21.93 -18.01
CA TYR C 144 18.28 -22.47 -16.68
C TYR C 144 19.48 -22.14 -15.79
N PRO C 145 19.24 -21.70 -14.55
CA PRO C 145 17.94 -21.54 -13.90
C PRO C 145 17.16 -20.29 -14.31
N ARG C 146 16.11 -19.99 -13.55
CA ARG C 146 15.18 -18.93 -13.93
C ARG C 146 15.78 -17.55 -13.71
N GLU C 147 16.73 -17.41 -12.79
CA GLU C 147 17.28 -16.10 -12.45
C GLU C 147 18.08 -15.54 -13.62
N ALA C 148 17.68 -14.36 -14.10
CA ALA C 148 18.38 -13.69 -15.18
C ALA C 148 18.22 -12.19 -15.04
N LYS C 149 19.30 -11.46 -15.28
CA LYS C 149 19.31 -10.00 -15.21
C LYS C 149 19.41 -9.43 -16.62
N VAL C 150 18.53 -8.49 -16.93
CA VAL C 150 18.47 -7.85 -18.25
C VAL C 150 18.52 -6.35 -18.04
N GLN C 151 19.62 -5.73 -18.44
CA GLN C 151 19.80 -4.29 -18.33
C GLN C 151 19.77 -3.66 -19.71
N TRP C 152 19.02 -2.57 -19.86
CA TRP C 152 18.89 -1.86 -21.12
C TRP C 152 19.80 -0.64 -21.14
N LYS C 153 20.36 -0.35 -22.32
CA LYS C 153 21.21 0.82 -22.50
C LYS C 153 20.85 1.49 -23.81
N VAL C 154 20.63 2.81 -23.74
CA VAL C 154 20.32 3.63 -24.92
C VAL C 154 21.42 4.65 -25.05
N ASP C 155 22.20 4.56 -26.12
CA ASP C 155 23.40 5.39 -26.32
C ASP C 155 24.33 5.27 -25.11
N ASN C 156 24.51 4.03 -24.64
CA ASN C 156 25.34 3.67 -23.48
C ASN C 156 24.79 4.22 -22.17
N ALA C 157 23.57 4.74 -22.14
CA ALA C 157 22.97 5.23 -20.90
C ALA C 157 22.05 4.17 -20.32
N PRO C 158 22.27 3.75 -19.07
CA PRO C 158 21.38 2.75 -18.48
C PRO C 158 19.96 3.28 -18.33
N GLN C 159 18.99 2.42 -18.62
CA GLN C 159 17.58 2.78 -18.58
C GLN C 159 16.94 2.31 -17.28
N SER C 160 15.88 2.99 -16.89
CA SER C 160 15.19 2.69 -15.65
C SER C 160 13.72 3.06 -15.77
N GLY C 161 12.86 2.19 -15.25
CA GLY C 161 11.43 2.48 -15.20
C GLY C 161 10.71 2.46 -16.52
N ASN C 162 11.31 1.86 -17.56
CA ASN C 162 10.65 1.81 -18.86
C ASN C 162 10.82 0.44 -19.52
N SER C 163 10.94 -0.62 -18.73
CA SER C 163 11.06 -1.96 -19.25
C SER C 163 10.31 -2.93 -18.35
N GLN C 164 9.74 -3.97 -18.97
CA GLN C 164 9.00 -4.99 -18.24
C GLN C 164 9.39 -6.36 -18.78
N GLU C 165 9.62 -7.30 -17.87
CA GLU C 165 10.01 -8.67 -18.23
C GLU C 165 8.81 -9.60 -18.18
N SER C 166 9.00 -10.78 -18.79
CA SER C 166 7.99 -11.83 -18.77
C SER C 166 8.68 -13.16 -19.03
N VAL C 167 8.46 -14.13 -18.15
CA VAL C 167 9.13 -15.42 -18.20
C VAL C 167 8.08 -16.51 -18.44
N THR C 168 8.36 -17.39 -19.39
CA THR C 168 7.49 -18.53 -19.62
C THR C 168 7.61 -19.53 -18.47
N GLU C 169 6.67 -20.47 -18.44
CA GLU C 169 6.79 -21.58 -17.52
C GLU C 169 7.86 -22.55 -18.00
N GLN C 170 8.20 -23.51 -17.12
CA GLN C 170 9.22 -24.49 -17.46
C GLN C 170 8.75 -25.36 -18.61
N ASP C 171 9.62 -25.53 -19.61
CA ASP C 171 9.25 -26.29 -20.80
C ASP C 171 9.04 -27.76 -20.45
N SER C 172 8.08 -28.39 -21.13
CA SER C 172 7.70 -29.77 -20.84
C SER C 172 8.68 -30.79 -21.40
N LYS C 173 9.61 -30.39 -22.25
CA LYS C 173 10.54 -31.32 -22.90
C LYS C 173 11.98 -31.17 -22.46
N ASP C 174 12.47 -29.94 -22.26
N ASP C 174 12.46 -29.94 -22.28
CA ASP C 174 13.84 -29.72 -21.83
CA ASP C 174 13.83 -29.69 -21.86
C ASP C 174 13.93 -28.90 -20.55
C ASP C 174 13.92 -28.94 -20.54
N SER C 175 12.80 -28.60 -19.91
CA SER C 175 12.76 -27.96 -18.59
C SER C 175 13.48 -26.61 -18.55
N THR C 176 13.49 -25.90 -19.67
CA THR C 176 14.17 -24.61 -19.75
C THR C 176 13.17 -23.46 -19.60
N TYR C 177 13.70 -22.26 -19.38
CA TYR C 177 12.92 -21.05 -19.27
C TYR C 177 13.23 -20.13 -20.45
N SER C 178 12.29 -19.23 -20.73
CA SER C 178 12.45 -18.21 -21.75
C SER C 178 11.94 -16.89 -21.21
N LEU C 179 12.68 -15.81 -21.47
CA LEU C 179 12.38 -14.50 -20.92
C LEU C 179 12.23 -13.49 -22.04
N SER C 180 11.29 -12.57 -21.87
CA SER C 180 11.02 -11.51 -22.84
C SER C 180 11.06 -10.17 -22.12
N SER C 181 12.04 -9.34 -22.46
CA SER C 181 12.17 -7.99 -21.93
C SER C 181 11.76 -7.00 -23.01
N THR C 182 10.91 -6.04 -22.64
CA THR C 182 10.37 -5.07 -23.58
C THR C 182 10.68 -3.67 -23.09
N LEU C 183 11.46 -2.92 -23.87
CA LEU C 183 11.76 -1.52 -23.59
C LEU C 183 10.80 -0.66 -24.38
N THR C 184 9.93 0.07 -23.67
CA THR C 184 8.91 0.89 -24.30
C THR C 184 9.32 2.35 -24.24
N LEU C 185 9.45 2.98 -25.42
CA LEU C 185 9.84 4.36 -25.53
C LEU C 185 8.86 5.08 -26.45
N SER C 186 8.80 6.41 -26.31
CA SER C 186 8.06 7.21 -27.26
C SER C 186 8.83 7.29 -28.57
N LYS C 187 8.11 7.65 -29.64
CA LYS C 187 8.76 7.77 -30.94
C LYS C 187 9.81 8.87 -30.93
N ALA C 188 9.50 10.01 -30.31
CA ALA C 188 10.46 11.10 -30.25
C ALA C 188 11.71 10.69 -29.48
N ASP C 189 11.55 10.01 -28.35
CA ASP C 189 12.70 9.54 -27.59
C ASP C 189 13.48 8.48 -28.36
N TYR C 190 12.80 7.72 -29.23
CA TYR C 190 13.47 6.69 -30.00
C TYR C 190 14.24 7.28 -31.18
N GLU C 191 13.69 8.30 -31.83
CA GLU C 191 14.33 8.89 -32.99
C GLU C 191 15.56 9.71 -32.64
N LYS C 192 15.72 10.08 -31.36
CA LYS C 192 16.81 10.94 -30.93
C LYS C 192 18.05 10.18 -30.49
N HIS C 193 18.08 8.87 -30.68
CA HIS C 193 19.20 8.04 -30.24
C HIS C 193 19.57 7.05 -31.33
N LYS C 194 20.71 6.39 -31.14
CA LYS C 194 21.28 5.53 -32.16
C LYS C 194 21.49 4.10 -31.67
N VAL C 195 22.27 3.90 -30.60
CA VAL C 195 22.63 2.57 -30.15
C VAL C 195 21.64 2.10 -29.10
N TYR C 196 21.08 0.90 -29.31
CA TYR C 196 20.16 0.27 -28.38
C TYR C 196 20.69 -1.11 -28.05
N ALA C 197 21.16 -1.29 -26.81
CA ALA C 197 21.82 -2.52 -26.39
C ALA C 197 21.02 -3.22 -25.30
N CYS C 198 21.11 -4.55 -25.30
CA CYS C 198 20.48 -5.40 -24.30
C CYS C 198 21.56 -6.27 -23.68
N GLU C 199 21.90 -5.99 -22.42
CA GLU C 199 22.93 -6.72 -21.69
C GLU C 199 22.29 -7.77 -20.79
N VAL C 200 22.77 -9.01 -20.92
CA VAL C 200 22.18 -10.15 -20.22
C VAL C 200 23.22 -10.75 -19.29
N THR C 201 22.83 -10.95 -18.03
CA THR C 201 23.66 -11.61 -17.03
C THR C 201 22.95 -12.87 -16.56
N HIS C 202 23.63 -14.00 -16.66
CA HIS C 202 23.06 -15.28 -16.29
C HIS C 202 24.16 -16.19 -15.77
N GLN C 203 23.76 -17.19 -14.97
CA GLN C 203 24.72 -18.10 -14.37
C GLN C 203 25.51 -18.86 -15.43
N GLY C 204 24.86 -19.23 -16.53
CA GLY C 204 25.52 -19.97 -17.58
C GLY C 204 26.50 -19.16 -18.41
N LEU C 205 26.54 -17.85 -18.23
CA LEU C 205 27.41 -16.98 -19.00
C LEU C 205 28.60 -16.56 -18.15
N SER C 206 29.81 -16.70 -18.69
CA SER C 206 31.00 -16.23 -17.99
C SER C 206 31.05 -14.71 -17.96
N SER C 207 30.89 -14.08 -19.12
CA SER C 207 30.80 -12.64 -19.25
C SER C 207 29.40 -12.24 -19.72
N PRO C 208 28.93 -11.06 -19.33
CA PRO C 208 27.59 -10.62 -19.78
C PRO C 208 27.56 -10.49 -21.31
N VAL C 209 26.44 -10.92 -21.89
CA VAL C 209 26.23 -10.90 -23.33
C VAL C 209 25.42 -9.66 -23.70
N THR C 210 25.88 -8.93 -24.71
CA THR C 210 25.21 -7.71 -25.16
C THR C 210 24.87 -7.85 -26.64
N LYS C 211 23.57 -7.81 -26.93
CA LYS C 211 23.08 -7.75 -28.31
C LYS C 211 22.53 -6.35 -28.57
N SER C 212 23.00 -5.72 -29.64
CA SER C 212 22.65 -4.34 -29.92
C SER C 212 22.39 -4.15 -31.40
N PHE C 213 21.77 -3.02 -31.73
CA PHE C 213 21.56 -2.61 -33.11
C PHE C 213 21.57 -1.09 -33.16
N ASN C 214 21.77 -0.57 -34.37
CA ASN C 214 21.74 0.88 -34.60
C ASN C 214 20.45 1.23 -35.33
N ARG C 215 19.76 2.24 -34.82
CA ARG C 215 18.48 2.64 -35.39
C ARG C 215 18.63 3.07 -36.84
N GLY C 216 17.99 2.34 -37.74
CA GLY C 216 18.06 2.67 -39.15
C GLY C 216 19.43 2.50 -39.75
N GLU C 217 20.20 1.50 -39.29
CA GLU C 217 21.53 1.26 -39.79
C GLU C 217 21.96 -0.18 -39.53
N GLU D 1 -15.50 -38.96 -28.82
CA GLU D 1 -14.77 -38.25 -27.77
C GLU D 1 -15.61 -37.12 -27.20
N VAL D 2 -15.90 -37.17 -25.90
CA VAL D 2 -16.71 -36.15 -25.27
C VAL D 2 -15.92 -34.85 -25.19
N GLN D 3 -16.52 -33.77 -25.66
CA GLN D 3 -15.90 -32.44 -25.65
C GLN D 3 -16.80 -31.47 -24.90
N LEU D 4 -16.19 -30.57 -24.14
CA LEU D 4 -16.91 -29.54 -23.39
C LEU D 4 -16.41 -28.17 -23.85
N VAL D 5 -17.24 -27.46 -24.60
CA VAL D 5 -16.91 -26.16 -25.16
C VAL D 5 -17.63 -25.09 -24.36
N GLU D 6 -16.89 -24.07 -23.91
CA GLU D 6 -17.43 -23.02 -23.08
C GLU D 6 -17.54 -21.71 -23.84
N SER D 7 -18.45 -20.86 -23.39
CA SER D 7 -18.62 -19.53 -23.93
C SER D 7 -19.37 -18.69 -22.92
N GLY D 8 -19.31 -17.37 -23.08
CA GLY D 8 -20.00 -16.45 -22.20
C GLY D 8 -19.10 -15.64 -21.29
N GLY D 9 -17.79 -15.87 -21.31
CA GLY D 9 -16.87 -15.09 -20.50
C GLY D 9 -16.61 -13.72 -21.09
N GLY D 10 -15.80 -12.95 -20.38
CA GLY D 10 -15.42 -11.63 -20.81
C GLY D 10 -15.48 -10.65 -19.66
N LEU D 11 -15.60 -9.37 -20.02
CA LEU D 11 -15.58 -8.29 -19.04
C LEU D 11 -16.95 -8.11 -18.42
N VAL D 12 -16.99 -7.99 -17.10
CA VAL D 12 -18.22 -7.73 -16.35
C VAL D 12 -17.95 -6.58 -15.39
N GLN D 13 -18.86 -5.62 -15.37
CA GLN D 13 -18.73 -4.50 -14.45
C GLN D 13 -19.00 -4.96 -13.02
N PRO D 14 -18.43 -4.28 -12.02
CA PRO D 14 -18.69 -4.66 -10.62
C PRO D 14 -20.18 -4.66 -10.33
N GLY D 15 -20.67 -5.79 -9.84
CA GLY D 15 -22.09 -5.98 -9.59
C GLY D 15 -22.90 -6.44 -10.79
N GLY D 16 -22.27 -6.61 -11.95
CA GLY D 16 -22.97 -7.06 -13.13
C GLY D 16 -23.32 -8.53 -13.10
N SER D 17 -23.93 -8.99 -14.19
CA SER D 17 -24.38 -10.36 -14.31
C SER D 17 -23.42 -11.16 -15.19
N LEU D 18 -23.53 -12.49 -15.09
CA LEU D 18 -22.67 -13.42 -15.81
C LEU D 18 -23.49 -14.64 -16.20
N ARG D 19 -23.42 -15.01 -17.48
CA ARG D 19 -24.10 -16.20 -17.97
C ARG D 19 -23.12 -17.02 -18.80
N LEU D 20 -22.79 -18.21 -18.31
CA LEU D 20 -21.86 -19.12 -18.99
C LEU D 20 -22.62 -20.30 -19.56
N SER D 21 -22.06 -20.88 -20.62
CA SER D 21 -22.67 -22.03 -21.29
CA SER D 21 -22.66 -22.04 -21.28
C SER D 21 -21.59 -23.06 -21.59
N CYS D 22 -21.92 -24.33 -21.35
CA CYS D 22 -21.05 -25.45 -21.71
CA CYS D 22 -21.07 -25.46 -21.70
C CYS D 22 -21.80 -26.30 -22.73
N ALA D 23 -21.27 -26.37 -23.95
CA ALA D 23 -21.87 -27.18 -25.00
C ALA D 23 -21.18 -28.54 -25.00
N VAL D 24 -21.93 -29.59 -24.67
CA VAL D 24 -21.40 -30.94 -24.66
C VAL D 24 -21.57 -31.55 -26.04
N SER D 25 -20.49 -32.12 -26.57
CA SER D 25 -20.52 -32.81 -27.85
C SER D 25 -19.88 -34.19 -27.69
N GLY D 26 -20.20 -35.08 -28.62
CA GLY D 26 -19.72 -36.45 -28.55
C GLY D 26 -20.25 -37.23 -27.37
N TYR D 27 -21.34 -36.76 -26.76
CA TYR D 27 -21.88 -37.36 -25.54
C TYR D 27 -23.21 -36.68 -25.23
N SER D 28 -24.19 -37.47 -24.82
CA SER D 28 -25.49 -36.92 -24.42
C SER D 28 -25.42 -36.37 -23.01
N ILE D 29 -25.96 -35.16 -22.81
CA ILE D 29 -25.95 -34.55 -21.49
C ILE D 29 -26.76 -35.38 -20.50
N THR D 30 -27.78 -36.11 -20.99
CA THR D 30 -28.62 -36.93 -20.12
C THR D 30 -27.91 -38.19 -19.66
N SER D 31 -26.76 -38.54 -20.23
CA SER D 31 -26.02 -39.72 -19.80
C SER D 31 -25.09 -39.43 -18.62
N GLY D 32 -24.67 -38.19 -18.44
CA GLY D 32 -23.78 -37.88 -17.34
C GLY D 32 -24.48 -37.90 -16.00
N TYR D 33 -23.75 -38.33 -14.97
CA TYR D 33 -24.32 -38.36 -13.63
C TYR D 33 -24.57 -36.95 -13.11
N SER D 34 -23.62 -36.04 -13.31
CA SER D 34 -23.77 -34.67 -12.87
C SER D 34 -22.85 -33.78 -13.70
N TRP D 35 -23.28 -32.54 -13.88
CA TRP D 35 -22.51 -31.53 -14.57
C TRP D 35 -22.22 -30.39 -13.60
N ASN D 36 -20.98 -29.91 -13.59
CA ASN D 36 -20.47 -29.05 -12.54
C ASN D 36 -19.81 -27.82 -13.12
N TRP D 37 -19.74 -26.77 -12.30
CA TRP D 37 -18.95 -25.58 -12.59
C TRP D 37 -17.89 -25.43 -11.52
N ILE D 38 -16.65 -25.20 -11.95
CA ILE D 38 -15.51 -25.05 -11.05
C ILE D 38 -14.71 -23.86 -11.52
N ARG D 39 -14.31 -23.00 -10.58
CA ARG D 39 -13.61 -21.77 -10.93
C ARG D 39 -12.24 -21.72 -10.25
N GLN D 40 -11.35 -20.91 -10.83
CA GLN D 40 -9.98 -20.80 -10.36
C GLN D 40 -9.55 -19.35 -10.52
N ALA D 41 -9.40 -18.65 -9.40
CA ALA D 41 -8.91 -17.28 -9.44
C ALA D 41 -7.47 -17.25 -9.92
N PRO D 42 -7.05 -16.19 -10.62
CA PRO D 42 -5.69 -16.14 -11.18
C PRO D 42 -4.63 -16.37 -10.13
N GLY D 43 -3.79 -17.37 -10.36
CA GLY D 43 -2.74 -17.71 -9.42
C GLY D 43 -3.20 -18.39 -8.15
N LYS D 44 -4.45 -18.82 -8.09
CA LYS D 44 -5.04 -19.42 -6.90
C LYS D 44 -5.39 -20.88 -7.16
N GLY D 45 -6.15 -21.46 -6.23
CA GLY D 45 -6.55 -22.85 -6.33
C GLY D 45 -7.90 -23.03 -7.00
N LEU D 46 -8.45 -24.23 -6.85
CA LEU D 46 -9.70 -24.62 -7.48
C LEU D 46 -10.84 -24.60 -6.48
N GLU D 47 -12.02 -24.17 -6.95
CA GLU D 47 -13.21 -24.07 -6.10
C GLU D 47 -14.41 -24.55 -6.89
N TRP D 48 -14.99 -25.67 -6.47
CA TRP D 48 -16.27 -26.11 -7.01
C TRP D 48 -17.37 -25.18 -6.50
N VAL D 49 -18.32 -24.83 -7.39
CA VAL D 49 -19.32 -23.85 -7.03
C VAL D 49 -20.75 -24.36 -7.21
N ALA D 50 -20.98 -25.23 -8.20
CA ALA D 50 -22.34 -25.65 -8.48
C ALA D 50 -22.35 -26.97 -9.22
N SER D 51 -23.49 -27.67 -9.13
CA SER D 51 -23.67 -28.95 -9.79
C SER D 51 -25.16 -29.17 -10.04
N ILE D 52 -25.46 -29.99 -11.04
CA ILE D 52 -26.81 -30.47 -11.28
C ILE D 52 -26.74 -31.94 -11.67
N THR D 53 -27.46 -32.78 -10.93
CA THR D 53 -27.44 -34.22 -11.18
C THR D 53 -28.47 -34.57 -12.26
N TYR D 54 -28.44 -35.84 -12.68
CA TYR D 54 -29.31 -36.27 -13.77
C TYR D 54 -30.78 -36.18 -13.40
N ASP D 55 -31.12 -36.34 -12.12
CA ASP D 55 -32.50 -36.29 -11.69
C ASP D 55 -33.00 -34.87 -11.43
N GLY D 56 -32.20 -33.85 -11.77
CA GLY D 56 -32.61 -32.47 -11.61
C GLY D 56 -32.17 -31.81 -10.33
N SER D 57 -31.56 -32.54 -9.40
CA SER D 57 -31.11 -31.96 -8.15
C SER D 57 -29.95 -31.00 -8.39
N THR D 58 -30.04 -29.79 -7.83
CA THR D 58 -28.99 -28.80 -7.92
C THR D 58 -28.38 -28.58 -6.56
N ASN D 59 -27.06 -28.40 -6.52
CA ASN D 59 -26.34 -28.14 -5.28
C ASN D 59 -25.36 -27.01 -5.52
N TYR D 60 -25.04 -26.29 -4.45
CA TYR D 60 -24.20 -25.11 -4.57
C TYR D 60 -23.19 -25.04 -3.43
N ASN D 61 -22.04 -24.47 -3.72
CA ASN D 61 -21.08 -24.11 -2.68
C ASN D 61 -21.67 -22.98 -1.85
N PRO D 62 -21.76 -23.13 -0.51
CA PRO D 62 -22.31 -22.04 0.31
C PRO D 62 -21.54 -20.73 0.19
N SER D 63 -20.34 -20.75 -0.39
CA SER D 63 -19.59 -19.51 -0.61
C SER D 63 -20.26 -18.61 -1.64
N VAL D 64 -21.10 -19.16 -2.51
CA VAL D 64 -21.77 -18.39 -3.56
C VAL D 64 -23.27 -18.56 -3.55
N LYS D 65 -23.83 -19.33 -2.63
CA LYS D 65 -25.27 -19.60 -2.63
C LYS D 65 -26.05 -18.32 -2.44
N GLY D 66 -27.04 -18.10 -3.31
CA GLY D 66 -27.85 -16.90 -3.33
C GLY D 66 -27.63 -16.03 -4.54
N ARG D 67 -26.41 -16.05 -5.10
CA ARG D 67 -26.07 -15.28 -6.28
C ARG D 67 -25.87 -16.14 -7.52
N ILE D 68 -26.02 -17.46 -7.40
CA ILE D 68 -25.63 -18.39 -8.44
C ILE D 68 -26.80 -19.30 -8.78
N THR D 69 -26.93 -19.65 -10.05
CA THR D 69 -27.98 -20.56 -10.51
C THR D 69 -27.42 -21.42 -11.63
N ILE D 70 -27.51 -22.73 -11.48
CA ILE D 70 -27.11 -23.68 -12.50
C ILE D 70 -28.37 -24.30 -13.09
N SER D 71 -28.34 -24.54 -14.40
CA SER D 71 -29.48 -25.10 -15.11
C SER D 71 -28.98 -25.82 -16.36
N ARG D 72 -29.89 -26.53 -17.02
CA ARG D 72 -29.53 -27.29 -18.21
C ARG D 72 -30.69 -27.28 -19.19
N ASP D 73 -30.36 -27.48 -20.46
CA ASP D 73 -31.34 -27.67 -21.52
C ASP D 73 -30.98 -28.98 -22.23
N ASP D 74 -31.73 -30.04 -21.94
CA ASP D 74 -31.44 -31.34 -22.53
C ASP D 74 -31.60 -31.32 -24.04
N SER D 75 -32.60 -30.58 -24.54
CA SER D 75 -32.83 -30.50 -25.98
C SER D 75 -31.75 -29.73 -26.71
N LYS D 76 -30.83 -29.08 -26.00
CA LYS D 76 -29.70 -28.39 -26.61
C LYS D 76 -28.36 -29.00 -26.21
N ASN D 77 -28.35 -30.07 -25.41
CA ASN D 77 -27.12 -30.71 -24.95
C ASN D 77 -26.20 -29.71 -24.27
N THR D 78 -26.79 -28.80 -23.50
CA THR D 78 -26.07 -27.67 -22.92
C THR D 78 -26.58 -27.41 -21.52
N PHE D 79 -25.67 -27.04 -20.62
CA PHE D 79 -26.05 -26.55 -19.31
C PHE D 79 -25.40 -25.19 -19.07
N TYR D 80 -25.96 -24.45 -18.12
CA TYR D 80 -25.68 -23.03 -17.99
C TYR D 80 -25.33 -22.67 -16.54
N LEU D 81 -24.57 -21.60 -16.38
CA LEU D 81 -24.27 -21.01 -15.09
C LEU D 81 -24.64 -19.53 -15.14
N GLN D 82 -25.42 -19.08 -14.17
CA GLN D 82 -25.80 -17.68 -14.05
C GLN D 82 -25.36 -17.14 -12.70
N MET D 83 -24.64 -16.02 -12.70
CA MET D 83 -24.19 -15.38 -11.49
C MET D 83 -24.54 -13.91 -11.54
N ASN D 84 -25.14 -13.41 -10.45
CA ASN D 84 -25.49 -12.00 -10.31
C ASN D 84 -24.59 -11.35 -9.27
N SER D 85 -24.46 -10.03 -9.39
CA SER D 85 -23.74 -9.21 -8.41
C SER D 85 -22.30 -9.71 -8.21
N LEU D 86 -21.56 -9.71 -9.32
CA LEU D 86 -20.17 -10.16 -9.27
C LEU D 86 -19.30 -9.15 -8.54
N ARG D 87 -18.30 -9.67 -7.82
CA ARG D 87 -17.35 -8.86 -7.07
C ARG D 87 -15.93 -9.14 -7.57
N ALA D 88 -14.95 -8.50 -6.92
CA ALA D 88 -13.56 -8.68 -7.30
C ALA D 88 -13.11 -10.12 -7.08
N GLU D 89 -13.62 -10.78 -6.05
CA GLU D 89 -13.24 -12.17 -5.78
C GLU D 89 -13.83 -13.14 -6.79
N ASP D 90 -14.81 -12.72 -7.59
CA ASP D 90 -15.41 -13.58 -8.60
C ASP D 90 -14.65 -13.58 -9.91
N THR D 91 -13.54 -12.83 -10.00
CA THR D 91 -12.67 -12.88 -11.17
C THR D 91 -11.92 -14.20 -11.17
N ALA D 92 -12.20 -15.06 -12.15
CA ALA D 92 -11.61 -16.39 -12.16
C ALA D 92 -11.80 -17.01 -13.53
N VAL D 93 -11.01 -18.05 -13.81
CA VAL D 93 -11.25 -18.93 -14.93
C VAL D 93 -12.31 -19.93 -14.50
N TYR D 94 -13.42 -19.97 -15.23
CA TYR D 94 -14.54 -20.85 -14.90
C TYR D 94 -14.51 -22.07 -15.80
N TYR D 95 -14.51 -23.26 -15.20
CA TYR D 95 -14.52 -24.53 -15.90
C TYR D 95 -15.88 -25.20 -15.73
N CYS D 96 -16.26 -25.98 -16.74
CA CYS D 96 -17.31 -26.98 -16.56
C CYS D 96 -16.68 -28.37 -16.48
N ALA D 97 -17.34 -29.25 -15.75
CA ALA D 97 -16.80 -30.58 -15.54
C ALA D 97 -17.95 -31.57 -15.38
N ARG D 98 -17.68 -32.82 -15.71
CA ARG D 98 -18.65 -33.90 -15.59
C ARG D 98 -18.34 -34.74 -14.35
N GLY D 99 -19.35 -35.03 -13.55
CA GLY D 99 -19.20 -35.96 -12.45
C GLY D 99 -19.22 -37.40 -12.92
N SER D 100 -18.93 -38.30 -11.99
CA SER D 100 -18.82 -39.72 -12.29
C SER D 100 -20.02 -40.47 -11.73
N HIS D 101 -20.32 -41.61 -12.35
CA HIS D 101 -21.32 -42.52 -11.82
C HIS D 101 -20.79 -43.41 -10.71
N TYR D 102 -19.46 -43.42 -10.49
CA TYR D 102 -18.83 -44.36 -9.59
C TYR D 102 -18.00 -43.62 -8.55
N PHE D 103 -17.66 -44.34 -7.48
CA PHE D 103 -16.65 -43.94 -6.50
C PHE D 103 -16.91 -42.54 -5.93
N GLY D 104 -18.11 -42.34 -5.39
CA GLY D 104 -18.45 -41.10 -4.74
C GLY D 104 -18.91 -39.98 -5.64
N HIS D 105 -18.85 -40.17 -6.96
CA HIS D 105 -19.43 -39.26 -7.95
C HIS D 105 -18.65 -37.96 -8.14
N TRP D 106 -18.33 -37.27 -7.05
CA TRP D 106 -17.93 -35.87 -7.13
C TRP D 106 -16.44 -35.68 -7.37
N HIS D 107 -15.85 -36.52 -8.20
CA HIS D 107 -14.56 -36.27 -8.82
C HIS D 107 -14.76 -36.11 -10.31
N PHE D 108 -13.88 -35.33 -10.94
CA PHE D 108 -14.13 -34.80 -12.29
C PHE D 108 -13.05 -35.26 -13.24
N ALA D 109 -13.42 -36.09 -14.21
CA ALA D 109 -12.49 -36.63 -15.19
C ALA D 109 -12.57 -35.97 -16.56
N VAL D 110 -13.64 -35.22 -16.83
CA VAL D 110 -13.83 -34.54 -18.12
C VAL D 110 -14.07 -33.06 -17.84
N TRP D 111 -13.22 -32.19 -18.39
CA TRP D 111 -13.26 -30.77 -18.12
C TRP D 111 -13.46 -29.99 -19.42
N GLY D 112 -13.97 -28.76 -19.26
CA GLY D 112 -13.98 -27.83 -20.36
C GLY D 112 -12.68 -27.06 -20.46
N GLN D 113 -12.56 -26.26 -21.53
CA GLN D 113 -11.32 -25.53 -21.75
C GLN D 113 -11.12 -24.38 -20.77
N GLY D 114 -12.20 -23.91 -20.14
CA GLY D 114 -12.10 -22.80 -19.23
C GLY D 114 -12.28 -21.46 -19.91
N THR D 115 -13.02 -20.56 -19.27
CA THR D 115 -13.21 -19.20 -19.78
C THR D 115 -12.98 -18.22 -18.64
N LEU D 116 -12.30 -17.12 -18.95
CA LEU D 116 -11.92 -16.14 -17.94
C LEU D 116 -13.00 -15.08 -17.78
N VAL D 117 -13.40 -14.83 -16.53
CA VAL D 117 -14.36 -13.79 -16.19
C VAL D 117 -13.62 -12.71 -15.44
N THR D 118 -13.65 -11.48 -15.96
CA THR D 118 -12.96 -10.34 -15.37
C THR D 118 -13.99 -9.36 -14.83
N VAL D 119 -13.96 -9.12 -13.52
CA VAL D 119 -14.84 -8.16 -12.87
C VAL D 119 -14.03 -6.87 -12.71
N SER D 120 -14.30 -5.90 -13.57
CA SER D 120 -13.54 -4.66 -13.58
C SER D 120 -14.41 -3.55 -14.16
N SER D 121 -14.19 -2.33 -13.65
CA SER D 121 -14.89 -1.15 -14.14
C SER D 121 -14.19 -0.50 -15.32
N ALA D 122 -13.21 -1.18 -15.91
CA ALA D 122 -12.52 -0.68 -17.10
C ALA D 122 -13.34 -0.98 -18.34
N SER D 123 -12.72 -0.90 -19.52
CA SER D 123 -13.42 -1.06 -20.78
C SER D 123 -12.72 -2.08 -21.66
N THR D 124 -13.50 -2.73 -22.52
CA THR D 124 -12.94 -3.70 -23.47
C THR D 124 -12.22 -2.97 -24.59
N LYS D 125 -10.97 -3.38 -24.86
CA LYS D 125 -10.17 -2.78 -25.92
C LYS D 125 -9.44 -3.87 -26.68
N GLY D 126 -9.51 -3.82 -28.00
CA GLY D 126 -8.86 -4.79 -28.85
C GLY D 126 -7.37 -4.52 -28.96
N PRO D 127 -6.61 -5.55 -29.32
CA PRO D 127 -5.14 -5.41 -29.39
C PRO D 127 -4.65 -4.93 -30.73
N SER D 128 -3.39 -4.47 -30.72
CA SER D 128 -2.65 -4.14 -31.93
C SER D 128 -1.48 -5.11 -32.06
N VAL D 129 -1.33 -5.69 -33.25
CA VAL D 129 -0.32 -6.72 -33.49
C VAL D 129 0.79 -6.11 -34.33
N PHE D 130 2.03 -6.25 -33.84
CA PHE D 130 3.19 -5.72 -34.54
C PHE D 130 4.24 -6.82 -34.70
N PRO D 131 4.91 -6.86 -35.84
CA PRO D 131 5.86 -7.95 -36.11
C PRO D 131 7.21 -7.73 -35.46
N LEU D 132 7.82 -8.83 -35.03
CA LEU D 132 9.19 -8.86 -34.53
C LEU D 132 10.04 -9.49 -35.63
N ALA D 133 10.58 -8.65 -36.51
CA ALA D 133 11.27 -9.15 -37.69
C ALA D 133 12.63 -9.74 -37.31
N PRO D 134 13.02 -10.84 -37.93
CA PRO D 134 14.34 -11.43 -37.64
C PRO D 134 15.45 -10.69 -38.35
N SER D 135 16.68 -10.93 -37.87
CA SER D 135 17.86 -10.30 -38.44
C SER D 135 18.15 -10.85 -39.84
N GLY D 142 22.55 -19.71 -38.36
CA GLY D 142 22.07 -21.04 -38.06
C GLY D 142 20.62 -21.07 -37.62
N THR D 143 20.33 -20.39 -36.51
CA THR D 143 18.98 -20.32 -35.96
C THR D 143 18.54 -18.87 -35.90
N ALA D 144 17.37 -18.58 -36.45
CA ALA D 144 16.78 -17.25 -36.43
C ALA D 144 15.58 -17.22 -35.50
N ALA D 145 15.31 -16.03 -34.95
CA ALA D 145 14.20 -15.83 -34.03
C ALA D 145 13.32 -14.72 -34.56
N LEU D 146 12.01 -14.94 -34.55
CA LEU D 146 11.04 -13.95 -34.95
C LEU D 146 9.79 -14.11 -34.09
N GLY D 147 8.88 -13.15 -34.21
CA GLY D 147 7.67 -13.24 -33.42
C GLY D 147 6.73 -12.09 -33.71
N CYS D 148 5.73 -11.95 -32.83
CA CYS D 148 4.73 -10.91 -32.92
C CYS D 148 4.60 -10.20 -31.58
N LEU D 149 4.14 -8.96 -31.63
CA LEU D 149 3.93 -8.15 -30.43
C LEU D 149 2.46 -7.77 -30.35
N VAL D 150 1.78 -8.25 -29.32
CA VAL D 150 0.36 -7.97 -29.09
C VAL D 150 0.29 -6.96 -27.96
N LYS D 151 -0.09 -5.73 -28.28
CA LYS D 151 0.02 -4.61 -27.36
C LYS D 151 -1.32 -3.95 -27.11
N ASP D 152 -1.54 -3.53 -25.86
CA ASP D 152 -2.64 -2.64 -25.46
C ASP D 152 -4.00 -3.27 -25.74
N TYR D 153 -4.36 -4.23 -24.89
CA TYR D 153 -5.66 -4.87 -24.96
C TYR D 153 -6.18 -5.11 -23.55
N PHE D 154 -7.50 -5.22 -23.44
CA PHE D 154 -8.16 -5.47 -22.17
C PHE D 154 -9.57 -5.98 -22.43
N PRO D 155 -9.99 -7.01 -21.69
CA PRO D 155 -9.16 -7.73 -20.72
C PRO D 155 -8.46 -8.94 -21.33
N GLU D 156 -7.89 -9.78 -20.48
CA GLU D 156 -7.31 -11.04 -20.91
C GLU D 156 -8.45 -12.00 -21.26
N PRO D 157 -8.16 -13.08 -22.01
CA PRO D 157 -6.87 -13.49 -22.58
C PRO D 157 -6.72 -13.22 -24.07
N VAL D 158 -5.52 -13.51 -24.59
CA VAL D 158 -5.23 -13.48 -26.01
C VAL D 158 -4.55 -14.79 -26.37
N THR D 159 -5.05 -15.46 -27.40
CA THR D 159 -4.47 -16.71 -27.89
C THR D 159 -3.69 -16.44 -29.17
N VAL D 160 -2.48 -16.99 -29.25
CA VAL D 160 -1.61 -16.80 -30.39
C VAL D 160 -1.25 -18.16 -30.96
N SER D 161 -1.48 -18.35 -32.26
CA SER D 161 -1.03 -19.52 -32.98
C SER D 161 -0.20 -19.07 -34.19
N TRP D 162 0.59 -20.00 -34.72
CA TRP D 162 1.49 -19.72 -35.84
C TRP D 162 1.12 -20.62 -37.00
N ASN D 163 0.84 -20.01 -38.16
CA ASN D 163 0.47 -20.73 -39.38
C ASN D 163 -0.74 -21.63 -39.15
N SER D 164 -1.77 -21.05 -38.51
CA SER D 164 -3.03 -21.73 -38.25
C SER D 164 -2.85 -22.99 -37.41
N GLY D 165 -1.82 -23.01 -36.56
CA GLY D 165 -1.54 -24.15 -35.72
C GLY D 165 -0.55 -25.14 -36.29
N ALA D 166 -0.12 -24.97 -37.54
CA ALA D 166 0.82 -25.91 -38.14
C ALA D 166 2.23 -25.76 -37.59
N LEU D 167 2.54 -24.63 -36.95
CA LEU D 167 3.87 -24.37 -36.40
C LEU D 167 3.75 -24.35 -34.87
N THR D 168 4.36 -25.34 -34.22
CA THR D 168 4.32 -25.41 -32.77
C THR D 168 5.72 -25.57 -32.19
N SER D 169 6.59 -26.24 -32.94
CA SER D 169 7.94 -26.52 -32.45
C SER D 169 8.73 -25.23 -32.31
N GLY D 170 9.21 -24.96 -31.09
CA GLY D 170 9.98 -23.76 -30.83
C GLY D 170 9.16 -22.52 -30.54
N VAL D 171 7.85 -22.66 -30.38
CA VAL D 171 6.97 -21.53 -30.14
C VAL D 171 6.94 -21.22 -28.65
N HIS D 172 7.17 -19.95 -28.31
CA HIS D 172 7.10 -19.48 -26.92
C HIS D 172 6.16 -18.29 -26.85
N THR D 173 5.00 -18.49 -26.23
CA THR D 173 4.04 -17.42 -26.01
C THR D 173 4.13 -17.00 -24.55
N PHE D 174 4.61 -15.79 -24.32
CA PHE D 174 4.89 -15.32 -22.98
C PHE D 174 3.62 -14.89 -22.26
N PRO D 175 3.59 -14.97 -20.94
CA PRO D 175 2.42 -14.48 -20.19
C PRO D 175 2.28 -12.97 -20.35
N ALA D 176 1.03 -12.52 -20.37
CA ALA D 176 0.76 -11.09 -20.54
C ALA D 176 1.26 -10.30 -19.34
N VAL D 177 1.72 -9.08 -19.60
CA VAL D 177 2.15 -8.16 -18.55
C VAL D 177 1.18 -6.98 -18.53
N LEU D 178 0.91 -6.47 -17.33
CA LEU D 178 0.01 -5.34 -17.15
C LEU D 178 0.82 -4.05 -17.23
N GLN D 179 0.66 -3.33 -18.34
CA GLN D 179 1.37 -2.07 -18.52
C GLN D 179 0.81 -1.01 -17.58
N SER D 180 1.57 0.09 -17.44
CA SER D 180 1.16 1.16 -16.53
C SER D 180 -0.16 1.81 -16.95
N SER D 181 -0.52 1.70 -18.22
CA SER D 181 -1.77 2.28 -18.72
C SER D 181 -2.99 1.45 -18.36
N GLY D 182 -2.81 0.32 -17.66
CA GLY D 182 -3.93 -0.55 -17.35
C GLY D 182 -4.31 -1.51 -18.45
N LEU D 183 -3.54 -1.55 -19.54
CA LEU D 183 -3.78 -2.47 -20.65
C LEU D 183 -2.71 -3.56 -20.65
N TYR D 184 -3.06 -4.69 -21.25
CA TYR D 184 -2.17 -5.84 -21.28
C TYR D 184 -1.32 -5.86 -22.55
N SER D 185 -0.24 -6.62 -22.50
CA SER D 185 0.67 -6.74 -23.63
C SER D 185 1.44 -8.05 -23.49
N LEU D 186 1.59 -8.76 -24.61
CA LEU D 186 2.39 -9.97 -24.62
C LEU D 186 3.07 -10.08 -25.98
N SER D 187 4.06 -10.98 -26.04
CA SER D 187 4.74 -11.31 -27.28
C SER D 187 4.83 -12.82 -27.42
N SER D 188 4.83 -13.28 -28.67
CA SER D 188 4.94 -14.70 -28.98
C SER D 188 6.05 -14.88 -30.01
N VAL D 189 7.08 -15.65 -29.65
CA VAL D 189 8.25 -15.81 -30.50
C VAL D 189 8.36 -17.28 -30.92
N VAL D 190 9.14 -17.49 -31.98
CA VAL D 190 9.42 -18.84 -32.48
C VAL D 190 10.80 -18.82 -33.13
N THR D 191 11.57 -19.88 -32.89
CA THR D 191 12.88 -20.04 -33.48
C THR D 191 12.80 -20.95 -34.70
N VAL D 192 13.39 -20.50 -35.80
CA VAL D 192 13.38 -21.27 -37.05
C VAL D 192 14.79 -21.23 -37.65
N PRO D 193 15.09 -22.17 -38.54
CA PRO D 193 16.40 -22.13 -39.22
C PRO D 193 16.52 -20.89 -40.10
N SER D 194 17.74 -20.33 -40.12
CA SER D 194 17.97 -19.09 -40.86
C SER D 194 17.80 -19.28 -42.36
N SER D 195 18.07 -20.49 -42.87
CA SER D 195 17.99 -20.72 -44.30
C SER D 195 16.56 -20.66 -44.83
N SER D 196 15.57 -20.71 -43.96
CA SER D 196 14.17 -20.72 -44.36
C SER D 196 13.52 -19.33 -44.32
N LEU D 197 14.27 -18.30 -43.91
CA LEU D 197 13.65 -16.99 -43.72
C LEU D 197 13.14 -16.40 -45.03
N GLY D 198 13.93 -16.50 -46.09
CA GLY D 198 13.56 -15.87 -47.35
C GLY D 198 12.51 -16.58 -48.17
N THR D 199 12.14 -17.80 -47.79
CA THR D 199 11.20 -18.59 -48.58
C THR D 199 10.03 -19.17 -47.80
N GLN D 200 10.11 -19.27 -46.48
CA GLN D 200 9.02 -19.80 -45.67
C GLN D 200 8.21 -18.66 -45.08
N THR D 201 6.89 -18.75 -45.21
CA THR D 201 5.99 -17.72 -44.69
C THR D 201 5.60 -18.03 -43.26
N TYR D 202 5.73 -17.04 -42.38
CA TYR D 202 5.37 -17.16 -40.98
C TYR D 202 4.28 -16.13 -40.67
N ILE D 203 3.15 -16.61 -40.17
CA ILE D 203 2.00 -15.76 -39.86
C ILE D 203 1.53 -16.10 -38.45
N CYS D 204 1.50 -15.10 -37.58
CA CYS D 204 0.95 -15.27 -36.24
C CYS D 204 -0.54 -14.95 -36.27
N ASN D 205 -1.33 -15.75 -35.57
CA ASN D 205 -2.77 -15.61 -35.54
C ASN D 205 -3.18 -15.20 -34.13
N VAL D 206 -3.57 -13.93 -33.97
CA VAL D 206 -3.94 -13.38 -32.67
C VAL D 206 -5.46 -13.32 -32.59
N ASN D 207 -6.02 -13.86 -31.50
CA ASN D 207 -7.46 -13.90 -31.29
C ASN D 207 -7.76 -13.33 -29.91
N HIS D 208 -8.65 -12.33 -29.86
CA HIS D 208 -9.07 -11.70 -28.62
C HIS D 208 -10.60 -11.78 -28.56
N LYS D 209 -11.09 -12.82 -27.88
CA LYS D 209 -12.53 -13.05 -27.81
C LYS D 209 -13.31 -11.90 -27.16
N PRO D 210 -12.86 -11.28 -26.06
CA PRO D 210 -13.68 -10.21 -25.45
C PRO D 210 -13.99 -9.06 -26.38
N SER D 211 -13.17 -8.81 -27.39
CA SER D 211 -13.42 -7.75 -28.36
C SER D 211 -13.74 -8.28 -29.74
N ASN D 212 -13.85 -9.61 -29.89
CA ASN D 212 -14.13 -10.25 -31.18
C ASN D 212 -13.13 -9.81 -32.24
N THR D 213 -11.86 -9.75 -31.84
CA THR D 213 -10.78 -9.30 -32.70
C THR D 213 -9.92 -10.49 -33.12
N LYS D 214 -9.70 -10.62 -34.42
CA LYS D 214 -8.84 -11.66 -34.98
C LYS D 214 -7.93 -11.02 -36.02
N VAL D 215 -6.62 -11.08 -35.78
CA VAL D 215 -5.62 -10.47 -36.65
C VAL D 215 -4.63 -11.54 -37.07
N ASP D 216 -4.30 -11.56 -38.37
CA ASP D 216 -3.29 -12.47 -38.92
C ASP D 216 -2.18 -11.60 -39.52
N LYS D 217 -1.07 -11.49 -38.81
CA LYS D 217 0.05 -10.64 -39.21
C LYS D 217 1.16 -11.51 -39.80
N LYS D 218 1.67 -11.11 -40.96
CA LYS D 218 2.76 -11.81 -41.62
C LYS D 218 4.09 -11.19 -41.20
N VAL D 219 4.96 -12.01 -40.63
CA VAL D 219 6.28 -11.57 -40.17
C VAL D 219 7.31 -11.91 -41.24
N GLU D 220 8.14 -10.95 -41.60
CA GLU D 220 9.14 -11.12 -42.64
C GLU D 220 10.26 -10.13 -42.41
N PRO D 221 11.50 -10.45 -42.82
CA PRO D 221 12.65 -9.56 -42.66
C PRO D 221 12.48 -8.21 -43.37
N LYS D 222 13.14 -7.18 -42.85
CA LYS D 222 13.06 -5.85 -43.44
N ASP E 1 -25.25 45.13 25.38
CA ASP E 1 -24.59 43.85 25.19
C ASP E 1 -23.40 43.99 24.22
N ILE E 2 -22.20 43.78 24.73
CA ILE E 2 -21.01 43.76 23.88
C ILE E 2 -20.92 42.39 23.24
N GLN E 3 -21.07 42.33 21.92
CA GLN E 3 -21.03 41.08 21.18
C GLN E 3 -19.75 40.99 20.37
N LEU E 4 -19.29 39.76 20.15
CA LEU E 4 -17.99 39.50 19.56
C LEU E 4 -18.16 38.77 18.24
N THR E 5 -17.28 39.08 17.28
CA THR E 5 -17.26 38.45 15.97
C THR E 5 -15.88 37.81 15.78
N GLN E 6 -15.81 36.51 15.98
CA GLN E 6 -14.56 35.78 15.90
C GLN E 6 -14.36 35.23 14.49
N SER E 7 -13.11 35.27 14.03
CA SER E 7 -12.76 34.85 12.67
C SER E 7 -11.34 34.32 12.64
N PRO E 8 -11.10 33.26 11.84
CA PRO E 8 -12.11 32.55 11.02
C PRO E 8 -12.93 31.55 11.82
N SER E 9 -13.78 30.79 11.15
CA SER E 9 -14.59 29.80 11.84
C SER E 9 -13.82 28.51 12.08
N SER E 10 -12.97 28.13 11.14
CA SER E 10 -12.13 26.94 11.30
C SER E 10 -10.94 27.08 10.36
N LEU E 11 -9.83 26.45 10.74
CA LEU E 11 -8.62 26.48 9.92
C LEU E 11 -7.84 25.19 10.11
N SER E 12 -6.97 24.92 9.14
CA SER E 12 -6.11 23.74 9.16
C SER E 12 -4.69 24.19 8.88
N ALA E 13 -3.77 23.86 9.78
CA ALA E 13 -2.39 24.29 9.66
C ALA E 13 -1.46 23.18 10.13
N SER E 14 -0.28 23.13 9.52
CA SER E 14 0.70 22.10 9.84
C SER E 14 1.44 22.44 11.13
N VAL E 15 2.15 21.44 11.67
CA VAL E 15 2.95 21.65 12.87
C VAL E 15 4.05 22.65 12.55
N GLY E 16 4.22 23.63 13.45
CA GLY E 16 5.18 24.69 13.26
C GLY E 16 4.65 25.91 12.55
N ASP E 17 3.43 25.85 12.03
CA ASP E 17 2.83 27.00 11.35
C ASP E 17 2.50 28.11 12.36
N ARG E 18 2.19 29.28 11.82
CA ARG E 18 1.79 30.44 12.60
C ARG E 18 0.30 30.66 12.41
N VAL E 19 -0.48 30.42 13.46
CA VAL E 19 -1.93 30.53 13.42
C VAL E 19 -2.33 31.91 13.91
N THR E 20 -3.23 32.58 13.18
CA THR E 20 -3.71 33.90 13.53
C THR E 20 -5.23 33.89 13.59
N ILE E 21 -5.78 34.34 14.72
CA ILE E 21 -7.22 34.35 14.96
C ILE E 21 -7.62 35.73 15.45
N THR E 22 -8.69 36.29 14.87
CA THR E 22 -9.11 37.64 15.18
C THR E 22 -10.44 37.66 15.94
N CYS E 23 -10.69 38.77 16.60
CA CYS E 23 -11.92 38.98 17.35
CA CYS E 23 -11.90 39.00 17.39
C CYS E 23 -12.28 40.46 17.29
N ARG E 24 -13.54 40.74 16.99
CA ARG E 24 -14.02 42.11 16.92
C ARG E 24 -15.17 42.30 17.90
N ALA E 25 -14.99 43.22 18.84
CA ALA E 25 -16.05 43.55 19.80
C ALA E 25 -16.93 44.64 19.22
N SER E 26 -18.24 44.53 19.47
CA SER E 26 -19.18 45.50 18.94
C SER E 26 -18.96 46.88 19.55
N GLN E 27 -18.57 46.95 20.82
CA GLN E 27 -18.20 48.19 21.47
C GLN E 27 -16.80 48.05 22.06
N SER E 28 -16.23 49.18 22.45
CA SER E 28 -14.89 49.17 23.01
C SER E 28 -14.88 48.49 24.37
N VAL E 29 -13.82 47.72 24.62
CA VAL E 29 -13.62 47.06 25.91
C VAL E 29 -12.46 47.69 26.67
N ASP E 30 -12.07 48.91 26.29
CA ASP E 30 -10.99 49.61 26.96
C ASP E 30 -11.48 50.22 28.27
N TYR E 31 -10.60 50.22 29.27
CA TYR E 31 -10.92 50.82 30.57
C TYR E 31 -9.61 51.23 31.24
N ASP E 32 -9.38 52.54 31.34
CA ASP E 32 -8.20 53.08 32.01
C ASP E 32 -6.90 52.57 31.41
N GLY E 33 -6.84 52.53 30.07
CA GLY E 33 -5.65 52.11 29.37
C GLY E 33 -5.50 50.61 29.15
N ASP E 34 -6.41 49.81 29.69
CA ASP E 34 -6.38 48.36 29.52
C ASP E 34 -7.56 47.90 28.67
N SER E 35 -7.32 46.88 27.87
CA SER E 35 -8.36 46.27 27.03
C SER E 35 -8.81 44.96 27.66
N TYR E 36 -10.11 44.85 27.91
CA TYR E 36 -10.66 43.69 28.61
C TYR E 36 -11.11 42.61 27.63
N MET E 37 -10.12 42.07 26.92
CA MET E 37 -10.31 40.98 25.99
C MET E 37 -9.47 39.79 26.44
N ASN E 38 -10.08 38.61 26.46
CA ASN E 38 -9.42 37.40 26.94
C ASN E 38 -9.61 36.28 25.92
N TRP E 39 -8.65 35.35 25.89
CA TRP E 39 -8.69 34.21 24.99
C TRP E 39 -8.65 32.92 25.78
N TYR E 40 -9.36 31.91 25.28
CA TYR E 40 -9.48 30.62 25.96
C TYR E 40 -9.18 29.49 24.99
N GLN E 41 -8.81 28.35 25.56
CA GLN E 41 -8.56 27.13 24.81
C GLN E 41 -9.39 26.01 25.43
N GLN E 42 -10.18 25.33 24.60
CA GLN E 42 -11.02 24.22 25.06
C GLN E 42 -10.72 22.99 24.19
N LYS E 43 -9.98 22.05 24.75
CA LYS E 43 -9.74 20.78 24.11
C LYS E 43 -10.95 19.87 24.30
N PRO E 44 -11.09 18.83 23.46
CA PRO E 44 -12.27 17.96 23.56
C PRO E 44 -12.47 17.39 24.96
N GLY E 45 -13.70 17.51 25.46
CA GLY E 45 -14.07 16.96 26.74
C GLY E 45 -13.58 17.72 27.96
N LYS E 46 -12.75 18.73 27.79
CA LYS E 46 -12.17 19.46 28.90
C LYS E 46 -12.84 20.82 29.07
N ALA E 47 -12.66 21.41 30.24
CA ALA E 47 -13.13 22.75 30.49
C ALA E 47 -12.24 23.75 29.75
N PRO E 48 -12.77 24.93 29.43
CA PRO E 48 -11.94 25.95 28.79
C PRO E 48 -10.77 26.34 29.68
N LYS E 49 -9.64 26.67 29.04
CA LYS E 49 -8.41 27.02 29.73
C LYS E 49 -8.01 28.43 29.32
N LEU E 50 -7.66 29.26 30.31
CA LEU E 50 -7.30 30.64 30.04
C LEU E 50 -5.88 30.72 29.49
N LEU E 51 -5.74 31.39 28.35
CA LEU E 51 -4.43 31.62 27.74
C LEU E 51 -3.97 33.06 27.92
N ILE E 52 -4.77 34.01 27.42
CA ILE E 52 -4.42 35.43 27.41
C ILE E 52 -5.48 36.19 28.18
N TYR E 53 -5.04 37.14 29.00
CA TYR E 53 -5.94 38.06 29.67
C TYR E 53 -5.45 39.48 29.45
N ALA E 54 -6.37 40.44 29.59
CA ALA E 54 -6.09 41.86 29.33
C ALA E 54 -5.47 42.04 27.95
N ALA E 55 -6.02 41.34 26.96
CA ALA E 55 -5.67 41.46 25.55
C ALA E 55 -4.30 40.89 25.21
N SER E 56 -3.31 41.07 26.08
CA SER E 56 -1.94 40.70 25.72
C SER E 56 -1.14 40.01 26.81
N TYR E 57 -1.70 39.78 28.00
CA TYR E 57 -0.96 39.18 29.09
C TYR E 57 -1.06 37.66 29.03
N LEU E 58 0.07 36.99 29.21
CA LEU E 58 0.13 35.53 29.15
C LEU E 58 -0.16 34.97 30.54
N GLU E 59 -1.11 34.03 30.61
CA GLU E 59 -1.44 33.38 31.87
C GLU E 59 -0.27 32.50 32.33
N SER E 60 -0.07 32.44 33.64
CA SER E 60 1.00 31.62 34.20
C SER E 60 0.77 30.15 33.88
N GLY E 61 1.81 29.49 33.38
CA GLY E 61 1.73 28.10 33.02
C GLY E 61 1.44 27.83 31.56
N VAL E 62 1.11 28.86 30.79
CA VAL E 62 0.83 28.71 29.37
C VAL E 62 2.12 28.95 28.59
N PRO E 63 2.48 28.09 27.63
CA PRO E 63 3.72 28.29 26.88
C PRO E 63 3.71 29.60 26.11
N SER E 64 4.89 30.18 25.95
CA SER E 64 5.04 31.52 25.37
C SER E 64 4.74 31.57 23.89
N ARG E 65 4.45 30.44 23.23
CA ARG E 65 4.10 30.50 21.82
C ARG E 65 2.70 31.05 21.59
N PHE E 66 1.91 31.22 22.64
CA PHE E 66 0.64 31.94 22.55
C PHE E 66 0.86 33.40 22.92
N SER E 67 0.25 34.30 22.14
CA SER E 67 0.37 35.72 22.39
C SER E 67 -0.89 36.42 21.92
N GLY E 68 -1.13 37.62 22.46
CA GLY E 68 -2.27 38.41 22.10
C GLY E 68 -1.88 39.84 21.80
N SER E 69 -2.75 40.52 21.06
CA SER E 69 -2.51 41.91 20.69
C SER E 69 -3.85 42.56 20.36
N GLY E 70 -3.82 43.88 20.25
CA GLY E 70 -4.99 44.66 19.88
C GLY E 70 -5.45 45.57 20.99
N SER E 71 -6.37 46.47 20.62
CA SER E 71 -6.97 47.41 21.56
C SER E 71 -8.28 47.91 20.96
N GLY E 72 -9.09 48.50 21.83
CA GLY E 72 -10.38 49.03 21.41
C GLY E 72 -11.38 47.96 21.05
N THR E 73 -11.47 47.62 19.76
CA THR E 73 -12.41 46.61 19.30
C THR E 73 -11.79 45.50 18.46
N ASP E 74 -10.55 45.67 17.98
CA ASP E 74 -9.88 44.66 17.17
C ASP E 74 -8.83 43.95 18.00
N PHE E 75 -8.86 42.61 17.99
CA PHE E 75 -7.95 41.81 18.78
C PHE E 75 -7.49 40.60 17.97
N THR E 76 -6.36 40.03 18.39
CA THR E 76 -5.73 38.95 17.65
C THR E 76 -5.09 37.97 18.63
N LEU E 77 -5.31 36.67 18.36
CA LEU E 77 -4.60 35.59 19.04
C LEU E 77 -3.65 34.95 18.03
N THR E 78 -2.41 34.75 18.45
CA THR E 78 -1.39 34.18 17.58
C THR E 78 -0.76 32.97 18.25
N ILE E 79 -0.70 31.86 17.51
CA ILE E 79 0.05 30.68 17.90
C ILE E 79 1.27 30.62 16.99
N SER E 80 2.44 30.90 17.56
CA SER E 80 3.63 31.13 16.72
C SER E 80 4.16 29.83 16.12
N SER E 81 4.12 28.74 16.89
CA SER E 81 4.66 27.45 16.42
C SER E 81 3.64 26.37 16.79
N LEU E 82 2.73 26.10 15.85
CA LEU E 82 1.64 25.16 16.11
C LEU E 82 2.18 23.79 16.46
N GLN E 83 1.65 23.21 17.54
CA GLN E 83 2.01 21.89 18.02
C GLN E 83 0.81 20.96 17.92
N PRO E 84 1.04 19.64 17.86
CA PRO E 84 -0.10 18.71 17.76
C PRO E 84 -1.08 18.85 18.91
N GLU E 85 -0.60 19.06 20.13
CA GLU E 85 -1.49 19.18 21.28
C GLU E 85 -2.32 20.45 21.27
N ASP E 86 -2.05 21.38 20.35
CA ASP E 86 -2.81 22.62 20.25
C ASP E 86 -4.12 22.46 19.49
N PHE E 87 -4.53 21.23 19.18
CA PHE E 87 -5.85 21.01 18.59
C PHE E 87 -6.92 21.31 19.63
N ALA E 88 -7.74 22.33 19.35
CA ALA E 88 -8.80 22.75 20.27
C ALA E 88 -9.64 23.80 19.56
N THR E 89 -10.71 24.22 20.24
CA THR E 89 -11.49 25.37 19.84
C THR E 89 -11.09 26.55 20.71
N TYR E 90 -10.82 27.69 20.08
CA TYR E 90 -10.35 28.89 20.76
C TYR E 90 -11.46 29.92 20.80
N TYR E 91 -11.69 30.48 21.98
CA TYR E 91 -12.75 31.47 22.21
C TYR E 91 -12.13 32.77 22.69
N CYS E 92 -12.59 33.88 22.11
CA CYS E 92 -12.34 35.17 22.73
C CYS E 92 -13.47 35.50 23.69
N GLN E 93 -13.18 36.38 24.64
CA GLN E 93 -14.14 36.72 25.67
C GLN E 93 -13.87 38.13 26.16
N GLN E 94 -14.88 38.99 26.12
CA GLN E 94 -14.78 40.32 26.70
C GLN E 94 -15.19 40.24 28.17
N SER E 95 -14.48 41.01 29.01
CA SER E 95 -14.74 41.05 30.44
C SER E 95 -14.98 42.47 30.92
N HIS E 96 -15.50 43.33 30.03
CA HIS E 96 -15.77 44.73 30.36
C HIS E 96 -17.11 44.91 31.06
N GLU E 97 -18.14 44.21 30.64
CA GLU E 97 -19.46 44.37 31.23
C GLU E 97 -20.26 43.08 31.12
N ASP E 98 -21.26 42.96 31.98
CA ASP E 98 -22.25 41.88 31.95
C ASP E 98 -22.87 41.77 30.56
N PRO E 99 -23.03 40.55 30.03
CA PRO E 99 -22.75 39.24 30.64
C PRO E 99 -21.40 38.62 30.27
N TYR E 100 -20.40 39.44 29.97
CA TYR E 100 -19.06 38.96 29.66
C TYR E 100 -19.09 37.93 28.53
N THR E 101 -19.41 38.44 27.35
CA THR E 101 -19.71 37.58 26.20
C THR E 101 -18.48 36.79 25.75
N PHE E 102 -18.71 35.56 25.31
CA PHE E 102 -17.71 34.74 24.65
C PHE E 102 -17.89 34.82 23.14
N GLY E 103 -16.78 34.66 22.42
CA GLY E 103 -16.85 34.58 20.97
C GLY E 103 -17.45 33.27 20.50
N GLN E 104 -17.77 33.22 19.21
CA GLN E 104 -18.39 32.02 18.65
C GLN E 104 -17.41 30.86 18.58
N GLY E 105 -16.12 31.11 18.58
CA GLY E 105 -15.15 30.04 18.63
C GLY E 105 -14.51 29.76 17.27
N THR E 106 -13.25 29.33 17.31
CA THR E 106 -12.49 29.00 16.11
C THR E 106 -11.89 27.61 16.28
N LYS E 107 -12.20 26.71 15.36
CA LYS E 107 -11.67 25.34 15.41
C LYS E 107 -10.33 25.30 14.69
N VAL E 108 -9.29 24.87 15.42
CA VAL E 108 -7.95 24.74 14.87
C VAL E 108 -7.66 23.25 14.72
N GLU E 109 -7.51 22.79 13.48
CA GLU E 109 -7.20 21.41 13.18
C GLU E 109 -5.77 21.29 12.69
N ILE E 110 -5.12 20.20 13.05
CA ILE E 110 -3.73 19.96 12.69
C ILE E 110 -3.67 19.25 11.35
N LYS E 111 -2.77 19.69 10.48
CA LYS E 111 -2.54 19.07 9.19
C LYS E 111 -1.22 18.31 9.24
N ARG E 112 -1.27 17.02 8.91
CA ARG E 112 -0.07 16.19 8.89
C ARG E 112 0.01 15.38 7.61
N THR E 113 0.99 14.48 7.53
CA THR E 113 1.12 13.63 6.35
C THR E 113 0.02 12.57 6.34
N VAL E 114 -0.21 12.00 5.16
CA VAL E 114 -1.22 10.97 5.00
C VAL E 114 -0.82 9.73 5.77
N ALA E 115 -1.78 9.16 6.50
CA ALA E 115 -1.55 7.94 7.27
C ALA E 115 -2.67 6.96 6.96
N ALA E 116 -2.31 5.73 6.58
CA ALA E 116 -3.30 4.72 6.27
C ALA E 116 -3.91 4.15 7.55
N PRO E 117 -5.19 3.78 7.50
CA PRO E 117 -5.84 3.21 8.70
C PRO E 117 -5.55 1.72 8.85
N SER E 118 -5.42 1.30 10.10
CA SER E 118 -5.34 -0.12 10.44
C SER E 118 -6.75 -0.61 10.74
N VAL E 119 -7.19 -1.62 10.00
CA VAL E 119 -8.58 -2.07 10.05
C VAL E 119 -8.70 -3.30 10.93
N PHE E 120 -9.71 -3.32 11.78
CA PHE E 120 -10.06 -4.46 12.61
C PHE E 120 -11.56 -4.68 12.54
N ILE E 121 -11.97 -5.95 12.64
CA ILE E 121 -13.38 -6.31 12.64
C ILE E 121 -13.66 -7.16 13.87
N PHE E 122 -14.84 -6.97 14.46
CA PHE E 122 -15.22 -7.67 15.69
C PHE E 122 -16.56 -8.37 15.47
N PRO E 123 -16.66 -9.67 15.69
CA PRO E 123 -17.95 -10.34 15.59
C PRO E 123 -18.82 -10.02 16.80
N PRO E 124 -20.14 -10.20 16.69
CA PRO E 124 -21.00 -9.96 17.85
C PRO E 124 -20.69 -10.94 18.97
N SER E 125 -20.85 -10.46 20.20
CA SER E 125 -20.59 -11.29 21.36
C SER E 125 -21.73 -12.29 21.60
N ASP E 126 -21.42 -13.35 22.32
CA ASP E 126 -22.43 -14.38 22.61
C ASP E 126 -23.50 -13.84 23.55
N GLU E 127 -23.11 -13.02 24.53
CA GLU E 127 -24.09 -12.45 25.44
C GLU E 127 -25.06 -11.52 24.74
N GLN E 128 -24.60 -10.83 23.69
CA GLN E 128 -25.50 -9.94 22.95
C GLN E 128 -26.45 -10.73 22.07
N LEU E 129 -25.99 -11.84 21.49
CA LEU E 129 -26.84 -12.66 20.64
C LEU E 129 -28.01 -13.27 21.41
N LYS E 130 -27.91 -13.37 22.73
CA LYS E 130 -29.03 -13.86 23.52
C LYS E 130 -30.19 -12.88 23.51
N SER E 131 -29.90 -11.57 23.41
CA SER E 131 -30.96 -10.57 23.44
C SER E 131 -31.74 -10.51 22.14
N GLY E 132 -31.23 -11.07 21.06
CA GLY E 132 -31.90 -11.04 19.78
C GLY E 132 -31.41 -10.00 18.80
N THR E 133 -30.24 -9.40 19.04
CA THR E 133 -29.68 -8.40 18.15
C THR E 133 -28.18 -8.64 18.02
N ALA E 134 -27.65 -8.41 16.83
CA ALA E 134 -26.23 -8.60 16.53
C ALA E 134 -25.65 -7.30 16.02
N SER E 135 -24.61 -6.81 16.69
CA SER E 135 -23.92 -5.58 16.29
C SER E 135 -22.48 -5.94 15.92
N VAL E 136 -22.17 -5.83 14.63
CA VAL E 136 -20.81 -6.05 14.13
C VAL E 136 -20.10 -4.71 14.07
N VAL E 137 -18.88 -4.66 14.60
CA VAL E 137 -18.13 -3.42 14.73
C VAL E 137 -16.89 -3.50 13.86
N CYS E 138 -16.63 -2.44 13.10
CA CYS E 138 -15.43 -2.29 12.29
C CYS E 138 -14.64 -1.09 12.80
N LEU E 139 -13.33 -1.26 12.94
CA LEU E 139 -12.47 -0.26 13.55
C LEU E 139 -11.43 0.22 12.56
N LEU E 140 -11.43 1.52 12.29
CA LEU E 140 -10.36 2.20 11.54
C LEU E 140 -9.57 3.01 12.55
N ASN E 141 -8.27 2.76 12.63
CA ASN E 141 -7.45 3.25 13.74
C ASN E 141 -6.28 4.07 13.22
N ASN E 142 -6.16 5.30 13.74
CA ASN E 142 -5.02 6.18 13.50
C ASN E 142 -4.76 6.41 12.02
N PHE E 143 -5.54 7.29 11.40
CA PHE E 143 -5.38 7.60 9.98
C PHE E 143 -5.56 9.09 9.75
N TYR E 144 -5.06 9.54 8.60
CA TYR E 144 -5.21 10.92 8.17
C TYR E 144 -5.17 10.96 6.64
N PRO E 145 -6.03 11.78 6.02
CA PRO E 145 -7.01 12.68 6.63
C PRO E 145 -8.27 12.00 7.14
N ARG E 146 -9.25 12.82 7.56
CA ARG E 146 -10.46 12.32 8.19
C ARG E 146 -11.35 11.58 7.19
N GLU E 147 -11.33 11.98 5.93
CA GLU E 147 -12.23 11.39 4.93
C GLU E 147 -11.91 9.91 4.73
N ALA E 148 -12.90 9.06 4.96
CA ALA E 148 -12.74 7.62 4.80
C ALA E 148 -14.12 7.00 4.55
N LYS E 149 -14.15 5.97 3.71
CA LYS E 149 -15.37 5.28 3.35
C LYS E 149 -15.35 3.86 3.89
N VAL E 150 -16.47 3.44 4.47
CA VAL E 150 -16.64 2.09 5.01
C VAL E 150 -17.83 1.45 4.31
N GLN E 151 -17.60 0.30 3.69
CA GLN E 151 -18.64 -0.43 2.97
C GLN E 151 -18.77 -1.82 3.59
N TRP E 152 -19.95 -2.09 4.16
CA TRP E 152 -20.22 -3.40 4.73
C TRP E 152 -20.68 -4.38 3.65
N LYS E 153 -20.27 -5.64 3.82
CA LYS E 153 -20.67 -6.70 2.89
C LYS E 153 -21.01 -7.95 3.69
N VAL E 154 -22.20 -8.49 3.42
CA VAL E 154 -22.67 -9.73 4.03
C VAL E 154 -22.82 -10.76 2.92
N ASP E 155 -21.92 -11.75 2.91
CA ASP E 155 -21.82 -12.72 1.80
C ASP E 155 -21.57 -11.99 0.48
N ASN E 156 -20.63 -11.05 0.51
CA ASN E 156 -20.26 -10.22 -0.63
C ASN E 156 -21.46 -9.43 -1.18
N ALA E 157 -22.46 -9.18 -0.35
CA ALA E 157 -23.59 -8.34 -0.73
C ALA E 157 -23.48 -7.01 -0.01
N PRO E 158 -23.27 -5.89 -0.72
CA PRO E 158 -23.11 -4.61 -0.06
C PRO E 158 -24.34 -4.23 0.76
N GLN E 159 -24.11 -3.55 1.87
CA GLN E 159 -25.16 -3.16 2.80
C GLN E 159 -25.49 -1.67 2.66
N SER E 160 -26.66 -1.30 3.15
CA SER E 160 -27.13 0.07 3.07
C SER E 160 -28.19 0.31 4.12
N GLY E 161 -28.11 1.46 4.79
CA GLY E 161 -29.15 1.86 5.71
C GLY E 161 -29.21 1.08 7.00
N ASN E 162 -28.13 0.39 7.37
CA ASN E 162 -28.12 -0.36 8.63
C ASN E 162 -26.78 -0.28 9.33
N SER E 163 -26.09 0.87 9.23
CA SER E 163 -24.81 1.05 9.88
C SER E 163 -24.66 2.50 10.32
N GLN E 164 -23.90 2.68 11.40
CA GLN E 164 -23.63 4.00 11.96
C GLN E 164 -22.14 4.16 12.20
N GLU E 165 -21.62 5.35 11.93
CA GLU E 165 -20.21 5.67 12.12
C GLU E 165 -20.03 6.61 13.29
N SER E 166 -18.80 6.66 13.78
CA SER E 166 -18.42 7.57 14.86
C SER E 166 -16.92 7.81 14.77
N VAL E 167 -16.52 9.08 14.76
CA VAL E 167 -15.12 9.47 14.58
C VAL E 167 -14.66 10.20 15.83
N THR E 168 -13.51 9.80 16.35
CA THR E 168 -12.92 10.49 17.49
C THR E 168 -12.37 11.85 17.06
N GLU E 169 -12.18 12.72 18.04
CA GLU E 169 -11.50 13.99 17.77
C GLU E 169 -10.05 13.73 17.42
N GLN E 170 -9.43 14.74 16.80
CA GLN E 170 -8.04 14.59 16.37
C GLN E 170 -7.13 14.32 17.56
N ASP E 171 -6.33 13.26 17.45
CA ASP E 171 -5.47 12.86 18.55
C ASP E 171 -4.44 13.93 18.85
N SER E 172 -4.25 14.25 20.13
CA SER E 172 -3.38 15.34 20.52
C SER E 172 -1.90 15.01 20.35
N LYS E 173 -1.55 13.74 20.13
CA LYS E 173 -0.15 13.34 20.01
C LYS E 173 0.28 13.19 18.55
N ASP E 174 -0.40 12.34 17.79
CA ASP E 174 -0.03 12.07 16.41
C ASP E 174 -0.99 12.67 15.39
N SER E 175 -2.00 13.42 15.83
CA SER E 175 -2.90 14.18 14.95
C SER E 175 -3.69 13.27 14.00
N THR E 176 -3.94 12.03 14.38
CA THR E 176 -4.68 11.10 13.56
C THR E 176 -6.11 10.95 14.07
N TYR E 177 -6.95 10.34 13.25
CA TYR E 177 -8.34 10.05 13.57
C TYR E 177 -8.56 8.55 13.70
N SER E 178 -9.61 8.19 14.41
CA SER E 178 -10.08 6.81 14.48
C SER E 178 -11.58 6.78 14.22
N LEU E 179 -12.02 5.72 13.54
CA LEU E 179 -13.43 5.59 13.14
C LEU E 179 -13.92 4.20 13.51
N SER E 180 -15.18 4.14 13.96
CA SER E 180 -15.82 2.88 14.32
C SER E 180 -17.18 2.82 13.62
N SER E 181 -17.39 1.78 12.83
CA SER E 181 -18.65 1.55 12.15
C SER E 181 -19.33 0.33 12.77
N THR E 182 -20.61 0.49 13.12
CA THR E 182 -21.38 -0.55 13.78
C THR E 182 -22.51 -1.01 12.87
N LEU E 183 -22.47 -2.28 12.47
CA LEU E 183 -23.51 -2.88 11.65
C LEU E 183 -24.46 -3.64 12.57
N THR E 184 -25.70 -3.17 12.64
CA THR E 184 -26.71 -3.74 13.53
C THR E 184 -27.68 -4.59 12.72
N LEU E 185 -27.82 -5.86 13.12
CA LEU E 185 -28.75 -6.78 12.48
C LEU E 185 -29.52 -7.54 13.55
N SER E 186 -30.71 -8.01 13.18
CA SER E 186 -31.46 -8.89 14.07
C SER E 186 -30.82 -10.26 14.11
N LYS E 187 -31.05 -10.98 15.21
CA LYS E 187 -30.45 -12.31 15.37
C LYS E 187 -30.88 -13.26 14.27
N ALA E 188 -32.09 -13.09 13.73
CA ALA E 188 -32.55 -13.95 12.64
C ALA E 188 -31.76 -13.67 11.37
N ASP E 189 -31.58 -12.40 11.02
CA ASP E 189 -30.84 -12.07 9.81
C ASP E 189 -29.35 -12.34 9.95
N TYR E 190 -28.83 -12.32 11.18
CA TYR E 190 -27.40 -12.56 11.38
C TYR E 190 -27.06 -14.02 11.15
N GLU E 191 -27.93 -14.94 11.58
CA GLU E 191 -27.68 -16.36 11.42
C GLU E 191 -27.98 -16.87 10.01
N LYS E 192 -28.62 -16.06 9.17
CA LYS E 192 -28.91 -16.47 7.80
C LYS E 192 -27.70 -16.37 6.89
N HIS E 193 -26.59 -15.83 7.37
CA HIS E 193 -25.40 -15.65 6.54
C HIS E 193 -24.16 -16.04 7.36
N LYS E 194 -23.04 -16.16 6.67
CA LYS E 194 -21.80 -16.63 7.27
C LYS E 194 -20.65 -15.65 7.17
N VAL E 195 -20.52 -14.94 6.05
CA VAL E 195 -19.37 -14.06 5.80
C VAL E 195 -19.78 -12.62 6.11
N TYR E 196 -18.97 -11.95 6.92
CA TYR E 196 -19.20 -10.54 7.29
C TYR E 196 -17.88 -9.79 7.10
N ALA E 197 -17.86 -8.90 6.12
CA ALA E 197 -16.64 -8.19 5.74
C ALA E 197 -16.81 -6.68 5.93
N CYS E 198 -15.69 -6.00 6.13
CA CYS E 198 -15.65 -4.54 6.23
C CYS E 198 -14.61 -4.04 5.24
N GLU E 199 -15.05 -3.33 4.22
CA GLU E 199 -14.17 -2.83 3.17
C GLU E 199 -13.92 -1.34 3.38
N VAL E 200 -12.65 -0.96 3.40
CA VAL E 200 -12.22 0.39 3.76
C VAL E 200 -11.49 1.00 2.57
N THR E 201 -11.87 2.22 2.20
CA THR E 201 -11.20 2.99 1.17
C THR E 201 -10.68 4.28 1.79
N HIS E 202 -9.39 4.55 1.61
CA HIS E 202 -8.77 5.73 2.19
C HIS E 202 -7.65 6.19 1.28
N GLN E 203 -7.28 7.48 1.43
CA GLN E 203 -6.24 8.06 0.59
C GLN E 203 -4.89 7.36 0.78
N GLY E 204 -4.62 6.86 1.97
CA GLY E 204 -3.36 6.19 2.23
C GLY E 204 -3.27 4.76 1.72
N LEU E 205 -4.36 4.21 1.22
CA LEU E 205 -4.40 2.84 0.73
C LEU E 205 -4.43 2.84 -0.79
N SER E 206 -3.51 2.08 -1.40
CA SER E 206 -3.49 1.97 -2.85
C SER E 206 -4.69 1.19 -3.37
N SER E 207 -5.19 0.24 -2.59
CA SER E 207 -6.36 -0.56 -2.93
C SER E 207 -7.22 -0.69 -1.68
N PRO E 208 -8.52 -0.93 -1.85
CA PRO E 208 -9.39 -1.09 -0.68
C PRO E 208 -8.96 -2.26 0.19
N VAL E 209 -8.88 -2.02 1.49
CA VAL E 209 -8.52 -3.04 2.47
C VAL E 209 -9.79 -3.63 3.04
N THR E 210 -9.85 -4.97 3.11
CA THR E 210 -11.04 -5.67 3.57
C THR E 210 -10.67 -6.61 4.72
N LYS E 211 -11.39 -6.49 5.83
CA LYS E 211 -11.27 -7.41 6.95
C LYS E 211 -12.60 -8.13 7.14
N SER E 212 -12.54 -9.43 7.40
CA SER E 212 -13.74 -10.25 7.47
C SER E 212 -13.56 -11.39 8.46
N PHE E 213 -14.68 -11.98 8.85
CA PHE E 213 -14.69 -13.17 9.67
C PHE E 213 -15.82 -14.08 9.22
N ASN E 214 -15.71 -15.36 9.59
CA ASN E 214 -16.74 -16.35 9.29
C ASN E 214 -17.47 -16.70 10.59
N ARG E 215 -18.79 -16.57 10.57
CA ARG E 215 -19.59 -16.88 11.74
C ARG E 215 -19.49 -18.36 12.07
N GLY E 216 -18.94 -18.67 13.23
CA GLY E 216 -18.77 -20.05 13.66
C GLY E 216 -17.34 -20.39 14.03
N GLU F 1 -3.33 23.70 46.23
CA GLU F 1 -3.86 24.22 44.98
C GLU F 1 -5.38 24.30 45.04
N VAL F 2 -5.95 25.36 44.47
CA VAL F 2 -7.39 25.56 44.47
C VAL F 2 -8.03 24.63 43.43
N GLN F 3 -9.07 23.92 43.84
CA GLN F 3 -9.76 22.98 42.96
C GLN F 3 -11.27 23.18 43.08
N LEU F 4 -11.96 22.91 41.98
CA LEU F 4 -13.41 23.06 41.90
C LEU F 4 -14.01 21.73 41.42
N VAL F 5 -14.86 21.12 42.24
CA VAL F 5 -15.49 19.85 41.93
C VAL F 5 -16.99 20.05 41.85
N GLU F 6 -17.59 19.61 40.75
CA GLU F 6 -19.02 19.82 40.50
C GLU F 6 -19.81 18.53 40.70
N SER F 7 -21.10 18.70 40.94
CA SER F 7 -22.03 17.59 41.08
C SER F 7 -23.45 18.12 40.95
N GLY F 8 -24.40 17.20 40.86
CA GLY F 8 -25.81 17.55 40.75
C GLY F 8 -26.39 17.41 39.36
N GLY F 9 -25.55 17.17 38.35
CA GLY F 9 -26.04 17.03 36.99
C GLY F 9 -26.78 15.72 36.79
N GLY F 10 -27.34 15.58 35.59
CA GLY F 10 -28.09 14.38 35.24
C GLY F 10 -29.36 14.68 34.47
N LEU F 11 -30.35 13.80 34.61
CA LEU F 11 -31.61 13.93 33.90
C LEU F 11 -32.61 14.70 34.74
N VAL F 12 -33.25 15.69 34.14
CA VAL F 12 -34.25 16.52 34.80
C VAL F 12 -35.50 16.57 33.92
N GLN F 13 -36.67 16.59 34.56
CA GLN F 13 -37.92 16.68 33.82
C GLN F 13 -38.19 18.13 33.40
N PRO F 14 -38.84 18.34 32.25
CA PRO F 14 -39.17 19.70 31.84
C PRO F 14 -40.14 20.36 32.81
N GLY F 15 -39.95 21.66 33.04
CA GLY F 15 -40.77 22.42 33.94
C GLY F 15 -40.31 22.44 35.37
N GLY F 16 -39.51 21.46 35.80
CA GLY F 16 -39.03 21.40 37.15
C GLY F 16 -37.74 22.19 37.36
N SER F 17 -37.26 22.17 38.60
CA SER F 17 -36.04 22.86 38.97
C SER F 17 -34.89 21.87 39.13
N LEU F 18 -33.67 22.41 39.13
CA LEU F 18 -32.47 21.61 39.37
C LEU F 18 -31.52 22.43 40.23
N ARG F 19 -30.55 21.74 40.83
CA ARG F 19 -29.60 22.39 41.72
C ARG F 19 -28.22 21.78 41.49
N LEU F 20 -27.25 22.63 41.14
CA LEU F 20 -25.86 22.24 40.96
C LEU F 20 -25.01 22.79 42.08
N SER F 21 -23.93 22.09 42.39
CA SER F 21 -23.04 22.46 43.48
C SER F 21 -21.60 22.43 42.98
N CYS F 22 -20.79 23.36 43.51
CA CYS F 22 -19.37 23.49 43.16
C CYS F 22 -18.58 23.51 44.46
N ALA F 23 -18.14 22.33 44.91
CA ALA F 23 -17.33 22.25 46.11
C ALA F 23 -15.92 22.77 45.81
N VAL F 24 -15.46 23.73 46.62
CA VAL F 24 -14.17 24.37 46.44
C VAL F 24 -13.25 23.93 47.58
N SER F 25 -12.02 23.57 47.23
CA SER F 25 -11.00 23.21 48.21
C SER F 25 -9.70 23.94 47.87
N GLY F 26 -8.87 24.12 48.89
CA GLY F 26 -7.62 24.83 48.73
C GLY F 26 -7.73 26.33 48.78
N TYR F 27 -8.93 26.88 48.93
CA TYR F 27 -9.13 28.32 49.00
C TYR F 27 -10.53 28.57 49.55
N SER F 28 -10.65 29.56 50.43
CA SER F 28 -11.94 29.92 50.99
C SER F 28 -12.68 30.85 50.04
N ILE F 29 -13.93 30.51 49.73
CA ILE F 29 -14.71 31.31 48.79
C ILE F 29 -15.14 32.64 49.37
N THR F 30 -14.90 32.86 50.66
CA THR F 30 -15.17 34.15 51.28
C THR F 30 -13.90 34.98 51.45
N SER F 31 -12.74 34.51 50.97
CA SER F 31 -11.52 35.28 51.07
C SER F 31 -11.39 36.30 49.95
N GLY F 32 -11.80 35.94 48.74
CA GLY F 32 -11.70 36.86 47.63
C GLY F 32 -12.28 36.25 46.37
N TYR F 33 -12.09 36.98 45.27
CA TYR F 33 -12.53 36.58 43.93
C TYR F 33 -14.04 36.48 43.82
N SER F 34 -14.54 36.38 42.59
CA SER F 34 -15.92 36.05 42.30
C SER F 34 -16.00 34.58 41.89
N TRP F 35 -17.18 33.99 42.08
CA TRP F 35 -17.41 32.59 41.79
C TRP F 35 -18.60 32.49 40.85
N ASN F 36 -18.37 31.91 39.67
CA ASN F 36 -19.27 32.03 38.54
C ASN F 36 -19.79 30.67 38.11
N TRP F 37 -20.85 30.70 37.31
CA TRP F 37 -21.38 29.54 36.63
C TRP F 37 -21.44 29.84 35.14
N ILE F 38 -20.96 28.91 34.32
CA ILE F 38 -20.88 29.09 32.88
C ILE F 38 -21.34 27.79 32.22
N ARG F 39 -22.25 27.90 31.26
CA ARG F 39 -22.82 26.73 30.61
C ARG F 39 -22.50 26.73 29.12
N GLN F 40 -22.62 25.56 28.51
CA GLN F 40 -22.28 25.38 27.10
C GLN F 40 -23.20 24.30 26.53
N ALA F 41 -24.11 24.71 25.65
CA ALA F 41 -24.99 23.75 24.99
C ALA F 41 -24.18 22.79 24.13
N PRO F 42 -24.68 21.58 23.90
CA PRO F 42 -23.90 20.60 23.12
C PRO F 42 -23.55 21.13 21.73
N GLY F 43 -22.25 21.19 21.46
CA GLY F 43 -21.77 21.70 20.20
C GLY F 43 -21.90 23.20 20.00
N LYS F 44 -22.21 23.95 21.05
CA LYS F 44 -22.38 25.39 20.98
C LYS F 44 -21.25 26.09 21.71
N GLY F 45 -21.38 27.41 21.86
CA GLY F 45 -20.39 28.22 22.53
C GLY F 45 -20.62 28.31 24.02
N LEU F 46 -19.91 29.24 24.64
CA LEU F 46 -19.94 29.42 26.09
C LEU F 46 -20.82 30.61 26.46
N GLU F 47 -21.49 30.49 27.60
CA GLU F 47 -22.41 31.52 28.08
C GLU F 47 -22.30 31.61 29.59
N TRP F 48 -21.91 32.79 30.09
CA TRP F 48 -21.91 33.07 31.51
C TRP F 48 -23.33 33.39 31.96
N VAL F 49 -23.69 32.94 33.17
CA VAL F 49 -25.08 33.08 33.61
C VAL F 49 -25.19 33.78 34.97
N ALA F 50 -24.26 33.50 35.89
CA ALA F 50 -24.40 34.04 37.23
C ALA F 50 -23.04 34.07 37.92
N SER F 51 -22.94 34.93 38.94
CA SER F 51 -21.73 35.08 39.72
C SER F 51 -22.09 35.54 41.13
N ILE F 52 -21.24 35.17 42.09
CA ILE F 52 -21.37 35.66 43.46
C ILE F 52 -19.97 36.02 43.96
N THR F 53 -19.87 37.17 44.62
CA THR F 53 -18.58 37.67 45.08
C THR F 53 -18.24 37.07 46.44
N TYR F 54 -17.07 37.45 46.96
CA TYR F 54 -16.63 36.94 48.26
C TYR F 54 -17.50 37.46 49.40
N ASP F 55 -18.18 38.60 49.21
CA ASP F 55 -19.04 39.18 50.23
C ASP F 55 -20.52 38.93 49.96
N GLY F 56 -20.86 38.03 49.04
CA GLY F 56 -22.23 37.62 48.82
C GLY F 56 -22.98 38.39 47.75
N SER F 57 -22.35 39.36 47.09
CA SER F 57 -23.02 40.12 46.04
C SER F 57 -23.19 39.25 44.80
N THR F 58 -24.41 39.23 44.27
CA THR F 58 -24.76 38.38 43.14
C THR F 58 -25.12 39.22 41.91
N ASN F 59 -25.00 38.59 40.75
CA ASN F 59 -25.35 39.20 39.48
C ASN F 59 -25.69 38.09 38.50
N TYR F 60 -26.59 38.40 37.55
CA TYR F 60 -27.13 37.39 36.66
C TYR F 60 -27.14 37.88 35.22
N ASN F 61 -27.09 36.92 34.29
CA ASN F 61 -27.27 37.22 32.88
C ASN F 61 -28.74 37.53 32.63
N PRO F 62 -29.06 38.65 31.96
CA PRO F 62 -30.47 38.94 31.64
C PRO F 62 -31.17 37.84 30.87
N SER F 63 -30.43 36.96 30.19
CA SER F 63 -31.04 35.88 29.44
C SER F 63 -31.74 34.86 30.33
N VAL F 64 -31.39 34.81 31.63
CA VAL F 64 -31.94 33.80 32.52
C VAL F 64 -32.44 34.43 33.81
N LYS F 65 -32.18 35.73 33.97
CA LYS F 65 -32.56 36.42 35.20
C LYS F 65 -34.06 36.33 35.43
N GLY F 66 -34.44 35.82 36.60
CA GLY F 66 -35.84 35.61 36.91
C GLY F 66 -36.11 34.18 37.32
N ARG F 67 -35.43 33.24 36.67
CA ARG F 67 -35.55 31.82 36.98
C ARG F 67 -34.22 31.19 37.39
N ILE F 68 -33.22 32.01 37.71
CA ILE F 68 -31.90 31.52 38.10
C ILE F 68 -31.52 32.16 39.44
N THR F 69 -30.81 31.40 40.25
CA THR F 69 -30.38 31.88 41.56
C THR F 69 -29.07 31.22 41.95
N ILE F 70 -28.08 32.03 42.28
CA ILE F 70 -26.78 31.55 42.77
C ILE F 70 -26.69 31.84 44.26
N SER F 71 -26.21 30.87 45.02
CA SER F 71 -26.09 30.98 46.47
C SER F 71 -24.83 30.24 46.90
N ARG F 72 -24.63 30.13 48.21
CA ARG F 72 -23.43 29.46 48.72
C ARG F 72 -23.66 29.02 50.16
N ASP F 73 -22.86 28.06 50.59
CA ASP F 73 -22.80 27.60 51.97
C ASP F 73 -21.36 27.79 52.44
N ASP F 74 -21.15 28.74 53.35
CA ASP F 74 -19.80 29.13 53.75
C ASP F 74 -19.09 28.00 54.48
N SER F 75 -19.77 27.35 55.43
CA SER F 75 -19.12 26.28 56.19
C SER F 75 -18.76 25.10 55.32
N LYS F 76 -19.48 24.87 54.23
CA LYS F 76 -19.16 23.82 53.28
C LYS F 76 -18.23 24.27 52.17
N ASN F 77 -17.91 25.56 52.11
CA ASN F 77 -17.06 26.12 51.05
C ASN F 77 -17.58 25.74 49.67
N THR F 78 -18.90 25.82 49.51
CA THR F 78 -19.57 25.40 48.28
C THR F 78 -20.58 26.46 47.88
N PHE F 79 -20.63 26.76 46.58
CA PHE F 79 -21.64 27.66 46.04
C PHE F 79 -22.48 26.93 45.01
N TYR F 80 -23.74 27.33 44.89
CA TYR F 80 -24.75 26.54 44.19
C TYR F 80 -25.37 27.34 43.05
N LEU F 81 -25.95 26.60 42.11
CA LEU F 81 -26.75 27.17 41.03
C LEU F 81 -28.11 26.50 41.02
N GLN F 82 -29.17 27.29 41.05
CA GLN F 82 -30.54 26.81 40.93
C GLN F 82 -31.18 27.46 39.71
N MET F 83 -31.88 26.65 38.91
CA MET F 83 -32.63 27.13 37.76
C MET F 83 -34.00 26.48 37.75
N ASN F 84 -35.04 27.29 37.67
CA ASN F 84 -36.42 26.83 37.69
C ASN F 84 -37.01 26.85 36.28
N SER F 85 -38.08 26.07 36.11
CA SER F 85 -38.81 25.98 34.85
C SER F 85 -37.87 25.61 33.70
N LEU F 86 -37.20 24.47 33.87
CA LEU F 86 -36.19 24.05 32.91
C LEU F 86 -36.81 23.80 31.54
N ARG F 87 -36.21 24.41 30.52
CA ARG F 87 -36.67 24.28 29.15
C ARG F 87 -35.74 23.33 28.39
N ALA F 88 -36.06 23.09 27.12
CA ALA F 88 -35.23 22.23 26.30
C ALA F 88 -33.88 22.87 25.99
N GLU F 89 -33.83 24.21 25.99
CA GLU F 89 -32.58 24.92 25.73
C GLU F 89 -31.63 24.92 26.91
N ASP F 90 -32.08 24.46 28.09
CA ASP F 90 -31.22 24.42 29.26
C ASP F 90 -30.32 23.19 29.29
N THR F 91 -30.48 22.27 28.35
CA THR F 91 -29.59 21.11 28.24
C THR F 91 -28.20 21.60 27.85
N ALA F 92 -27.23 21.44 28.75
CA ALA F 92 -25.89 21.96 28.52
C ALA F 92 -24.95 21.35 29.55
N VAL F 93 -23.65 21.57 29.33
CA VAL F 93 -22.63 21.27 30.34
C VAL F 93 -22.38 22.55 31.13
N TYR F 94 -22.57 22.48 32.44
CA TYR F 94 -22.41 23.64 33.30
C TYR F 94 -21.04 23.60 33.97
N TYR F 95 -20.32 24.70 33.87
CA TYR F 95 -19.01 24.85 34.50
C TYR F 95 -19.10 25.90 35.60
N CYS F 96 -18.44 25.63 36.73
CA CYS F 96 -18.19 26.66 37.72
C CYS F 96 -16.75 27.13 37.60
N ALA F 97 -16.55 28.44 37.69
CA ALA F 97 -15.26 29.04 37.48
C ALA F 97 -15.05 30.15 38.50
N ARG F 98 -13.78 30.43 38.79
CA ARG F 98 -13.41 31.49 39.71
C ARG F 98 -13.00 32.74 38.93
N GLY F 99 -13.43 33.90 39.41
CA GLY F 99 -13.04 35.15 38.81
C GLY F 99 -11.56 35.43 39.01
N SER F 100 -11.18 36.65 38.63
CA SER F 100 -9.79 37.05 38.65
C SER F 100 -9.59 38.22 39.61
N HIS F 101 -8.32 38.55 39.86
CA HIS F 101 -7.95 39.64 40.75
C HIS F 101 -7.41 40.83 39.98
N TYR F 102 -6.35 40.66 39.21
CA TYR F 102 -5.73 41.77 38.49
C TYR F 102 -6.31 41.90 37.10
N PHE F 103 -6.29 43.13 36.58
CA PHE F 103 -6.81 43.46 35.26
C PHE F 103 -8.26 43.01 35.11
N GLY F 104 -9.08 43.43 36.07
CA GLY F 104 -10.48 43.07 36.08
C GLY F 104 -10.74 41.80 36.85
N HIS F 105 -12.01 41.60 37.20
CA HIS F 105 -12.44 40.47 38.01
C HIS F 105 -13.19 39.41 37.22
N TRP F 106 -13.36 39.58 35.91
CA TRP F 106 -14.32 38.79 35.16
C TRP F 106 -13.68 38.02 34.01
N HIS F 107 -12.46 37.53 34.21
CA HIS F 107 -11.91 36.47 33.39
C HIS F 107 -11.54 35.31 34.29
N PHE F 108 -11.73 34.08 33.79
CA PHE F 108 -11.80 32.89 34.61
C PHE F 108 -10.59 32.00 34.31
N ALA F 109 -9.72 31.83 35.31
CA ALA F 109 -8.51 31.03 35.15
C ALA F 109 -8.60 29.65 35.80
N VAL F 110 -9.57 29.43 36.69
CA VAL F 110 -9.74 28.15 37.37
C VAL F 110 -11.16 27.68 37.14
N TRP F 111 -11.31 26.45 36.62
CA TRP F 111 -12.60 25.92 36.22
C TRP F 111 -12.84 24.57 36.88
N GLY F 112 -14.12 24.25 37.10
CA GLY F 112 -14.51 22.91 37.46
C GLY F 112 -14.54 22.00 36.26
N GLN F 113 -14.75 20.71 36.52
CA GLN F 113 -14.73 19.72 35.45
C GLN F 113 -15.97 19.75 34.58
N GLY F 114 -17.03 20.41 35.01
CA GLY F 114 -18.26 20.46 34.24
C GLY F 114 -19.15 19.27 34.50
N THR F 115 -20.46 19.48 34.36
CA THR F 115 -21.44 18.43 34.54
C THR F 115 -22.57 18.61 33.56
N LEU F 116 -22.99 17.51 32.93
CA LEU F 116 -24.01 17.59 31.89
C LEU F 116 -25.40 17.55 32.50
N VAL F 117 -26.23 18.51 32.11
CA VAL F 117 -27.63 18.56 32.51
C VAL F 117 -28.48 18.27 31.28
N THR F 118 -29.30 17.23 31.36
CA THR F 118 -30.14 16.80 30.25
C THR F 118 -31.60 16.97 30.67
N VAL F 119 -32.30 17.89 30.00
CA VAL F 119 -33.71 18.15 30.26
C VAL F 119 -34.51 17.34 29.24
N SER F 120 -35.18 16.28 29.71
CA SER F 120 -35.92 15.40 28.83
C SER F 120 -36.98 14.67 29.65
N SER F 121 -38.15 14.48 29.06
CA SER F 121 -39.23 13.75 29.71
C SER F 121 -39.07 12.24 29.62
N ALA F 122 -37.99 11.75 29.02
CA ALA F 122 -37.74 10.32 28.90
C ALA F 122 -37.28 9.76 30.24
N SER F 123 -37.06 8.45 30.28
CA SER F 123 -36.66 7.75 31.49
C SER F 123 -35.21 7.29 31.38
N THR F 124 -34.59 7.11 32.54
CA THR F 124 -33.20 6.67 32.59
C THR F 124 -33.10 5.19 32.23
N LYS F 125 -32.16 4.86 31.36
CA LYS F 125 -31.93 3.48 30.93
C LYS F 125 -30.47 3.14 31.12
N GLY F 126 -30.21 1.99 31.75
CA GLY F 126 -28.85 1.54 31.99
C GLY F 126 -28.27 0.87 30.76
N PRO F 127 -26.96 1.00 30.57
CA PRO F 127 -26.32 0.43 29.39
C PRO F 127 -26.06 -1.06 29.53
N SER F 128 -25.96 -1.71 28.38
CA SER F 128 -25.58 -3.12 28.29
C SER F 128 -24.16 -3.20 27.73
N VAL F 129 -23.24 -3.73 28.52
CA VAL F 129 -21.83 -3.79 28.15
C VAL F 129 -21.54 -5.14 27.51
N PHE F 130 -21.07 -5.10 26.26
CA PHE F 130 -20.70 -6.30 25.52
C PHE F 130 -19.26 -6.21 25.06
N PRO F 131 -18.50 -7.30 25.17
CA PRO F 131 -17.07 -7.24 24.81
C PRO F 131 -16.87 -7.29 23.31
N LEU F 132 -15.71 -6.78 22.89
CA LEU F 132 -15.24 -6.85 21.51
C LEU F 132 -13.96 -7.67 21.52
N ALA F 133 -14.12 -8.99 21.36
CA ALA F 133 -12.98 -9.88 21.48
C ALA F 133 -12.06 -9.74 20.28
N PRO F 134 -10.74 -9.79 20.49
CA PRO F 134 -9.81 -9.68 19.36
C PRO F 134 -9.82 -10.93 18.51
N SER F 135 -9.28 -10.80 17.30
CA SER F 135 -9.19 -11.92 16.37
C SER F 135 -8.03 -12.83 16.74
N SER F 136 -8.19 -14.12 16.46
CA SER F 136 -7.17 -15.11 16.77
C SER F 136 -5.95 -14.93 15.88
C GLY F 142 1.26 -7.12 17.23
N THR F 143 0.27 -6.43 16.67
CA THR F 143 -0.61 -5.58 17.46
C THR F 143 -2.06 -6.04 17.33
N ALA F 144 -2.70 -6.29 18.47
CA ALA F 144 -4.09 -6.71 18.52
C ALA F 144 -4.98 -5.54 18.95
N ALA F 145 -6.28 -5.71 18.74
CA ALA F 145 -7.26 -4.68 19.09
C ALA F 145 -8.42 -5.34 19.82
N LEU F 146 -8.82 -4.74 20.94
CA LEU F 146 -9.94 -5.23 21.73
C LEU F 146 -10.69 -4.03 22.30
N GLY F 147 -11.93 -4.26 22.69
CA GLY F 147 -12.73 -3.16 23.21
C GLY F 147 -14.00 -3.65 23.88
N CYS F 148 -14.82 -2.68 24.27
CA CYS F 148 -16.10 -2.94 24.91
C CYS F 148 -17.18 -2.14 24.20
N LEU F 149 -18.37 -2.73 24.09
CA LEU F 149 -19.51 -2.10 23.45
C LEU F 149 -20.52 -1.70 24.51
N VAL F 150 -20.72 -0.39 24.66
CA VAL F 150 -21.68 0.17 25.63
C VAL F 150 -22.93 0.53 24.84
N LYS F 151 -24.00 -0.24 25.03
CA LYS F 151 -25.16 -0.20 24.16
C LYS F 151 -26.42 0.15 24.94
N ASP F 152 -27.29 0.95 24.32
CA ASP F 152 -28.64 1.21 24.80
C ASP F 152 -28.65 1.82 26.20
N TYR F 153 -28.42 3.13 26.30
CA TYR F 153 -28.46 3.83 27.57
C TYR F 153 -28.99 5.24 27.37
N PHE F 154 -29.47 5.82 28.45
CA PHE F 154 -29.97 7.20 28.46
C PHE F 154 -30.02 7.70 29.90
N PRO F 155 -29.58 8.95 30.12
CA PRO F 155 -29.00 9.83 29.11
C PRO F 155 -27.47 9.75 29.07
N GLU F 156 -26.85 10.70 28.37
CA GLU F 156 -25.41 10.86 28.43
C GLU F 156 -25.02 11.40 29.81
N PRO F 157 -23.75 11.23 30.21
CA PRO F 157 -22.67 10.53 29.53
C PRO F 157 -22.34 9.17 30.15
N VAL F 158 -21.36 8.49 29.55
CA VAL F 158 -20.80 7.25 30.09
C VAL F 158 -19.29 7.41 30.14
N THR F 159 -18.70 7.04 31.27
CA THR F 159 -17.25 7.07 31.44
C THR F 159 -16.71 5.65 31.35
N VAL F 160 -15.71 5.45 30.50
CA VAL F 160 -15.09 4.15 30.26
C VAL F 160 -13.62 4.24 30.60
N SER F 161 -13.15 3.33 31.44
CA SER F 161 -11.75 3.21 31.80
C SER F 161 -11.28 1.79 31.53
N TRP F 162 -9.96 1.60 31.54
CA TRP F 162 -9.36 0.30 31.28
C TRP F 162 -8.37 -0.04 32.39
N ASN F 163 -8.52 -1.23 32.96
CA ASN F 163 -7.66 -1.71 34.04
C ASN F 163 -7.63 -0.74 35.21
N SER F 164 -8.80 -0.22 35.58
CA SER F 164 -8.94 0.69 36.71
C SER F 164 -8.08 1.93 36.54
N GLY F 165 -7.94 2.38 35.30
CA GLY F 165 -7.19 3.57 34.97
C GLY F 165 -5.72 3.35 34.72
N ALA F 166 -5.22 2.13 34.88
CA ALA F 166 -3.80 1.85 34.67
C ALA F 166 -3.44 1.70 33.21
N LEU F 167 -4.41 1.71 32.30
CA LEU F 167 -4.17 1.54 30.87
C LEU F 167 -4.80 2.72 30.13
N THR F 168 -3.95 3.65 29.68
CA THR F 168 -4.42 4.83 28.95
C THR F 168 -3.86 4.93 27.54
N SER F 169 -2.71 4.33 27.26
CA SER F 169 -2.13 4.43 25.92
C SER F 169 -2.92 3.59 24.93
N GLY F 170 -2.98 4.07 23.69
CA GLY F 170 -3.69 3.38 22.62
C GLY F 170 -5.18 3.23 22.83
N VAL F 171 -5.79 3.98 23.75
CA VAL F 171 -7.21 3.88 24.04
C VAL F 171 -7.97 4.91 23.21
N HIS F 172 -9.09 4.49 22.63
CA HIS F 172 -9.95 5.36 21.85
C HIS F 172 -11.40 5.10 22.26
N THR F 173 -12.01 6.08 22.93
CA THR F 173 -13.42 6.01 23.30
C THR F 173 -14.19 6.91 22.34
N PHE F 174 -14.98 6.30 21.46
CA PHE F 174 -15.63 7.05 20.40
C PHE F 174 -16.81 7.86 20.97
N PRO F 175 -17.18 8.95 20.30
CA PRO F 175 -18.38 9.68 20.70
C PRO F 175 -19.61 8.80 20.58
N ALA F 176 -20.55 9.00 21.49
CA ALA F 176 -21.80 8.25 21.45
C ALA F 176 -22.64 8.69 20.26
N VAL F 177 -23.35 7.74 19.67
CA VAL F 177 -24.25 7.98 18.56
C VAL F 177 -25.68 7.73 19.02
N LEU F 178 -26.61 8.55 18.54
CA LEU F 178 -28.01 8.43 18.89
C LEU F 178 -28.68 7.43 17.96
N GLN F 179 -29.19 6.34 18.53
CA GLN F 179 -29.85 5.31 17.74
C GLN F 179 -31.29 5.70 17.47
N SER F 180 -31.93 4.94 16.58
CA SER F 180 -33.31 5.23 16.19
C SER F 180 -34.28 5.05 17.36
N SER F 181 -33.97 4.14 18.28
CA SER F 181 -34.83 3.91 19.43
C SER F 181 -34.84 5.08 20.41
N GLY F 182 -33.87 5.99 20.30
CA GLY F 182 -33.74 7.09 21.24
C GLY F 182 -32.65 6.90 22.28
N LEU F 183 -32.01 5.74 22.31
CA LEU F 183 -30.94 5.46 23.25
C LEU F 183 -29.57 5.68 22.60
N TYR F 184 -28.56 5.88 23.44
CA TYR F 184 -27.20 6.12 22.99
C TYR F 184 -26.39 4.82 23.02
N SER F 185 -25.27 4.84 22.29
CA SER F 185 -24.37 3.71 22.24
C SER F 185 -23.01 4.18 21.75
N LEU F 186 -21.95 3.65 22.36
CA LEU F 186 -20.59 3.99 21.96
C LEU F 186 -19.71 2.77 22.11
N SER F 187 -18.50 2.88 21.55
CA SER F 187 -17.48 1.85 21.66
C SER F 187 -16.22 2.45 22.27
N SER F 188 -15.39 1.57 22.82
CA SER F 188 -14.13 1.97 23.45
C SER F 188 -13.10 0.88 23.16
N VAL F 189 -12.26 1.12 22.15
CA VAL F 189 -11.27 0.14 21.73
C VAL F 189 -9.92 0.50 22.32
N VAL F 190 -8.99 -0.45 22.26
CA VAL F 190 -7.62 -0.24 22.72
C VAL F 190 -6.72 -1.21 21.97
N THR F 191 -5.58 -0.70 21.51
CA THR F 191 -4.61 -1.49 20.76
C THR F 191 -3.52 -1.97 21.71
N VAL F 192 -3.36 -3.28 21.82
CA VAL F 192 -2.37 -3.88 22.71
C VAL F 192 -1.49 -4.82 21.89
N PRO F 193 -0.27 -5.08 22.34
CA PRO F 193 0.58 -6.05 21.64
C PRO F 193 0.00 -7.45 21.71
N SER F 194 0.20 -8.21 20.63
CA SER F 194 -0.34 -9.56 20.53
C SER F 194 0.34 -10.55 21.47
N SER F 195 1.37 -10.14 22.19
CA SER F 195 2.12 -11.02 23.09
C SER F 195 1.52 -11.09 24.49
N SER F 196 0.26 -10.71 24.65
CA SER F 196 -0.39 -10.78 25.95
C SER F 196 -1.92 -10.83 25.80
N GLN F 200 -1.11 -10.28 30.79
CA GLN F 200 -1.92 -9.20 31.33
C GLN F 200 -3.40 -9.37 30.94
N THR F 201 -4.28 -9.14 31.90
CA THR F 201 -5.72 -9.25 31.69
C THR F 201 -6.32 -7.85 31.52
N TYR F 202 -7.19 -7.71 30.53
CA TYR F 202 -7.85 -6.44 30.23
C TYR F 202 -9.31 -6.49 30.64
N ILE F 203 -9.79 -5.37 31.18
CA ILE F 203 -11.19 -5.26 31.62
C ILE F 203 -11.57 -3.79 31.58
N CYS F 204 -12.71 -3.49 30.96
CA CYS F 204 -13.19 -2.11 30.86
C CYS F 204 -14.10 -1.79 32.03
N ASN F 205 -13.99 -0.56 32.51
CA ASN F 205 -14.76 -0.08 33.66
C ASN F 205 -15.79 0.93 33.15
N VAL F 206 -17.02 0.47 32.98
CA VAL F 206 -18.10 1.29 32.46
C VAL F 206 -18.91 1.84 33.63
N ASN F 207 -19.04 3.17 33.69
CA ASN F 207 -19.81 3.84 34.73
C ASN F 207 -20.85 4.73 34.06
N HIS F 208 -22.12 4.53 34.42
CA HIS F 208 -23.22 5.37 33.97
C HIS F 208 -23.86 5.97 35.22
N LYS F 209 -23.42 7.17 35.57
CA LYS F 209 -23.88 7.80 36.80
C LYS F 209 -25.39 8.00 36.89
N PRO F 210 -26.10 8.41 35.82
CA PRO F 210 -27.56 8.59 35.95
C PRO F 210 -28.31 7.35 36.39
N SER F 211 -27.77 6.15 36.17
CA SER F 211 -28.43 4.92 36.57
C SER F 211 -27.67 4.17 37.65
N ASN F 212 -26.61 4.78 38.22
CA ASN F 212 -25.80 4.15 39.27
C ASN F 212 -25.26 2.80 38.81
N THR F 213 -24.98 2.68 37.51
CA THR F 213 -24.53 1.44 36.89
C THR F 213 -23.01 1.43 36.83
N LYS F 214 -22.40 0.50 37.57
CA LYS F 214 -20.95 0.32 37.56
C LYS F 214 -20.68 -1.13 37.17
N VAL F 215 -20.23 -1.32 35.92
CA VAL F 215 -20.02 -2.65 35.36
C VAL F 215 -18.54 -2.80 35.00
N ASP F 216 -17.99 -3.98 35.28
CA ASP F 216 -16.61 -4.32 34.91
C ASP F 216 -16.65 -5.63 34.13
N LYS F 217 -16.52 -5.53 32.81
CA LYS F 217 -16.56 -6.69 31.92
C LYS F 217 -15.15 -6.98 31.43
N LYS F 218 -14.65 -8.17 31.74
CA LYS F 218 -13.34 -8.60 31.27
C LYS F 218 -13.41 -9.02 29.80
N VAL F 219 -12.45 -8.56 29.02
CA VAL F 219 -12.40 -8.83 27.59
C VAL F 219 -11.46 -10.03 27.40
N GLU F 220 -12.05 -11.23 27.26
CA GLU F 220 -11.25 -12.44 27.03
C GLU F 220 -11.17 -12.76 25.55
N PRO F 221 -9.97 -13.09 25.05
CA PRO F 221 -9.76 -13.45 23.63
C PRO F 221 -10.57 -14.67 23.20
N LYS F 222 -10.99 -14.68 21.94
N ASP G 1 30.53 -49.77 -3.29
CA ASP G 1 30.42 -48.33 -3.09
C ASP G 1 28.96 -47.89 -3.11
N ILE G 2 28.35 -47.82 -1.92
CA ILE G 2 26.94 -47.48 -1.81
C ILE G 2 26.75 -46.01 -2.13
N GLN G 3 25.91 -45.72 -3.12
CA GLN G 3 25.57 -44.36 -3.49
CA GLN G 3 25.56 -44.35 -3.48
C GLN G 3 24.11 -44.07 -3.13
N LEU G 4 23.83 -42.82 -2.80
CA LEU G 4 22.51 -42.41 -2.33
C LEU G 4 21.87 -41.45 -3.32
N THR G 5 20.54 -41.55 -3.45
CA THR G 5 19.74 -40.63 -4.24
C THR G 5 18.72 -39.98 -3.30
N GLN G 6 18.91 -38.69 -3.03
CA GLN G 6 18.05 -37.95 -2.12
C GLN G 6 17.10 -37.06 -2.92
N SER G 7 15.83 -37.10 -2.55
CA SER G 7 14.79 -36.34 -3.24
C SER G 7 13.77 -35.78 -2.24
N PRO G 8 13.27 -34.56 -2.48
CA PRO G 8 13.60 -33.68 -3.61
C PRO G 8 14.86 -32.84 -3.39
N SER G 9 15.23 -32.03 -4.38
CA SER G 9 16.39 -31.16 -4.22
C SER G 9 16.09 -30.01 -3.28
N SER G 10 14.89 -29.45 -3.36
CA SER G 10 14.48 -28.39 -2.45
C SER G 10 12.96 -28.34 -2.42
N LEU G 11 12.42 -27.78 -1.34
CA LEU G 11 10.97 -27.68 -1.18
C LEU G 11 10.64 -26.50 -0.28
N SER G 12 9.46 -25.94 -0.48
CA SER G 12 8.94 -24.83 0.32
C SER G 12 7.63 -25.26 0.96
N ALA G 13 7.51 -25.04 2.27
CA ALA G 13 6.33 -25.46 3.00
C ALA G 13 6.02 -24.44 4.10
N SER G 14 4.75 -24.40 4.49
CA SER G 14 4.28 -23.47 5.51
C SER G 14 4.48 -24.06 6.90
N VAL G 15 4.43 -23.18 7.90
CA VAL G 15 4.59 -23.60 9.29
C VAL G 15 3.42 -24.48 9.68
N GLY G 16 3.72 -25.66 10.23
CA GLY G 16 2.72 -26.63 10.61
C GLY G 16 2.47 -27.73 9.61
N ASP G 17 2.95 -27.58 8.38
CA ASP G 17 2.75 -28.60 7.36
C ASP G 17 3.76 -29.73 7.52
N ARG G 18 3.37 -30.90 7.02
CA ARG G 18 4.26 -32.07 7.04
C ARG G 18 5.23 -31.99 5.88
N VAL G 19 6.50 -32.25 6.16
CA VAL G 19 7.56 -32.25 5.16
C VAL G 19 8.12 -33.66 5.02
N THR G 20 8.18 -34.16 3.80
CA THR G 20 8.62 -35.52 3.53
C THR G 20 9.82 -35.50 2.60
N ILE G 21 10.90 -36.17 3.01
CA ILE G 21 12.15 -36.24 2.26
C ILE G 21 12.56 -37.71 2.19
N THR G 22 12.91 -38.18 0.99
CA THR G 22 13.24 -39.58 0.78
C THR G 22 14.70 -39.73 0.36
N CYS G 23 15.23 -40.93 0.60
CA CYS G 23 16.61 -41.28 0.30
C CYS G 23 16.63 -42.71 -0.24
N ARG G 24 17.28 -42.90 -1.39
CA ARG G 24 17.36 -44.21 -2.03
C ARG G 24 18.82 -44.66 -2.06
N ALA G 25 19.08 -45.84 -1.52
CA ALA G 25 20.41 -46.42 -1.50
C ALA G 25 20.57 -47.38 -2.67
N SER G 26 21.76 -47.37 -3.28
CA SER G 26 22.01 -48.23 -4.42
C SER G 26 21.91 -49.70 -4.05
N GLN G 27 22.36 -50.05 -2.85
CA GLN G 27 22.25 -51.40 -2.32
C GLN G 27 21.63 -51.33 -0.93
N SER G 28 21.24 -52.49 -0.40
CA SER G 28 20.71 -52.56 0.95
C SER G 28 21.79 -52.19 1.96
N VAL G 29 21.38 -51.49 3.01
CA VAL G 29 22.31 -51.08 4.07
C VAL G 29 21.93 -51.78 5.36
N ASP G 30 21.46 -53.01 5.26
CA ASP G 30 21.07 -53.81 6.41
C ASP G 30 22.19 -54.73 6.83
N TYR G 31 22.30 -54.96 8.14
CA TYR G 31 23.32 -55.86 8.68
C TYR G 31 22.82 -56.33 10.04
N ASP G 32 22.37 -57.59 10.11
CA ASP G 32 21.85 -58.17 11.35
C ASP G 32 20.52 -57.54 11.76
N GLY G 33 19.63 -57.37 10.79
CA GLY G 33 18.33 -56.76 11.06
C GLY G 33 18.42 -55.32 11.53
N ASP G 34 19.28 -54.53 10.90
CA ASP G 34 19.48 -53.14 11.32
C ASP G 34 19.93 -52.32 10.11
N SER G 35 19.21 -51.24 9.85
CA SER G 35 19.49 -50.40 8.69
C SER G 35 20.43 -49.26 9.08
N TYR G 36 21.54 -49.14 8.35
CA TYR G 36 22.55 -48.13 8.65
C TYR G 36 22.32 -46.89 7.79
N MET G 37 21.22 -46.22 8.09
CA MET G 37 20.83 -44.99 7.40
C MET G 37 20.67 -43.87 8.43
N ASN G 38 21.29 -42.72 8.16
CA ASN G 38 21.28 -41.60 9.08
C ASN G 38 20.85 -40.34 8.37
N TRP G 39 20.29 -39.40 9.13
CA TRP G 39 19.85 -38.13 8.61
C TRP G 39 20.48 -37.00 9.41
N TYR G 40 20.85 -35.92 8.71
CA TYR G 40 21.51 -34.78 9.33
C TYR G 40 20.77 -33.50 8.99
N GLN G 41 20.99 -32.49 9.83
CA GLN G 41 20.46 -31.14 9.61
C GLN G 41 21.62 -30.16 9.66
N GLN G 42 21.73 -29.33 8.63
CA GLN G 42 22.79 -28.33 8.53
C GLN G 42 22.17 -26.96 8.32
N LYS G 43 22.20 -26.14 9.37
CA LYS G 43 21.73 -24.77 9.31
C LYS G 43 22.84 -23.85 8.80
N PRO G 44 22.49 -22.68 8.27
CA PRO G 44 23.52 -21.82 7.65
C PRO G 44 24.64 -21.46 8.61
N GLY G 45 25.87 -21.73 8.18
CA GLY G 45 27.06 -21.44 8.95
C GLY G 45 27.41 -22.51 9.97
N LYS G 46 26.43 -23.24 10.50
CA LYS G 46 26.70 -24.22 11.53
C LYS G 46 27.16 -25.54 10.91
N ALA G 47 27.64 -26.45 11.77
CA ALA G 47 28.05 -27.77 11.36
C ALA G 47 26.84 -28.70 11.28
N PRO G 48 26.92 -29.77 10.48
CA PRO G 48 25.82 -30.74 10.45
C PRO G 48 25.52 -31.31 11.83
N LYS G 49 24.24 -31.57 12.07
CA LYS G 49 23.77 -32.06 13.35
C LYS G 49 22.95 -33.33 13.13
N LEU G 50 23.29 -34.38 13.85
CA LEU G 50 22.64 -35.67 13.67
C LEU G 50 21.22 -35.62 14.23
N LEU G 51 20.24 -35.98 13.40
CA LEU G 51 18.85 -36.08 13.82
C LEU G 51 18.43 -37.53 14.03
N ILE G 52 18.57 -38.36 13.01
CA ILE G 52 18.13 -39.76 13.02
C ILE G 52 19.33 -40.64 12.75
N TYR G 53 19.50 -41.67 13.58
CA TYR G 53 20.47 -42.72 13.31
C TYR G 53 19.75 -44.06 13.28
N ALA G 54 20.39 -45.04 12.65
CA ALA G 54 19.82 -46.38 12.46
C ALA G 54 18.42 -46.31 11.88
N ALA G 55 18.28 -45.48 10.83
CA ALA G 55 17.05 -45.34 10.05
C ALA G 55 15.91 -44.66 10.81
N SER G 56 15.68 -45.04 12.07
CA SER G 56 14.50 -44.56 12.77
C SER G 56 14.73 -44.16 14.22
N TYR G 57 15.98 -44.15 14.70
CA TYR G 57 16.25 -43.77 16.08
C TYR G 57 16.49 -42.27 16.16
N LEU G 58 15.79 -41.61 17.09
CA LEU G 58 15.92 -40.17 17.28
C LEU G 58 17.12 -39.86 18.16
N GLU G 59 17.99 -38.96 17.70
CA GLU G 59 19.14 -38.57 18.49
C GLU G 59 18.69 -37.78 19.72
N SER G 60 19.42 -37.96 20.83
CA SER G 60 19.06 -37.29 22.07
C SER G 60 19.14 -35.77 21.92
N GLY G 61 18.11 -35.09 22.39
CA GLY G 61 18.05 -33.64 22.30
C GLY G 61 17.38 -33.11 21.06
N VAL G 62 16.80 -33.96 20.23
CA VAL G 62 16.15 -33.56 18.99
C VAL G 62 14.64 -33.60 19.20
N PRO G 63 13.90 -32.57 18.80
CA PRO G 63 12.45 -32.59 19.01
C PRO G 63 11.79 -33.77 18.31
N SER G 64 10.66 -34.20 18.87
CA SER G 64 10.00 -35.43 18.41
C SER G 64 9.30 -35.26 17.07
N ARG G 65 9.19 -34.04 16.55
CA ARG G 65 8.58 -33.86 15.24
C ARG G 65 9.43 -34.40 14.11
N PHE G 66 10.69 -34.75 14.37
CA PHE G 66 11.53 -35.43 13.41
C PHE G 66 11.41 -36.93 13.62
N SER G 67 11.20 -37.67 12.53
CA SER G 67 11.08 -39.12 12.60
C SER G 67 11.61 -39.73 11.32
N GLY G 68 12.18 -40.93 11.45
CA GLY G 68 12.68 -41.65 10.30
C GLY G 68 11.98 -42.99 10.13
N SER G 69 11.99 -43.52 8.91
CA SER G 69 11.36 -44.79 8.63
C SER G 69 12.00 -45.40 7.40
N GLY G 70 11.65 -46.65 7.12
CA GLY G 70 12.15 -47.35 5.97
C GLY G 70 13.18 -48.42 6.34
N SER G 71 13.42 -49.32 5.39
CA SER G 71 14.39 -50.39 5.56
C SER G 71 14.78 -50.91 4.19
N GLY G 72 15.98 -51.46 4.10
CA GLY G 72 16.50 -51.95 2.83
C GLY G 72 17.18 -50.87 2.03
N THR G 73 16.45 -50.27 1.09
CA THR G 73 16.97 -49.18 0.27
C THR G 73 16.13 -47.92 0.29
N ASP G 74 14.86 -48.00 0.66
CA ASP G 74 13.97 -46.83 0.69
C ASP G 74 13.86 -46.30 2.11
N PHE G 75 14.16 -45.01 2.27
CA PHE G 75 14.12 -44.37 3.58
C PHE G 75 13.45 -43.02 3.47
N THR G 76 12.89 -42.56 4.58
CA THR G 76 12.09 -41.34 4.59
C THR G 76 12.36 -40.56 5.87
N LEU G 77 12.56 -39.25 5.74
CA LEU G 77 12.63 -38.33 6.86
C LEU G 77 11.40 -37.46 6.86
N THR G 78 10.71 -37.38 7.99
CA THR G 78 9.46 -36.66 8.10
C THR G 78 9.56 -35.60 9.20
N ILE G 79 9.15 -34.38 8.87
CA ILE G 79 8.96 -33.31 9.84
C ILE G 79 7.45 -33.12 9.96
N SER G 80 6.88 -33.61 11.06
CA SER G 80 5.43 -33.65 11.19
C SER G 80 4.83 -32.25 11.19
N SER G 81 5.49 -31.30 11.84
CA SER G 81 5.00 -29.92 11.90
C SER G 81 6.19 -28.99 11.67
N LEU G 82 6.32 -28.48 10.44
CA LEU G 82 7.45 -27.62 10.11
C LEU G 82 7.44 -26.35 10.94
N GLN G 83 8.58 -26.02 11.50
CA GLN G 83 8.75 -24.82 12.32
C GLN G 83 9.72 -23.85 11.65
N PRO G 84 9.59 -22.55 11.92
CA PRO G 84 10.51 -21.59 11.27
C PRO G 84 11.97 -21.88 11.54
N GLU G 85 12.31 -22.41 12.71
CA GLU G 85 13.68 -22.75 13.03
C GLU G 85 14.17 -24.01 12.33
N ASP G 86 13.31 -24.71 11.59
CA ASP G 86 13.68 -25.91 10.87
C ASP G 86 14.20 -25.61 9.47
N PHE G 87 14.43 -24.34 9.13
CA PHE G 87 15.05 -23.99 7.86
C PHE G 87 16.49 -24.47 7.84
N ALA G 88 16.79 -25.39 6.93
CA ALA G 88 18.13 -25.97 6.83
C ALA G 88 18.20 -26.87 5.61
N THR G 89 19.39 -27.38 5.34
CA THR G 89 19.61 -28.42 4.33
C THR G 89 19.76 -29.75 5.04
N TYR G 90 19.00 -30.74 4.61
CA TYR G 90 18.98 -32.06 5.25
C TYR G 90 19.69 -33.07 4.37
N TYR G 91 20.53 -33.90 5.00
CA TYR G 91 21.30 -34.92 4.31
C TYR G 91 20.99 -36.28 4.88
N CYS G 92 20.89 -37.28 4.02
CA CYS G 92 20.92 -38.67 4.44
C CYS G 92 22.34 -39.20 4.27
N GLN G 93 22.64 -40.29 4.97
CA GLN G 93 23.99 -40.82 4.97
C GLN G 93 23.94 -42.30 5.36
N GLN G 94 24.59 -43.14 4.56
CA GLN G 94 24.76 -44.53 4.89
C GLN G 94 26.05 -44.70 5.70
N SER G 95 25.98 -45.55 6.72
CA SER G 95 27.12 -45.80 7.61
C SER G 95 27.54 -47.27 7.59
N HIS G 96 27.21 -48.00 6.53
CA HIS G 96 27.52 -49.42 6.45
C HIS G 96 28.83 -49.69 5.72
N GLU G 97 29.36 -48.73 4.96
CA GLU G 97 30.48 -49.01 4.08
C GLU G 97 31.27 -47.74 3.83
N ASP G 98 32.59 -47.87 3.85
CA ASP G 98 33.52 -46.85 3.36
C ASP G 98 33.09 -46.46 1.95
N PRO G 99 32.98 -45.16 1.65
CA PRO G 99 33.31 -43.99 2.47
C PRO G 99 32.14 -43.33 3.20
N TYR G 100 31.12 -44.10 3.54
CA TYR G 100 29.95 -43.61 4.27
C TYR G 100 29.37 -42.38 3.56
N THR G 101 28.89 -42.61 2.35
CA THR G 101 28.50 -41.53 1.47
C THR G 101 27.29 -40.77 2.01
N PHE G 102 27.35 -39.44 1.91
CA PHE G 102 26.23 -38.57 2.25
C PHE G 102 25.35 -38.36 1.03
N GLY G 103 24.11 -37.93 1.29
CA GLY G 103 23.18 -37.61 0.23
C GLY G 103 23.51 -36.29 -0.46
N GLN G 104 22.69 -35.97 -1.46
CA GLN G 104 22.89 -34.72 -2.19
C GLN G 104 22.49 -33.52 -1.35
N GLY G 105 21.44 -33.66 -0.55
CA GLY G 105 20.95 -32.57 0.27
C GLY G 105 19.59 -32.09 -0.20
N THR G 106 18.78 -31.63 0.76
CA THR G 106 17.44 -31.13 0.48
C THR G 106 17.25 -29.83 1.24
N LYS G 107 17.19 -28.71 0.51
CA LYS G 107 16.96 -27.41 1.11
C LYS G 107 15.48 -27.27 1.47
N VAL G 108 15.18 -27.08 2.75
CA VAL G 108 13.83 -26.89 3.24
C VAL G 108 13.68 -25.43 3.63
N GLU G 109 12.86 -24.69 2.88
CA GLU G 109 12.59 -23.30 3.16
C GLU G 109 11.13 -23.12 3.53
N ILE G 110 10.87 -22.13 4.39
CA ILE G 110 9.54 -21.90 4.95
C ILE G 110 8.78 -20.93 4.04
N LYS G 111 7.53 -21.27 3.75
CA LYS G 111 6.63 -20.41 3.01
C LYS G 111 5.77 -19.63 3.99
N ARG G 112 5.82 -18.30 3.92
CA ARG G 112 5.02 -17.46 4.81
C ARG G 112 4.31 -16.36 4.04
N THR G 113 3.68 -15.44 4.75
CA THR G 113 2.95 -14.36 4.10
C THR G 113 3.91 -13.29 3.59
N VAL G 114 3.42 -12.50 2.63
CA VAL G 114 4.22 -11.45 2.02
C VAL G 114 4.55 -10.39 3.05
N ALA G 115 5.81 -9.96 3.09
CA ALA G 115 6.26 -8.91 4.00
C ALA G 115 7.03 -7.88 3.19
N ALA G 116 6.65 -6.60 3.33
CA ALA G 116 7.33 -5.54 2.62
C ALA G 116 8.66 -5.20 3.30
N PRO G 117 9.68 -4.85 2.53
CA PRO G 117 10.98 -4.53 3.13
C PRO G 117 11.02 -3.15 3.74
N SER G 118 11.94 -3.00 4.70
CA SER G 118 12.25 -1.70 5.30
C SER G 118 13.56 -1.21 4.69
N VAL G 119 13.49 -0.11 3.96
CA VAL G 119 14.62 0.37 3.17
C VAL G 119 15.37 1.43 3.96
N PHE G 120 16.68 1.22 4.12
CA PHE G 120 17.58 2.18 4.75
C PHE G 120 18.76 2.42 3.83
N ILE G 121 19.22 3.67 3.77
CA ILE G 121 20.36 4.04 2.95
C ILE G 121 21.44 4.64 3.85
N PHE G 122 22.70 4.44 3.47
CA PHE G 122 23.83 4.90 4.25
C PHE G 122 24.83 5.60 3.35
N PRO G 123 25.30 6.79 3.71
CA PRO G 123 26.37 7.44 2.95
C PRO G 123 27.73 6.89 3.35
N PRO G 124 28.76 7.09 2.52
CA PRO G 124 30.10 6.63 2.90
C PRO G 124 30.65 7.48 4.05
N SER G 125 31.34 6.80 4.97
CA SER G 125 31.88 7.47 6.14
C SER G 125 33.09 8.32 5.76
N ASP G 126 33.38 9.30 6.62
CA ASP G 126 34.55 10.15 6.39
C ASP G 126 35.85 9.37 6.48
N GLU G 127 35.88 8.29 7.28
CA GLU G 127 37.07 7.46 7.36
C GLU G 127 37.35 6.76 6.03
N GLN G 128 36.29 6.31 5.35
CA GLN G 128 36.48 5.65 4.06
C GLN G 128 36.82 6.64 2.96
N LEU G 129 36.24 7.84 3.03
CA LEU G 129 36.54 8.86 2.02
C LEU G 129 38.00 9.28 2.05
N LYS G 130 38.62 9.27 3.24
CA LYS G 130 40.03 9.59 3.35
C LYS G 130 40.90 8.54 2.66
N SER G 131 40.41 7.31 2.52
CA SER G 131 41.16 6.27 1.83
C SER G 131 41.06 6.37 0.31
N GLY G 132 40.06 7.08 -0.20
CA GLY G 132 39.90 7.27 -1.62
C GLY G 132 38.76 6.50 -2.27
N THR G 133 37.94 5.79 -1.49
CA THR G 133 36.84 5.00 -2.02
C THR G 133 35.55 5.43 -1.35
N ALA G 134 34.46 5.43 -2.12
CA ALA G 134 33.14 5.80 -1.62
C ALA G 134 32.18 4.64 -1.86
N SER G 135 31.66 4.06 -0.79
CA SER G 135 30.70 2.96 -0.85
C SER G 135 29.38 3.42 -0.26
N VAL G 136 28.35 3.49 -1.09
CA VAL G 136 27.00 3.79 -0.63
C VAL G 136 26.25 2.48 -0.46
N VAL G 137 25.63 2.30 0.70
CA VAL G 137 24.99 1.04 1.08
C VAL G 137 23.50 1.25 1.21
N CYS G 138 22.73 0.31 0.65
CA CYS G 138 21.27 0.30 0.75
C CYS G 138 20.84 -1.00 1.40
N LEU G 139 19.98 -0.89 2.40
CA LEU G 139 19.58 -2.04 3.21
C LEU G 139 18.09 -2.33 3.03
N LEU G 140 17.77 -3.57 2.69
CA LEU G 140 16.40 -4.06 2.64
C LEU G 140 16.25 -5.07 3.75
N ASN G 141 15.41 -4.76 4.74
CA ASN G 141 15.35 -5.53 5.98
C ASN G 141 14.02 -6.26 6.09
N ASN G 142 14.10 -7.57 6.36
CA ASN G 142 12.94 -8.39 6.71
C ASN G 142 11.81 -8.30 5.68
N PHE G 143 11.96 -9.02 4.57
CA PHE G 143 10.93 -9.05 3.54
C PHE G 143 10.75 -10.48 3.03
N TYR G 144 9.58 -10.72 2.46
CA TYR G 144 9.27 -12.00 1.83
C TYR G 144 8.31 -11.75 0.66
N PRO G 145 8.55 -12.44 -0.48
CA PRO G 145 9.58 -13.46 -0.71
C PRO G 145 10.97 -12.90 -1.04
N ARG G 146 11.85 -13.79 -1.51
CA ARG G 146 13.25 -13.43 -1.72
C ARG G 146 13.43 -12.45 -2.87
N GLU G 147 12.56 -12.51 -3.88
CA GLU G 147 12.72 -11.69 -5.07
C GLU G 147 12.56 -10.21 -4.74
N ALA G 148 13.55 -9.41 -5.12
CA ALA G 148 13.51 -7.97 -4.90
C ALA G 148 14.47 -7.31 -5.88
N LYS G 149 14.14 -6.07 -6.26
CA LYS G 149 14.91 -5.32 -7.24
C LYS G 149 15.42 -4.02 -6.62
N VAL G 150 16.69 -3.71 -6.87
CA VAL G 150 17.33 -2.51 -6.36
C VAL G 150 18.01 -1.81 -7.52
N GLN G 151 17.71 -0.52 -7.69
CA GLN G 151 18.30 0.29 -8.75
C GLN G 151 18.87 1.57 -8.15
N TRP G 152 20.13 1.84 -8.44
CA TRP G 152 20.81 3.03 -7.93
C TRP G 152 20.66 4.19 -8.91
N LYS G 153 20.58 5.40 -8.35
CA LYS G 153 20.49 6.63 -9.15
C LYS G 153 21.39 7.68 -8.52
N VAL G 154 22.37 8.15 -9.29
CA VAL G 154 23.28 9.20 -8.86
C VAL G 154 22.90 10.46 -9.64
N ASP G 155 22.42 11.47 -8.94
CA ASP G 155 21.85 12.67 -9.56
C ASP G 155 20.75 12.30 -10.55
N ASN G 156 19.88 11.38 -10.11
CA ASN G 156 18.75 10.88 -10.89
C ASN G 156 19.19 10.17 -12.17
N ALA G 157 20.46 9.75 -12.25
CA ALA G 157 20.95 9.03 -13.40
C ALA G 157 21.10 7.56 -13.04
N PRO G 158 20.42 6.64 -13.73
CA PRO G 158 20.51 5.23 -13.37
C PRO G 158 21.93 4.69 -13.56
N GLN G 159 22.33 3.82 -12.64
CA GLN G 159 23.67 3.24 -12.64
C GLN G 159 23.64 1.83 -13.22
N SER G 160 24.84 1.31 -13.50
CA SER G 160 24.98 -0.02 -14.07
C SER G 160 26.42 -0.47 -13.94
N GLY G 161 26.61 -1.73 -13.50
CA GLY G 161 27.93 -2.33 -13.47
C GLY G 161 28.83 -1.87 -12.33
N ASN G 162 28.32 -1.08 -11.39
CA ASN G 162 29.12 -0.59 -10.28
C ASN G 162 28.43 -0.84 -8.94
N SER G 163 27.71 -1.97 -8.84
CA SER G 163 27.02 -2.32 -7.60
C SER G 163 27.00 -3.83 -7.45
N GLN G 164 26.90 -4.26 -6.20
CA GLN G 164 26.84 -5.69 -5.87
C GLN G 164 25.82 -5.90 -4.76
N GLU G 165 25.13 -7.03 -4.81
CA GLU G 165 24.10 -7.38 -3.85
C GLU G 165 24.53 -8.58 -3.01
N SER G 166 23.88 -8.74 -1.87
CA SER G 166 24.10 -9.87 -0.97
C SER G 166 22.84 -10.10 -0.16
N VAL G 167 22.33 -11.32 -0.18
CA VAL G 167 21.10 -11.68 0.51
C VAL G 167 21.41 -12.70 1.58
N THR G 168 20.83 -12.52 2.76
CA THR G 168 21.00 -13.48 3.85
C THR G 168 20.15 -14.72 3.60
N GLU G 169 20.40 -15.74 4.42
CA GLU G 169 19.54 -16.91 4.42
C GLU G 169 18.23 -16.58 5.14
N GLN G 170 17.29 -17.52 5.08
CA GLN G 170 15.98 -17.31 5.70
C GLN G 170 16.12 -17.24 7.22
N ASP G 171 15.43 -16.27 7.82
CA ASP G 171 15.52 -16.07 9.26
C ASP G 171 14.85 -17.22 10.00
N SER G 172 15.35 -17.50 11.21
CA SER G 172 14.84 -18.62 11.99
C SER G 172 13.62 -18.25 12.81
N LYS G 173 13.34 -16.97 13.00
CA LYS G 173 12.21 -16.52 13.81
C LYS G 173 11.01 -16.13 12.96
N ASP G 174 11.18 -15.20 12.02
CA ASP G 174 10.09 -14.71 11.20
C ASP G 174 10.20 -15.13 9.74
N SER G 175 11.22 -15.90 9.38
CA SER G 175 11.33 -16.50 8.06
C SER G 175 11.36 -15.46 6.93
N THR G 176 11.98 -14.32 7.20
CA THR G 176 12.13 -13.28 6.20
C THR G 176 13.57 -13.25 5.69
N TYR G 177 13.79 -12.44 4.66
CA TYR G 177 15.10 -12.24 4.07
C TYR G 177 15.52 -10.78 4.23
N SER G 178 16.82 -10.56 4.11
CA SER G 178 17.39 -9.22 4.09
C SER G 178 18.37 -9.11 2.94
N LEU G 179 18.42 -7.93 2.32
CA LEU G 179 19.25 -7.68 1.15
C LEU G 179 20.12 -6.45 1.39
N SER G 180 21.38 -6.55 1.00
CA SER G 180 22.33 -5.45 1.11
C SER G 180 22.91 -5.16 -0.27
N SER G 181 22.79 -3.91 -0.72
CA SER G 181 23.33 -3.48 -2.00
C SER G 181 24.35 -2.38 -1.74
N THR G 182 25.54 -2.53 -2.34
CA THR G 182 26.64 -1.59 -2.15
C THR G 182 27.00 -0.96 -3.48
N LEU G 183 26.94 0.37 -3.55
CA LEU G 183 27.33 1.12 -4.73
C LEU G 183 28.74 1.65 -4.53
N THR G 184 29.67 1.22 -5.37
CA THR G 184 31.08 1.57 -5.23
C THR G 184 31.45 2.62 -6.27
N LEU G 185 31.97 3.75 -5.80
CA LEU G 185 32.44 4.83 -6.66
C LEU G 185 33.80 5.29 -6.16
N SER G 186 34.57 5.90 -7.07
CA SER G 186 35.80 6.55 -6.66
C SER G 186 35.47 7.84 -5.91
N LYS G 187 36.40 8.26 -5.05
CA LYS G 187 36.18 9.49 -4.29
C LYS G 187 36.00 10.69 -5.21
N ALA G 188 36.73 10.71 -6.33
CA ALA G 188 36.62 11.82 -7.27
C ALA G 188 35.24 11.86 -7.90
N ASP G 189 34.75 10.72 -8.38
CA ASP G 189 33.42 10.69 -8.99
C ASP G 189 32.32 10.91 -7.97
N TYR G 190 32.57 10.55 -6.70
CA TYR G 190 31.55 10.73 -5.67
C TYR G 190 31.38 12.21 -5.31
N GLU G 191 32.48 12.97 -5.29
CA GLU G 191 32.39 14.37 -4.95
C GLU G 191 31.75 15.21 -6.06
N LYS G 192 31.72 14.70 -7.29
CA LYS G 192 31.17 15.43 -8.42
C LYS G 192 29.65 15.32 -8.51
N HIS G 193 29.00 14.72 -7.52
CA HIS G 193 27.55 14.54 -7.53
C HIS G 193 27.00 14.79 -6.12
N LYS G 194 25.69 14.97 -6.06
CA LYS G 194 25.04 15.37 -4.81
C LYS G 194 23.94 14.42 -4.37
N VAL G 195 23.05 14.02 -5.28
CA VAL G 195 21.87 13.23 -4.93
C VAL G 195 22.16 11.76 -5.21
N TYR G 196 21.98 10.92 -4.19
CA TYR G 196 22.21 9.48 -4.30
C TYR G 196 20.95 8.77 -3.81
N ALA G 197 20.30 8.02 -4.71
CA ALA G 197 19.02 7.41 -4.44
C ALA G 197 19.09 5.90 -4.63
N CYS G 198 18.31 5.18 -3.82
CA CYS G 198 18.18 3.73 -3.91
C CYS G 198 16.72 3.38 -4.08
N GLU G 199 16.34 2.92 -5.27
CA GLU G 199 14.97 2.56 -5.59
C GLU G 199 14.78 1.07 -5.40
N VAL G 200 13.73 0.71 -4.65
CA VAL G 200 13.47 -0.67 -4.26
C VAL G 200 12.11 -1.08 -4.82
N THR G 201 12.05 -2.27 -5.42
CA THR G 201 10.82 -2.82 -5.95
C THR G 201 10.60 -4.21 -5.35
N HIS G 202 9.45 -4.40 -4.70
CA HIS G 202 9.14 -5.67 -4.08
C HIS G 202 7.65 -5.93 -4.20
N GLN G 203 7.27 -7.20 -4.02
CA GLN G 203 5.86 -7.58 -4.15
C GLN G 203 4.99 -6.92 -3.09
N GLY G 204 5.50 -6.85 -1.85
CA GLY G 204 4.78 -6.19 -0.78
C GLY G 204 4.64 -4.69 -0.91
N LEU G 205 5.27 -4.08 -1.90
CA LEU G 205 5.18 -2.65 -2.13
C LEU G 205 4.23 -2.37 -3.29
N SER G 206 3.23 -1.53 -3.04
CA SER G 206 2.30 -1.16 -4.10
C SER G 206 2.97 -0.32 -5.19
N SER G 207 4.08 0.33 -4.87
CA SER G 207 4.82 1.13 -5.82
C SER G 207 6.27 1.18 -5.36
N PRO G 208 7.22 1.41 -6.26
CA PRO G 208 8.64 1.42 -5.87
C PRO G 208 8.93 2.45 -4.79
N VAL G 209 9.62 2.01 -3.75
CA VAL G 209 10.04 2.88 -2.65
C VAL G 209 11.45 3.37 -2.92
N THR G 210 11.67 4.67 -2.76
CA THR G 210 12.97 5.28 -3.02
C THR G 210 13.46 5.97 -1.76
N LYS G 211 14.66 5.61 -1.31
CA LYS G 211 15.34 6.26 -0.20
C LYS G 211 16.60 6.92 -0.71
N SER G 212 16.74 8.22 -0.46
CA SER G 212 17.84 9.00 -1.02
C SER G 212 18.42 9.92 0.04
N PHE G 213 19.54 10.55 -0.31
CA PHE G 213 20.18 11.55 0.54
C PHE G 213 21.01 12.46 -0.34
N ASN G 214 21.29 13.66 0.17
CA ASN G 214 22.15 14.61 -0.52
C ASN G 214 23.50 14.63 0.16
N ARG G 215 24.57 14.54 -0.64
CA ARG G 215 25.93 14.50 -0.11
C ARG G 215 26.25 15.74 0.71
N GLY G 216 26.32 15.58 2.03
CA GLY G 216 26.60 16.69 2.92
C GLY G 216 25.37 17.19 3.65
N GLU H 1 30.67 -32.57 29.02
CA GLU H 1 30.26 -32.16 27.67
C GLU H 1 31.45 -32.20 26.72
N VAL H 2 31.48 -33.22 25.86
CA VAL H 2 32.58 -33.34 24.90
C VAL H 2 32.46 -32.25 23.84
N GLN H 3 33.59 -31.62 23.52
CA GLN H 3 33.63 -30.52 22.57
C GLN H 3 34.84 -30.67 21.66
N LEU H 4 34.65 -30.36 20.39
CA LEU H 4 35.71 -30.44 19.38
C LEU H 4 35.99 -29.05 18.85
N VAL H 5 37.24 -28.60 18.97
CA VAL H 5 37.67 -27.29 18.52
C VAL H 5 38.70 -27.48 17.42
N GLU H 6 38.57 -26.71 16.34
CA GLU H 6 39.44 -26.83 15.17
C GLU H 6 40.36 -25.62 15.05
N SER H 7 41.45 -25.81 14.31
CA SER H 7 42.40 -24.75 14.02
C SER H 7 43.27 -25.22 12.86
N GLY H 8 44.00 -24.27 12.28
CA GLY H 8 44.91 -24.55 11.19
C GLY H 8 44.41 -24.17 9.82
N GLY H 9 43.15 -23.78 9.70
CA GLY H 9 42.63 -23.37 8.42
C GLY H 9 43.21 -22.04 7.98
N GLY H 10 42.88 -21.69 6.74
CA GLY H 10 43.30 -20.45 6.16
C GLY H 10 43.71 -20.63 4.72
N LEU H 11 44.60 -19.75 4.28
CA LEU H 11 45.03 -19.73 2.89
C LEU H 11 46.17 -20.72 2.67
N VAL H 12 46.05 -21.51 1.60
CA VAL H 12 47.10 -22.44 1.19
C VAL H 12 47.32 -22.28 -0.30
N GLN H 13 48.58 -22.34 -0.73
CA GLN H 13 48.91 -22.14 -2.12
C GLN H 13 48.65 -23.42 -2.92
N PRO H 14 48.36 -23.30 -4.22
CA PRO H 14 48.11 -24.48 -5.04
C PRO H 14 49.33 -25.39 -5.08
N GLY H 15 49.08 -26.70 -5.09
CA GLY H 15 50.13 -27.68 -5.00
C GLY H 15 50.78 -27.81 -3.64
N GLY H 16 50.36 -27.00 -2.67
CA GLY H 16 50.92 -27.05 -1.33
C GLY H 16 50.27 -28.09 -0.46
N SER H 17 50.36 -27.88 0.85
CA SER H 17 49.88 -28.83 1.84
C SER H 17 49.05 -28.11 2.89
N LEU H 18 47.96 -28.74 3.31
CA LEU H 18 47.17 -28.27 4.44
C LEU H 18 47.37 -29.21 5.62
N ARG H 19 47.29 -28.65 6.83
CA ARG H 19 47.35 -29.48 8.03
C ARG H 19 46.46 -28.85 9.08
N LEU H 20 45.40 -29.56 9.46
CA LEU H 20 44.43 -29.10 10.44
C LEU H 20 44.53 -29.92 11.71
N SER H 21 44.08 -29.33 12.81
CA SER H 21 44.10 -29.99 14.11
C SER H 21 42.72 -29.88 14.75
N CYS H 22 42.37 -30.93 15.51
CA CYS H 22 41.07 -31.02 16.18
C CYS H 22 41.36 -31.33 17.66
N ALA H 23 41.42 -30.30 18.49
CA ALA H 23 41.65 -30.47 19.92
C ALA H 23 40.36 -30.97 20.57
N VAL H 24 40.42 -32.13 21.22
CA VAL H 24 39.26 -32.75 21.84
C VAL H 24 39.23 -32.38 23.31
N SER H 25 38.07 -31.93 23.79
CA SER H 25 37.87 -31.58 25.18
C SER H 25 36.77 -32.46 25.78
N GLY H 26 36.97 -32.87 27.02
CA GLY H 26 35.98 -33.63 27.75
C GLY H 26 36.00 -35.13 27.52
N TYR H 27 36.90 -35.64 26.68
CA TYR H 27 36.96 -37.06 26.41
C TYR H 27 38.33 -37.41 25.86
N SER H 28 38.82 -38.59 26.24
CA SER H 28 40.14 -39.07 25.79
C SER H 28 40.00 -39.83 24.48
N ILE H 29 40.75 -39.40 23.46
CA ILE H 29 40.65 -40.04 22.16
C ILE H 29 41.16 -41.48 22.19
N THR H 30 41.97 -41.84 23.18
CA THR H 30 42.44 -43.22 23.31
C THR H 30 41.43 -44.12 23.99
N SER H 31 40.37 -43.56 24.58
CA SER H 31 39.38 -44.38 25.29
C SER H 31 38.47 -45.11 24.31
N GLY H 32 37.89 -44.40 23.35
CA GLY H 32 36.99 -45.05 22.42
C GLY H 32 36.67 -44.15 21.24
N TYR H 33 35.71 -44.62 20.43
CA TYR H 33 35.18 -43.90 19.28
C TYR H 33 36.20 -43.75 18.16
N SER H 34 35.71 -43.55 16.95
CA SER H 34 36.55 -43.13 15.83
C SER H 34 36.54 -41.61 15.72
N TRP H 35 37.58 -41.08 15.09
CA TRP H 35 37.73 -39.63 14.93
C TRP H 35 37.95 -39.33 13.46
N ASN H 36 37.04 -38.57 12.87
CA ASN H 36 36.91 -38.47 11.43
C ASN H 36 37.08 -37.04 10.95
N TRP H 37 37.38 -36.89 9.67
CA TRP H 37 37.43 -35.60 9.00
C TRP H 37 36.45 -35.62 7.83
N ILE H 38 35.63 -34.59 7.75
CA ILE H 38 34.57 -34.49 6.74
C ILE H 38 34.58 -33.09 6.18
N ARG H 39 34.71 -32.96 4.86
CA ARG H 39 34.81 -31.67 4.22
C ARG H 39 33.56 -31.39 3.39
N GLN H 40 33.41 -30.12 3.00
CA GLN H 40 32.23 -29.67 2.28
C GLN H 40 32.62 -28.47 1.42
N ALA H 41 32.67 -28.68 0.11
CA ALA H 41 32.98 -27.59 -0.81
C ALA H 41 31.90 -26.51 -0.74
N PRO H 42 32.24 -25.28 -1.08
CA PRO H 42 31.24 -24.19 -1.04
C PRO H 42 30.01 -24.52 -1.87
N GLY H 43 28.87 -24.63 -1.19
CA GLY H 43 27.62 -24.95 -1.84
C GLY H 43 27.43 -26.41 -2.21
N LYS H 44 28.40 -27.27 -1.92
CA LYS H 44 28.33 -28.68 -2.26
C LYS H 44 27.92 -29.49 -1.04
N GLY H 45 27.90 -30.81 -1.20
CA GLY H 45 27.51 -31.73 -0.16
C GLY H 45 28.67 -32.10 0.74
N LEU H 46 28.43 -33.12 1.56
CA LEU H 46 29.40 -33.59 2.55
C LEU H 46 30.20 -34.77 2.00
N GLU H 47 31.45 -34.86 2.41
CA GLU H 47 32.34 -35.93 1.96
C GLU H 47 33.24 -36.35 3.12
N TRP H 48 33.17 -37.62 3.47
CA TRP H 48 34.08 -38.21 4.45
C TRP H 48 35.38 -38.60 3.77
N VAL H 49 36.51 -38.28 4.40
CA VAL H 49 37.82 -38.44 3.78
C VAL H 49 38.74 -39.36 4.59
N ALA H 50 38.68 -39.29 5.92
CA ALA H 50 39.65 -40.03 6.72
C ALA H 50 39.10 -40.29 8.11
N SER H 51 39.62 -41.35 8.73
CA SER H 51 39.20 -41.74 10.07
C SER H 51 40.37 -42.38 10.80
N ILE H 52 40.31 -42.32 12.12
CA ILE H 52 41.29 -42.98 12.98
C ILE H 52 40.55 -43.49 14.22
N THR H 53 40.85 -44.73 14.61
CA THR H 53 40.16 -45.36 15.73
C THR H 53 40.87 -45.06 17.05
N TYR H 54 40.31 -45.59 18.14
CA TYR H 54 40.90 -45.34 19.46
C TYR H 54 42.23 -46.07 19.62
N ASP H 55 42.43 -47.18 18.90
CA ASP H 55 43.68 -47.93 18.96
C ASP H 55 44.67 -47.50 17.89
N GLY H 56 44.30 -46.57 17.01
CA GLY H 56 45.20 -46.04 16.02
C GLY H 56 45.02 -46.57 14.61
N SER H 57 44.00 -47.39 14.37
CA SER H 57 43.78 -47.92 13.03
C SER H 57 43.24 -46.83 12.10
N THR H 58 43.87 -46.68 10.95
CA THR H 58 43.56 -45.60 10.03
C THR H 58 42.75 -46.12 8.84
N ASN H 59 42.06 -45.20 8.17
CA ASN H 59 41.25 -45.51 7.00
C ASN H 59 40.99 -44.23 6.24
N TYR H 60 40.89 -44.34 4.91
CA TYR H 60 40.80 -43.17 4.05
C TYR H 60 39.75 -43.38 2.96
N ASN H 61 39.29 -42.26 2.41
CA ASN H 61 38.44 -42.29 1.22
C ASN H 61 39.31 -42.47 -0.02
N PRO H 62 39.05 -43.48 -0.86
CA PRO H 62 39.90 -43.68 -2.05
C PRO H 62 39.88 -42.50 -3.01
N SER H 63 38.90 -41.60 -2.91
CA SER H 63 38.90 -40.42 -3.78
C SER H 63 40.09 -39.51 -3.50
N VAL H 64 40.66 -39.58 -2.30
CA VAL H 64 41.84 -38.79 -1.94
C VAL H 64 42.99 -39.64 -1.43
N LYS H 65 42.85 -40.96 -1.43
CA LYS H 65 43.90 -41.83 -0.91
C LYS H 65 45.17 -41.68 -1.73
N GLY H 66 46.31 -41.60 -1.03
CA GLY H 66 47.59 -41.36 -1.64
C GLY H 66 48.15 -39.98 -1.39
N ARG H 67 47.30 -39.03 -1.02
CA ARG H 67 47.74 -37.67 -0.70
C ARG H 67 47.10 -37.15 0.58
N ILE H 68 46.62 -38.05 1.44
CA ILE H 68 45.95 -37.68 2.68
C ILE H 68 46.52 -38.52 3.81
N THR H 69 46.69 -37.92 4.98
CA THR H 69 47.22 -38.60 6.15
C THR H 69 46.51 -38.09 7.40
N ILE H 70 45.97 -39.01 8.20
CA ILE H 70 45.35 -38.68 9.47
C ILE H 70 46.19 -39.30 10.59
N SER H 71 46.41 -38.52 11.65
CA SER H 71 47.24 -38.95 12.77
C SER H 71 46.65 -38.39 14.06
N ARG H 72 47.36 -38.60 15.16
CA ARG H 72 46.89 -38.16 16.46
C ARG H 72 48.07 -37.95 17.39
N ASP H 73 47.84 -37.14 18.43
CA ASP H 73 48.80 -36.91 19.50
C ASP H 73 48.12 -37.25 20.82
N ASP H 74 48.56 -38.35 21.43
CA ASP H 74 47.89 -38.85 22.62
C ASP H 74 48.00 -37.88 23.79
N SER H 75 49.19 -37.30 23.99
CA SER H 75 49.38 -36.40 25.13
C SER H 75 48.60 -35.11 24.95
N LYS H 76 48.52 -34.60 23.71
CA LYS H 76 47.78 -33.37 23.44
C LYS H 76 46.28 -33.60 23.29
N ASN H 77 45.83 -34.85 23.26
CA ASN H 77 44.42 -35.18 23.04
C ASN H 77 43.91 -34.54 21.76
N THR H 78 44.70 -34.66 20.70
CA THR H 78 44.43 -34.00 19.43
C THR H 78 44.74 -34.97 18.29
N PHE H 79 43.91 -34.94 17.25
CA PHE H 79 44.16 -35.68 16.03
C PHE H 79 44.19 -34.72 14.85
N TYR H 80 44.93 -35.09 13.81
CA TYR H 80 45.28 -34.16 12.75
C TYR H 80 44.85 -34.70 11.39
N LEU H 81 44.76 -33.79 10.43
CA LEU H 81 44.51 -34.12 9.03
C LEU H 81 45.51 -33.38 8.17
N GLN H 82 46.13 -34.11 7.23
CA GLN H 82 47.08 -33.52 6.30
C GLN H 82 46.75 -33.98 4.89
N MET H 83 46.72 -33.04 3.95
CA MET H 83 46.51 -33.34 2.55
C MET H 83 47.58 -32.64 1.72
N ASN H 84 48.11 -33.35 0.73
CA ASN H 84 49.19 -32.84 -0.11
C ASN H 84 48.67 -32.58 -1.53
N SER H 85 49.46 -31.82 -2.28
CA SER H 85 49.17 -31.50 -3.68
C SER H 85 47.77 -30.89 -3.82
N LEU H 86 47.57 -29.79 -3.10
CA LEU H 86 46.25 -29.16 -3.04
C LEU H 86 45.88 -28.53 -4.38
N ARG H 87 44.69 -28.84 -4.85
CA ARG H 87 44.13 -28.30 -6.07
C ARG H 87 42.86 -27.52 -5.74
N ALA H 88 42.22 -26.97 -6.78
CA ALA H 88 41.06 -26.12 -6.57
C ALA H 88 39.90 -26.87 -5.92
N GLU H 89 39.79 -28.17 -6.17
CA GLU H 89 38.72 -28.97 -5.57
C GLU H 89 38.89 -29.15 -4.06
N ASP H 90 40.05 -28.79 -3.51
CA ASP H 90 40.29 -28.96 -2.08
C ASP H 90 39.86 -27.75 -1.26
N THR H 91 39.41 -26.68 -1.91
CA THR H 91 38.85 -25.54 -1.19
C THR H 91 37.49 -25.93 -0.63
N ALA H 92 37.37 -25.97 0.70
CA ALA H 92 36.16 -26.46 1.35
C ALA H 92 36.23 -26.10 2.82
N VAL H 93 35.10 -26.31 3.50
CA VAL H 93 35.04 -26.24 4.95
C VAL H 93 35.26 -27.63 5.49
N TYR H 94 36.31 -27.80 6.29
CA TYR H 94 36.67 -29.10 6.85
C TYR H 94 36.14 -29.24 8.26
N TYR H 95 35.44 -30.34 8.52
CA TYR H 95 34.90 -30.64 9.83
C TYR H 95 35.58 -31.87 10.40
N CYS H 96 35.90 -31.83 11.70
CA CYS H 96 36.24 -33.04 12.44
C CYS H 96 35.02 -33.47 13.24
N ALA H 97 34.77 -34.78 13.25
CA ALA H 97 33.59 -35.32 13.91
C ALA H 97 33.95 -36.66 14.53
N ARG H 98 33.32 -36.95 15.68
CA ARG H 98 33.55 -38.19 16.38
C ARG H 98 32.55 -39.25 15.92
N GLY H 99 33.02 -40.49 15.82
CA GLY H 99 32.16 -41.59 15.46
C GLY H 99 31.17 -41.89 16.58
N SER H 100 30.47 -43.00 16.40
CA SER H 100 29.44 -43.44 17.33
C SER H 100 29.83 -44.76 17.97
N HIS H 101 29.08 -45.13 19.02
CA HIS H 101 29.30 -46.38 19.73
C HIS H 101 28.24 -47.42 19.44
N TYR H 102 26.97 -47.03 19.39
CA TYR H 102 25.86 -47.96 19.18
C TYR H 102 25.36 -47.89 17.74
N PHE H 103 24.88 -49.03 17.25
CA PHE H 103 24.33 -49.16 15.90
C PHE H 103 25.36 -48.75 14.85
N GLY H 104 26.58 -49.27 14.98
CA GLY H 104 27.67 -48.92 14.10
C GLY H 104 28.52 -47.79 14.63
N HIS H 105 29.69 -47.63 14.03
CA HIS H 105 30.67 -46.64 14.46
C HIS H 105 30.78 -45.45 13.52
N TRP H 106 30.00 -45.39 12.45
CA TRP H 106 30.28 -44.47 11.36
C TRP H 106 29.12 -43.52 11.06
N HIS H 107 28.36 -43.15 12.09
CA HIS H 107 27.55 -41.94 12.06
C HIS H 107 28.03 -41.01 13.16
N PHE H 108 27.93 -39.72 12.92
CA PHE H 108 28.69 -38.71 13.67
C PHE H 108 27.73 -37.82 14.44
N ALA H 109 27.80 -37.88 15.77
CA ALA H 109 26.92 -37.09 16.64
C ALA H 109 27.59 -35.85 17.21
N VAL H 110 28.91 -35.83 17.31
CA VAL H 110 29.66 -34.70 17.84
C VAL H 110 30.52 -34.13 16.72
N TRP H 111 30.41 -32.83 16.48
CA TRP H 111 31.12 -32.17 15.39
C TRP H 111 31.91 -30.98 15.92
N GLY H 112 32.97 -30.63 15.20
CA GLY H 112 33.65 -29.38 15.44
C GLY H 112 32.99 -28.24 14.69
N GLN H 113 33.45 -27.03 14.99
CA GLN H 113 32.85 -25.85 14.38
C GLN H 113 33.17 -25.74 12.89
N GLY H 114 34.24 -26.39 12.43
CA GLY H 114 34.63 -26.31 11.04
C GLY H 114 35.50 -25.11 10.74
N THR H 115 36.46 -25.28 9.84
CA THR H 115 37.35 -24.19 9.45
C THR H 115 37.53 -24.22 7.93
N LEU H 116 37.47 -23.03 7.32
CA LEU H 116 37.56 -22.91 5.88
C LEU H 116 39.01 -22.95 5.42
N VAL H 117 39.27 -23.72 4.36
CA VAL H 117 40.58 -23.81 3.74
C VAL H 117 40.43 -23.33 2.29
N THR H 118 41.16 -22.28 1.94
CA THR H 118 41.11 -21.70 0.60
C THR H 118 42.41 -22.00 -0.13
N VAL H 119 42.31 -22.65 -1.28
CA VAL H 119 43.48 -22.98 -2.09
C VAL H 119 43.60 -21.90 -3.16
N SER H 120 44.50 -20.95 -2.93
CA SER H 120 44.68 -19.83 -3.85
C SER H 120 46.11 -19.31 -3.72
N SER H 121 46.66 -18.87 -4.86
CA SER H 121 48.01 -18.32 -4.89
C SER H 121 48.06 -16.85 -4.48
N ALA H 122 46.92 -16.23 -4.19
CA ALA H 122 46.89 -14.83 -3.77
C ALA H 122 47.53 -14.68 -2.40
N SER H 123 47.57 -13.44 -1.92
CA SER H 123 48.16 -13.12 -0.63
C SER H 123 47.08 -12.61 0.33
N THR H 124 47.37 -12.75 1.62
CA THR H 124 46.42 -12.35 2.65
C THR H 124 46.35 -10.83 2.73
N LYS H 125 45.13 -10.29 2.80
CA LYS H 125 44.90 -8.86 2.92
C LYS H 125 43.98 -8.61 4.11
N GLY H 126 44.39 -7.70 4.99
CA GLY H 126 43.59 -7.34 6.14
C GLY H 126 42.41 -6.47 5.77
N PRO H 127 41.32 -6.59 6.52
CA PRO H 127 40.11 -5.82 6.21
C PRO H 127 40.10 -4.43 6.85
N SER H 128 39.48 -3.50 6.12
CA SER H 128 39.16 -2.18 6.65
C SER H 128 37.73 -2.17 7.13
N VAL H 129 37.50 -1.53 8.27
CA VAL H 129 36.19 -1.51 8.92
C VAL H 129 35.69 -0.07 8.93
N PHE H 130 34.62 0.20 8.18
CA PHE H 130 34.02 1.52 8.13
C PHE H 130 32.61 1.47 8.70
N PRO H 131 32.20 2.48 9.45
CA PRO H 131 30.87 2.46 10.08
C PRO H 131 29.77 2.90 9.13
N LEU H 132 28.56 2.45 9.45
CA LEU H 132 27.33 2.84 8.75
C LEU H 132 26.46 3.57 9.78
N ALA H 133 26.63 4.88 9.86
CA ALA H 133 25.95 5.66 10.89
C ALA H 133 24.45 5.68 10.64
N PRO H 134 23.65 5.63 11.70
CA PRO H 134 22.18 5.68 11.51
C PRO H 134 21.73 7.07 11.11
N SER H 135 20.62 7.11 10.37
CA SER H 135 20.05 8.36 9.89
C SER H 135 19.49 9.18 11.05
N GLY H 142 10.69 5.23 17.11
CA GLY H 142 10.79 4.49 15.87
C GLY H 142 11.89 3.45 15.90
N THR H 143 12.31 3.01 14.71
CA THR H 143 13.35 2.00 14.57
C THR H 143 14.43 2.53 13.63
N ALA H 144 15.66 2.58 14.11
CA ALA H 144 16.80 3.03 13.31
C ALA H 144 17.70 1.85 12.98
N ALA H 145 18.45 2.00 11.89
CA ALA H 145 19.36 0.96 11.42
C ALA H 145 20.78 1.51 11.34
N LEU H 146 21.73 0.69 11.79
CA LEU H 146 23.14 1.04 11.73
C LEU H 146 23.94 -0.25 11.54
N GLY H 147 25.19 -0.09 11.11
CA GLY H 147 26.01 -1.27 10.89
C GLY H 147 27.45 -0.91 10.62
N CYS H 148 28.21 -1.94 10.24
CA CYS H 148 29.62 -1.80 9.91
C CYS H 148 29.87 -2.36 8.52
N LEU H 149 30.95 -1.88 7.90
CA LEU H 149 31.33 -2.26 6.55
C LEU H 149 32.74 -2.84 6.57
N VAL H 150 32.85 -4.14 6.35
CA VAL H 150 34.13 -4.83 6.29
C VAL H 150 34.52 -4.94 4.82
N LYS H 151 35.60 -4.27 4.43
CA LYS H 151 35.93 -4.12 3.02
C LYS H 151 37.36 -4.54 2.74
N ASP H 152 37.55 -5.19 1.58
CA ASP H 152 38.87 -5.51 1.03
C ASP H 152 39.67 -6.42 1.98
N TYR H 153 39.27 -7.68 2.00
CA TYR H 153 39.98 -8.69 2.77
C TYR H 153 40.08 -9.98 1.97
N PHE H 154 41.05 -10.80 2.34
CA PHE H 154 41.26 -12.10 1.73
C PHE H 154 42.21 -12.92 2.59
N PRO H 155 41.90 -14.21 2.79
CA PRO H 155 40.69 -14.86 2.29
C PRO H 155 39.54 -14.81 3.30
N GLU H 156 38.48 -15.57 3.02
CA GLU H 156 37.38 -15.71 3.95
C GLU H 156 37.80 -16.60 5.12
N PRO H 157 37.08 -16.53 6.26
CA PRO H 157 35.93 -15.69 6.57
C PRO H 157 36.23 -14.55 7.54
N VAL H 158 35.18 -13.82 7.92
CA VAL H 158 35.25 -12.76 8.90
CA VAL H 158 35.26 -12.77 8.92
C VAL H 158 34.04 -12.88 9.82
N THR H 159 34.30 -12.94 11.13
CA THR H 159 33.23 -13.02 12.12
C THR H 159 32.97 -11.63 12.66
N VAL H 160 31.68 -11.26 12.74
CA VAL H 160 31.27 -9.95 13.22
C VAL H 160 30.30 -10.15 14.38
N SER H 161 30.58 -9.48 15.50
CA SER H 161 29.68 -9.47 16.65
C SER H 161 29.42 -8.02 17.04
N TRP H 162 28.33 -7.81 17.77
CA TRP H 162 27.94 -6.49 18.23
C TRP H 162 27.97 -6.45 19.75
N ASN H 163 28.70 -5.49 20.30
CA ASN H 163 28.86 -5.33 21.74
C ASN H 163 29.43 -6.60 22.37
N SER H 164 30.47 -7.14 21.74
CA SER H 164 31.17 -8.35 22.22
C SER H 164 30.21 -9.53 22.34
N GLY H 165 29.20 -9.59 21.48
CA GLY H 165 28.23 -10.67 21.52
C GLY H 165 27.02 -10.42 22.39
N ALA H 166 26.96 -9.27 23.07
CA ALA H 166 25.80 -8.97 23.90
C ALA H 166 24.58 -8.60 23.06
N LEU H 167 24.79 -8.00 21.90
CA LEU H 167 23.71 -7.59 21.01
C LEU H 167 23.57 -8.65 19.90
N THR H 168 22.47 -9.38 19.92
CA THR H 168 22.21 -10.41 18.94
C THR H 168 20.91 -10.21 18.18
N SER H 169 19.86 -9.75 18.85
CA SER H 169 18.57 -9.56 18.19
C SER H 169 18.65 -8.43 17.17
N GLY H 170 18.08 -8.67 15.99
CA GLY H 170 18.07 -7.70 14.93
C GLY H 170 19.35 -7.62 14.11
N VAL H 171 20.33 -8.46 14.40
CA VAL H 171 21.61 -8.43 13.70
C VAL H 171 21.50 -9.24 12.41
N HIS H 172 21.92 -8.64 11.30
CA HIS H 172 21.98 -9.30 10.00
C HIS H 172 23.38 -9.11 9.43
N THR H 173 24.15 -10.19 9.37
CA THR H 173 25.47 -10.18 8.75
C THR H 173 25.35 -10.87 7.39
N PHE H 174 25.57 -10.11 6.33
CA PHE H 174 25.32 -10.58 4.98
C PHE H 174 26.51 -11.40 4.46
N PRO H 175 26.25 -12.33 3.53
CA PRO H 175 27.36 -13.06 2.90
C PRO H 175 28.29 -12.12 2.15
N ALA H 176 29.56 -12.50 2.09
CA ALA H 176 30.55 -11.69 1.40
C ALA H 176 30.33 -11.71 -0.10
N VAL H 177 30.75 -10.64 -0.76
CA VAL H 177 30.74 -10.56 -2.22
C VAL H 177 32.18 -10.45 -2.69
N LEU H 178 32.46 -11.06 -3.83
CA LEU H 178 33.80 -11.07 -4.41
C LEU H 178 33.91 -9.94 -5.42
N GLN H 179 34.62 -8.88 -5.06
CA GLN H 179 34.79 -7.74 -5.94
C GLN H 179 35.71 -8.10 -7.10
N SER H 180 35.66 -7.26 -8.15
CA SER H 180 36.48 -7.49 -9.33
C SER H 180 37.96 -7.38 -9.04
N SER H 181 38.34 -6.72 -7.95
CA SER H 181 39.74 -6.65 -7.56
C SER H 181 40.27 -7.94 -6.94
N GLY H 182 39.39 -8.91 -6.70
CA GLY H 182 39.79 -10.16 -6.07
C GLY H 182 39.63 -10.20 -4.57
N LEU H 183 39.22 -9.10 -3.95
CA LEU H 183 39.04 -9.02 -2.51
C LEU H 183 37.57 -9.12 -2.15
N TYR H 184 37.32 -9.52 -0.91
CA TYR H 184 35.96 -9.70 -0.41
C TYR H 184 35.49 -8.44 0.32
N SER H 185 34.17 -8.39 0.56
CA SER H 185 33.55 -7.26 1.22
C SER H 185 32.15 -7.67 1.65
N LEU H 186 31.79 -7.35 2.88
CA LEU H 186 30.45 -7.63 3.38
C LEU H 186 30.01 -6.50 4.30
N SER H 187 28.76 -6.60 4.74
CA SER H 187 28.17 -5.66 5.68
C SER H 187 27.56 -6.43 6.84
N SER H 188 27.35 -5.73 7.95
CA SER H 188 26.69 -6.32 9.11
C SER H 188 25.88 -5.22 9.78
N VAL H 189 24.56 -5.29 9.65
CA VAL H 189 23.68 -4.25 10.15
C VAL H 189 22.96 -4.75 11.41
N VAL H 190 22.24 -3.85 12.05
CA VAL H 190 21.43 -4.18 13.23
C VAL H 190 20.38 -3.09 13.40
N THR H 191 19.16 -3.51 13.72
CA THR H 191 18.06 -2.60 13.97
C THR H 191 17.93 -2.37 15.47
N VAL H 192 17.96 -1.12 15.89
CA VAL H 192 17.87 -0.76 17.30
C VAL H 192 16.83 0.34 17.46
N PRO H 193 16.18 0.47 18.61
CA PRO H 193 15.25 1.58 18.81
C PRO H 193 15.96 2.92 18.76
N SER H 194 15.25 3.93 18.24
CA SER H 194 15.86 5.25 18.05
C SER H 194 16.20 5.90 19.38
N SER H 195 15.47 5.57 20.45
CA SER H 195 15.71 6.20 21.75
C SER H 195 17.07 5.81 22.32
N SER H 196 17.57 4.62 22.01
CA SER H 196 18.84 4.15 22.52
C SER H 196 20.03 4.71 21.76
N LEU H 197 19.81 5.51 20.71
CA LEU H 197 20.91 6.09 19.96
C LEU H 197 21.71 7.09 20.79
N GLY H 198 21.12 7.64 21.85
CA GLY H 198 21.85 8.52 22.75
C GLY H 198 22.08 7.87 24.09
N THR H 199 21.35 6.80 24.37
CA THR H 199 21.46 6.09 25.64
C THR H 199 22.38 4.89 25.58
N GLN H 200 22.69 4.39 24.38
CA GLN H 200 23.48 3.17 24.22
C GLN H 200 24.58 3.38 23.19
N THR H 201 25.74 2.79 23.44
CA THR H 201 26.85 2.79 22.49
C THR H 201 26.93 1.45 21.80
N TYR H 202 27.20 1.47 20.49
CA TYR H 202 27.26 0.26 19.69
C TYR H 202 28.65 0.11 19.09
N ILE H 203 29.20 -1.11 19.16
CA ILE H 203 30.53 -1.41 18.68
C ILE H 203 30.50 -2.77 18.01
N CYS H 204 30.95 -2.82 16.75
CA CYS H 204 31.06 -4.09 16.03
C CYS H 204 32.48 -4.64 16.18
N ASN H 205 32.57 -5.95 16.40
CA ASN H 205 33.85 -6.62 16.62
C ASN H 205 34.15 -7.45 15.38
N VAL H 206 34.99 -6.90 14.50
CA VAL H 206 35.39 -7.56 13.27
C VAL H 206 36.63 -8.40 13.55
N ASN H 207 36.60 -9.67 13.17
CA ASN H 207 37.68 -10.60 13.45
C ASN H 207 38.02 -11.35 12.17
N HIS H 208 39.24 -11.13 11.67
CA HIS H 208 39.76 -11.81 10.49
C HIS H 208 40.99 -12.60 10.91
N LYS H 209 40.82 -13.90 11.15
CA LYS H 209 41.92 -14.73 11.64
C LYS H 209 43.08 -14.87 10.68
N PRO H 210 42.89 -15.07 9.36
CA PRO H 210 44.06 -15.24 8.48
C PRO H 210 45.04 -14.07 8.51
N SER H 211 44.57 -12.85 8.74
CA SER H 211 45.45 -11.69 8.85
C SER H 211 45.73 -11.29 10.29
N ASN H 212 45.25 -12.07 11.27
CA ASN H 212 45.43 -11.77 12.69
C ASN H 212 44.93 -10.37 13.02
N THR H 213 43.83 -9.97 12.40
CA THR H 213 43.28 -8.62 12.57
C THR H 213 42.04 -8.67 13.46
N LYS H 214 41.98 -7.75 14.43
CA LYS H 214 40.82 -7.62 15.30
C LYS H 214 40.54 -6.13 15.45
N VAL H 215 39.42 -5.68 14.89
CA VAL H 215 39.06 -4.26 14.85
C VAL H 215 37.71 -4.08 15.54
N ASP H 216 37.67 -3.18 16.52
CA ASP H 216 36.45 -2.81 17.21
C ASP H 216 36.10 -1.38 16.81
N LYS H 217 35.05 -1.23 16.01
CA LYS H 217 34.63 0.07 15.49
C LYS H 217 33.34 0.51 16.15
N LYS H 218 33.32 1.72 16.68
CA LYS H 218 32.14 2.28 17.32
C LYS H 218 31.29 3.00 16.28
N VAL H 219 30.00 2.72 16.27
CA VAL H 219 29.06 3.30 15.32
C VAL H 219 28.22 4.34 16.07
N GLU H 220 28.52 5.61 15.84
CA GLU H 220 27.83 6.73 16.46
C GLU H 220 27.11 7.54 15.40
N PRO H 221 26.05 8.26 15.78
CA PRO H 221 25.34 9.10 14.80
C PRO H 221 26.25 10.20 14.25
N LYS H 222 25.90 10.66 13.05
CA LYS H 222 26.67 11.68 12.36
C LYS H 222 26.06 13.05 12.65
N SER H 223 26.90 14.00 13.06
CA SER H 223 26.45 15.35 13.36
C SER H 223 27.49 16.39 12.93
S SO4 I . -11.22 38.32 -11.13
O1 SO4 I . -12.60 37.98 -10.80
O2 SO4 I . -11.13 39.74 -11.47
O3 SO4 I . -10.36 38.05 -9.99
O4 SO4 I . -10.78 37.53 -12.27
C1 GOL J . -39.60 -4.84 -18.23
O1 GOL J . -39.43 -3.97 -17.12
C2 GOL J . -39.23 -4.09 -19.50
O2 GOL J . -39.13 -5.00 -20.57
C3 GOL J . -40.32 -3.06 -19.81
O3 GOL J . -39.97 -2.36 -20.98
C1 GOL K . -14.68 43.94 -5.57
O1 GOL K . -14.92 45.23 -6.09
C2 GOL K . -14.88 42.89 -6.65
O2 GOL K . -16.16 42.32 -6.51
C3 GOL K . -13.82 41.80 -6.51
O3 GOL K . -12.68 42.14 -7.27
C1 GOL L . -17.56 13.58 -13.79
O1 GOL L . -18.32 14.76 -13.95
C2 GOL L . -18.48 12.36 -13.91
O2 GOL L . -19.80 12.80 -14.13
C3 GOL L . -18.45 11.57 -12.61
O3 GOL L . -19.42 12.07 -11.72
C1 PEG M . -18.30 3.13 -5.76
O1 PEG M . -18.88 2.81 -4.48
C2 PEG M . -16.75 2.99 -5.68
O2 PEG M . -16.20 3.01 -7.00
C3 PEG M . -14.79 3.30 -7.04
C4 PEG M . -14.07 2.17 -7.85
O4 PEG M . -12.93 2.69 -8.49
C1 GOL N . -17.42 44.86 -3.58
O1 GOL N . -18.00 46.03 -3.06
C2 GOL N . -18.51 43.85 -3.92
O2 GOL N . -18.62 43.71 -5.31
C3 GOL N . -18.16 42.51 -3.27
O3 GOL N . -19.36 41.79 -3.00
S SO4 O . 5.43 48.40 -13.48
O1 SO4 O . 4.83 49.73 -13.54
O2 SO4 O . 6.42 48.35 -12.41
O3 SO4 O . 6.08 48.10 -14.75
O4 SO4 O . 4.39 47.41 -13.22
S SO4 P . 3.82 50.09 -18.93
O1 SO4 P . 3.49 51.32 -18.22
O2 SO4 P . 3.44 50.23 -20.33
O3 SO4 P . 3.10 48.97 -18.34
O4 SO4 P . 5.26 49.85 -18.84
S SO4 Q . -1.43 -33.84 -20.64
O1 SO4 Q . -2.42 -33.44 -19.64
O2 SO4 Q . -0.97 -32.66 -21.36
O3 SO4 Q . -0.30 -34.47 -19.97
O4 SO4 Q . -2.03 -34.79 -21.57
C1 GOL R . 19.65 10.85 -37.11
O1 GOL R . 20.73 10.86 -36.22
C2 GOL R . 19.97 9.96 -38.30
O2 GOL R . 21.01 9.07 -37.95
C3 GOL R . 18.73 9.15 -38.68
O3 GOL R . 17.63 10.01 -38.81
C1 GOL S . 22.04 -31.63 -11.00
O1 GOL S . 22.20 -30.51 -11.85
C2 GOL S . 20.69 -32.28 -11.28
O2 GOL S . 20.24 -31.91 -12.56
C3 GOL S . 20.82 -33.79 -11.20
O3 GOL S . 21.10 -34.18 -9.87
S SO4 T . -18.09 -42.50 -15.54
O1 SO4 T . -18.43 -41.74 -16.74
O2 SO4 T . -17.06 -41.79 -14.79
O3 SO4 T . -17.61 -43.82 -15.92
O4 SO4 T . -19.28 -42.64 -14.71
C1 GOL U . -15.30 -45.34 -14.18
O1 GOL U . -14.56 -44.91 -13.05
C2 GOL U . -14.83 -46.71 -14.62
O2 GOL U . -15.93 -47.47 -15.05
C3 GOL U . -14.15 -47.42 -13.45
O3 GOL U . -15.12 -47.72 -12.46
S SO4 V . -15.12 -5.83 -3.99
O1 SO4 V . -14.31 -4.62 -4.02
O2 SO4 V . -16.35 -5.56 -3.24
O3 SO4 V . -14.38 -6.89 -3.33
O4 SO4 V . -15.47 -6.22 -5.36
S SO4 W . -4.11 21.01 29.02
O1 SO4 W . -5.17 21.78 29.64
O2 SO4 W . -3.50 21.79 27.94
O3 SO4 W . -3.09 20.68 30.02
O4 SO4 W . -4.67 19.78 28.46
S SO4 X . -5.21 36.39 39.50
O1 SO4 X . -5.75 37.67 39.03
O2 SO4 X . -5.12 36.40 40.96
O3 SO4 X . -3.89 36.19 38.93
O4 SO4 X . -6.10 35.31 39.07
C1 GOL Y . -9.15 38.41 45.05
O1 GOL Y . -8.10 38.57 45.97
C2 GOL Y . -9.83 39.75 44.79
O2 GOL Y . -10.40 39.77 43.50
C3 GOL Y . -10.92 39.98 45.83
O3 GOL Y . -11.69 41.11 45.47
C1 GOL Z . -16.47 45.15 38.27
O1 GOL Z . -16.34 46.48 37.78
C2 GOL Z . -16.52 45.17 39.79
O2 GOL Z . -15.28 45.66 40.29
C3 GOL Z . -16.74 43.75 40.30
O3 GOL Z . -17.23 43.79 41.62
S SO4 AA . 20.33 -26.11 16.47
O1 SO4 AA . 20.10 -24.68 16.66
O2 SO4 AA . 19.17 -26.71 15.82
O3 SO4 AA . 20.56 -26.75 17.76
O4 SO4 AA . 21.51 -26.30 15.61
C1 GOL BA . 15.41 -37.68 21.88
O1 GOL BA . 14.98 -39.02 22.03
C2 GOL BA . 14.95 -36.85 23.07
O2 GOL BA . 14.73 -37.69 24.18
C3 GOL BA . 13.66 -36.14 22.71
O3 GOL BA . 13.78 -34.76 22.95
S SO4 CA . 26.76 -42.50 20.83
O1 SO4 CA . 25.80 -41.40 20.85
O2 SO4 CA . 27.92 -42.11 20.02
O3 SO4 CA . 27.19 -42.80 22.19
O4 SO4 CA . 26.15 -43.68 20.24
C1 GOL DA . 33.77 -47.17 18.90
O1 GOL DA . 34.60 -47.59 17.84
C2 GOL DA . 33.85 -48.20 20.02
O2 GOL DA . 34.81 -49.17 19.71
C3 GOL DA . 34.22 -47.49 21.33
O3 GOL DA . 33.19 -46.60 21.69
S SO4 EA . 49.95 -44.45 19.04
O1 SO4 EA . 49.12 -44.49 20.24
O2 SO4 EA . 50.12 -43.08 18.61
O3 SO4 EA . 51.25 -45.05 19.33
O4 SO4 EA . 49.29 -45.22 17.97
#